data_9GEN
#
_entry.id   9GEN
#
_cell.length_a   1.00
_cell.length_b   1.00
_cell.length_c   1.00
_cell.angle_alpha   90.00
_cell.angle_beta   90.00
_cell.angle_gamma   90.00
#
_symmetry.space_group_name_H-M   'P 1'
#
loop_
_entity.id
_entity.type
_entity.pdbx_description
1 polymer 'Histone H3.2'
2 polymer 'Histone H4'
3 polymer 'Histone H2A type 1'
4 polymer 'Histone H2B 1.1'
5 polymer 'Widom-601 DNA (145-MER)'
6 polymer 'Widom-601 DNA (145-MER)'
7 polymer 'Myeloperoxidase light chain'
8 non-polymer 2-acetamido-2-deoxy-beta-D-glucopyranose
#
loop_
_entity_poly.entity_id
_entity_poly.type
_entity_poly.pdbx_seq_one_letter_code
_entity_poly.pdbx_strand_id
1 'polypeptide(L)'
;KPHRYRPGTVALREIRRYQKSTELLIRKLPFQRLVREIAQDFKTDLRFQSSAVMALQEASEAYLVALFEDTNLCAIHAKR
VTIMPKDIQLARRIRGERA
;
A,E
2 'polypeptide(L)'
;KRHRKVLRDNIQGITKPAIRRLARRGGVKRISGLIYEETRGVLKVFLENVIRDAVTYTEHAKRKTVTAMDVVYALKRQGR
TLYGFGG
;
B,F
3 'polypeptide(L)'
;TRAKAKTRSSRAGLQFPVGRVHRLLRKGNYAERVGAGAPVYLAAVLEYLTAEILELAGNAARDNKKTRIIPRHLQLAVRN
DEELNKLLGRVTIAQGGVLPNIQSVLLPKKT
;
C,G
4 'polypeptide(L)'
;RRKTRKESYAIYVYKVLKQVHPDTGISSKAMSIMNSFVNDVFERIAGEASRLAHYNKRSTITSREIQTAVRLLLPGELAK
HAVSEGTKAVTKYTSA
;
D,H
5 'polydeoxyribonucleotide'
;(DA)(DT)(DC)(DG)(DG)(DA)(DT)(DG)(DT)(DA)(DT)(DA)(DT)(DA)(DT)(DC)(DT)(DG)(DA)(DC)
(DA)(DC)(DG)(DT)(DG)(DC)(DC)(DT)(DG)(DG)(DA)(DG)(DA)(DC)(DT)(DA)(DG)(DG)(DG)(DA)
(DG)(DT)(DA)(DA)(DT)(DC)(DC)(DC)(DC)(DT)(DT)(DG)(DG)(DC)(DG)(DG)(DT)(DT)(DA)(DA)
(DA)(DA)(DC)(DG)(DC)(DG)(DG)(DG)(DG)(DG)(DA)(DC)(DA)(DG)(DC)(DG)(DC)(DG)(DT)(DA)
(DC)(DG)(DT)(DG)(DC)(DG)(DT)(DT)(DT)(DA)(DA)(DG)(DC)(DG)(DG)(DT)(DG)(DC)(DT)(DA)
(DG)(DA)(DG)(DC)(DT)(DG)(DT)(DC)(DT)(DA)(DC)(DG)(DA)(DC)(DC)(DA)(DA)(DT)(DT)(DG)
(DA)(DG)(DC)(DG)(DG)(DC)(DC)(DT)(DC)(DG)(DG)(DC)(DA)(DC)(DC)(DG)(DG)(DG)(DA)(DT)
(DT)(DC)(DT)(DC)(DG)(DA)(DT)
;
I
6 'polydeoxyribonucleotide'
;(DA)(DT)(DC)(DG)(DA)(DG)(DA)(DA)(DT)(DC)(DC)(DC)(DG)(DG)(DT)(DG)(DC)(DC)(DG)(DA)
(DG)(DG)(DC)(DC)(DG)(DC)(DT)(DC)(DA)(DA)(DT)(DT)(DG)(DG)(DT)(DC)(DG)(DT)(DA)(DG)
(DA)(DC)(DA)(DG)(DC)(DT)(DC)(DT)(DA)(DG)(DC)(DA)(DC)(DC)(DG)(DC)(DT)(DT)(DA)(DA)
(DA)(DC)(DG)(DC)(DA)(DC)(DG)(DT)(DA)(DC)(DG)(DC)(DG)(DC)(DT)(DG)(DT)(DC)(DC)(DC)
(DC)(DC)(DG)(DC)(DG)(DT)(DT)(DT)(DT)(DA)(DA)(DC)(DC)(DG)(DC)(DC)(DA)(DA)(DG)(DG)
(DG)(DG)(DA)(DT)(DT)(DA)(DC)(DT)(DC)(DC)(DC)(DT)(DA)(DG)(DT)(DC)(DT)(DC)(DC)(DA)
(DG)(DG)(DC)(DA)(DC)(DG)(DT)(DG)(DT)(DC)(DA)(DG)(DA)(DT)(DA)(DT)(DA)(DT)(DA)(DC)
(DA)(DT)(DC)(DC)(DG)(DA)(DT)
;
J
7 'polypeptide(L)'
;CPEQDKYRTITGMCNNRRSPTLGASNRAFVRWLPAEYEDGFSLPYGWTPGVKRNGFPVALARAVSNEIVRFPTDQLTPDQ
ERSLMFMQWGQLLDHDLDFTPEPAARASFVTGVNCETSCVQQPPCFPLKIPPNDPRIKNQADCIPFFRSCPACPGSNITI
RNQINALTSFVDASMVYGSEEPLARNLRNMSNQLGLLAVNQRFQDNGRALLPFDNLHDDPCLLTNRSARIPCFLAGDTRS
SEMPELTSMHTLLLREHNRLATELKSLNPRWDGERLYQEARKIVGAMVQIITYRDYLPLVLGPTAMRKYLPTYRSYNDSV
DPRIANVFTNAFRYGHTLIQPFMFRLDNRYQPMEPNPRVPLSRVFFASWRVVLEGGIDPILRGLMATPAKLNRQNQIAVD
EIRERLFEQVMRIGLDLPALNMQRSRDHGLPGYNAWRRFCGLPQPETVGQLGTVLRNLKLARKLMEQYGTPNNIDIWMGG
VSEPLKRKGRVGPLLACIIGTQFRKLRDGDRFWWENEGVFSMQQRQALAQISLPRIICDNTGITTVSKNNIFMSNSYPRD
FVNCSTLPALNLASWRE
;
L
#
# COMPACT_ATOMS: atom_id res chain seq x y z
N PRO A 2 -3.58 17.95 -53.93
CA PRO A 2 -2.76 17.09 -53.07
C PRO A 2 -3.50 16.69 -51.80
N HIS A 3 -2.81 15.94 -50.92
CA HIS A 3 -3.38 15.51 -49.65
C HIS A 3 -3.07 16.55 -48.58
N ARG A 4 -4.10 17.22 -48.09
CA ARG A 4 -3.97 18.24 -47.06
C ARG A 4 -4.78 17.80 -45.85
N TYR A 5 -4.10 17.39 -44.78
CA TYR A 5 -4.75 16.98 -43.55
C TYR A 5 -5.46 18.19 -42.94
N ARG A 6 -6.66 17.97 -42.41
CA ARG A 6 -7.39 19.04 -41.77
C ARG A 6 -6.66 19.48 -40.50
N PRO A 7 -6.76 20.76 -40.15
CA PRO A 7 -6.06 21.25 -38.94
C PRO A 7 -6.51 20.50 -37.70
N GLY A 8 -5.56 20.23 -36.82
CA GLY A 8 -5.79 19.49 -35.59
C GLY A 8 -5.62 17.99 -35.73
N THR A 9 -5.28 17.52 -36.93
CA THR A 9 -5.08 16.10 -37.17
C THR A 9 -3.64 15.64 -36.98
N VAL A 10 -2.69 16.25 -37.70
CA VAL A 10 -1.30 15.85 -37.54
C VAL A 10 -0.78 16.27 -36.17
N ALA A 11 -1.44 17.23 -35.52
CA ALA A 11 -1.08 17.58 -34.16
C ALA A 11 -1.30 16.41 -33.22
N LEU A 12 -2.42 15.71 -33.38
CA LEU A 12 -2.68 14.53 -32.55
C LEU A 12 -1.67 13.43 -32.83
N ARG A 13 -1.30 13.24 -34.10
CA ARG A 13 -0.30 12.24 -34.45
C ARG A 13 1.04 12.57 -33.83
N GLU A 14 1.43 13.85 -33.86
CA GLU A 14 2.67 14.25 -33.20
C GLU A 14 2.59 14.05 -31.70
N ILE A 15 1.43 14.33 -31.10
CA ILE A 15 1.26 14.11 -29.66
C ILE A 15 1.46 12.63 -29.34
N ARG A 16 0.83 11.75 -30.11
CA ARG A 16 0.94 10.32 -29.86
C ARG A 16 2.36 9.83 -30.06
N ARG A 17 3.05 10.36 -31.08
CA ARG A 17 4.43 9.93 -31.34
C ARG A 17 5.38 10.40 -30.25
N TYR A 18 5.23 11.65 -29.81
CA TYR A 18 6.15 12.21 -28.82
C TYR A 18 5.86 11.73 -27.40
N GLN A 19 4.63 11.29 -27.12
CA GLN A 19 4.36 10.70 -25.82
C GLN A 19 4.81 9.26 -25.71
N LYS A 20 5.20 8.64 -26.82
CA LYS A 20 5.68 7.26 -26.82
C LYS A 20 7.19 7.16 -26.73
N SER A 21 7.91 8.16 -27.23
CA SER A 21 9.36 8.16 -27.21
C SER A 21 9.89 8.84 -25.97
N THR A 22 11.19 8.69 -25.73
CA THR A 22 11.84 9.24 -24.54
C THR A 22 13.06 10.09 -24.89
N GLU A 23 13.12 10.62 -26.12
CA GLU A 23 14.27 11.42 -26.53
C GLU A 23 14.25 12.78 -25.84
N LEU A 24 15.23 13.61 -26.18
CA LEU A 24 15.34 14.96 -25.66
C LEU A 24 14.85 15.93 -26.73
N LEU A 25 13.90 16.79 -26.36
CA LEU A 25 13.24 17.65 -27.34
C LEU A 25 13.98 18.97 -27.55
N ILE A 26 14.74 19.44 -26.57
CA ILE A 26 15.52 20.67 -26.69
C ILE A 26 16.91 20.32 -27.19
N ARG A 27 17.37 21.04 -28.21
CA ARG A 27 18.67 20.75 -28.80
C ARG A 27 19.78 20.96 -27.77
N LYS A 28 20.76 20.05 -27.79
CA LYS A 28 21.76 19.98 -26.73
C LYS A 28 22.66 21.22 -26.72
N LEU A 29 23.21 21.60 -27.87
CA LEU A 29 24.16 22.71 -27.91
C LEU A 29 23.54 24.05 -27.52
N PRO A 30 22.37 24.45 -28.05
CA PRO A 30 21.77 25.71 -27.57
C PRO A 30 21.48 25.72 -26.09
N PHE A 31 21.01 24.59 -25.54
CA PHE A 31 20.74 24.55 -24.11
C PHE A 31 22.03 24.65 -23.29
N GLN A 32 23.10 24.00 -23.75
CA GLN A 32 24.37 24.12 -23.05
C GLN A 32 24.88 25.56 -23.09
N ARG A 33 24.77 26.21 -24.24
CA ARG A 33 25.20 27.60 -24.34
C ARG A 33 24.37 28.51 -23.44
N LEU A 34 23.05 28.27 -23.38
CA LEU A 34 22.20 29.06 -22.50
C LEU A 34 22.57 28.84 -21.04
N VAL A 35 22.86 27.60 -20.66
CA VAL A 35 23.26 27.32 -19.28
C VAL A 35 24.56 28.04 -18.94
N ARG A 36 25.52 28.01 -19.88
CA ARG A 36 26.78 28.72 -19.65
C ARG A 36 26.55 30.22 -19.51
N GLU A 37 25.69 30.80 -20.36
CA GLU A 37 25.40 32.22 -20.27
C GLU A 37 24.76 32.57 -18.93
N ILE A 38 23.81 31.75 -18.49
CA ILE A 38 23.14 32.01 -17.22
C ILE A 38 24.12 31.92 -16.06
N ALA A 39 24.98 30.89 -16.07
CA ALA A 39 25.97 30.76 -15.00
C ALA A 39 27.05 31.83 -15.07
N GLN A 40 27.22 32.49 -16.22
CA GLN A 40 28.21 33.55 -16.32
C GLN A 40 27.93 34.70 -15.37
N ASP A 41 26.66 34.91 -15.02
CA ASP A 41 26.30 36.02 -14.14
C ASP A 41 26.64 35.78 -12.68
N PHE A 42 26.99 34.55 -12.31
CA PHE A 42 27.26 34.21 -10.92
C PHE A 42 28.76 34.04 -10.63
N LYS A 43 29.50 33.40 -11.52
CA LYS A 43 30.94 33.29 -11.38
C LYS A 43 31.57 33.26 -12.76
N THR A 44 32.66 34.00 -12.92
CA THR A 44 33.38 34.03 -14.18
C THR A 44 34.26 32.80 -14.31
N ASP A 45 34.41 32.32 -15.55
CA ASP A 45 35.25 31.17 -15.88
C ASP A 45 34.81 29.92 -15.11
N LEU A 46 33.58 29.49 -15.39
CA LEU A 46 33.00 28.30 -14.78
C LEU A 46 32.96 27.19 -15.82
N ARG A 47 33.45 26.01 -15.43
CA ARG A 47 33.48 24.84 -16.30
C ARG A 47 32.39 23.87 -15.88
N PHE A 48 31.62 23.40 -16.84
CA PHE A 48 30.48 22.52 -16.59
C PHE A 48 30.79 21.12 -17.10
N GLN A 49 30.55 20.12 -16.25
CA GLN A 49 30.59 18.74 -16.70
C GLN A 49 29.44 18.45 -17.64
N SER A 50 29.68 17.57 -18.61
CA SER A 50 28.64 17.21 -19.57
C SER A 50 27.45 16.55 -18.88
N SER A 51 27.73 15.73 -17.86
CA SER A 51 26.65 15.12 -17.10
C SER A 51 25.80 16.17 -16.40
N ALA A 52 26.42 17.23 -15.90
CA ALA A 52 25.66 18.31 -15.26
C ALA A 52 24.73 18.98 -16.26
N VAL A 53 25.21 19.25 -17.47
CA VAL A 53 24.37 19.87 -18.49
C VAL A 53 23.23 18.93 -18.87
N MET A 54 23.52 17.64 -18.99
CA MET A 54 22.46 16.68 -19.32
C MET A 54 21.40 16.63 -18.22
N ALA A 55 21.82 16.62 -16.96
CA ALA A 55 20.87 16.60 -15.86
C ALA A 55 20.03 17.87 -15.84
N LEU A 56 20.66 19.02 -16.09
CA LEU A 56 19.93 20.27 -16.18
C LEU A 56 18.89 20.21 -17.30
N GLN A 57 19.26 19.67 -18.45
CA GLN A 57 18.34 19.56 -19.56
C GLN A 57 17.15 18.66 -19.21
N GLU A 58 17.42 17.53 -18.57
CA GLU A 58 16.33 16.63 -18.18
C GLU A 58 15.40 17.28 -17.18
N ALA A 59 15.95 17.97 -16.19
CA ALA A 59 15.11 18.64 -15.20
C ALA A 59 14.27 19.74 -15.84
N SER A 60 14.87 20.54 -16.72
CA SER A 60 14.13 21.59 -17.40
C SER A 60 13.02 21.02 -18.27
N GLU A 61 13.31 19.93 -19.00
CA GLU A 61 12.29 19.32 -19.83
C GLU A 61 11.14 18.78 -18.99
N ALA A 62 11.44 18.13 -17.87
CA ALA A 62 10.37 17.61 -17.02
C ALA A 62 9.53 18.74 -16.45
N TYR A 63 10.17 19.80 -15.96
CA TYR A 63 9.42 20.92 -15.41
C TYR A 63 8.54 21.58 -16.47
N LEU A 64 9.07 21.77 -17.67
CA LEU A 64 8.29 22.40 -18.73
C LEU A 64 7.13 21.50 -19.15
N VAL A 65 7.35 20.18 -19.19
CA VAL A 65 6.26 19.27 -19.56
C VAL A 65 5.16 19.32 -18.52
N ALA A 66 5.51 19.31 -17.23
CA ALA A 66 4.50 19.40 -16.18
C ALA A 66 3.74 20.72 -16.26
N LEU A 67 4.46 21.82 -16.48
CA LEU A 67 3.80 23.12 -16.61
C LEU A 67 2.85 23.14 -17.80
N PHE A 68 3.27 22.55 -18.92
CA PHE A 68 2.40 22.51 -20.09
C PHE A 68 1.17 21.64 -19.85
N GLU A 69 1.33 20.54 -19.12
CA GLU A 69 0.17 19.71 -18.77
C GLU A 69 -0.82 20.50 -17.93
N ASP A 70 -0.33 21.21 -16.90
CA ASP A 70 -1.23 21.99 -16.06
C ASP A 70 -1.88 23.13 -16.85
N THR A 71 -1.13 23.76 -17.74
CA THR A 71 -1.69 24.82 -18.57
C THR A 71 -2.76 24.29 -19.52
N ASN A 72 -2.53 23.11 -20.09
CA ASN A 72 -3.56 22.50 -20.94
C ASN A 72 -4.81 22.17 -20.14
N LEU A 73 -4.64 21.71 -18.90
CA LEU A 73 -5.79 21.47 -18.04
C LEU A 73 -6.56 22.76 -17.78
N CYS A 74 -5.84 23.86 -17.51
CA CYS A 74 -6.52 25.13 -17.31
C CYS A 74 -7.26 25.58 -18.57
N ALA A 75 -6.62 25.43 -19.73
CA ALA A 75 -7.25 25.85 -20.98
C ALA A 75 -8.50 25.03 -21.27
N ILE A 76 -8.45 23.71 -21.03
CA ILE A 76 -9.62 22.88 -21.27
C ILE A 76 -10.69 23.18 -20.22
N HIS A 77 -10.29 23.66 -19.05
CA HIS A 77 -11.27 24.14 -18.07
C HIS A 77 -11.97 25.40 -18.57
N ALA A 78 -11.23 26.27 -19.25
CA ALA A 78 -11.76 27.55 -19.72
C ALA A 78 -12.57 27.42 -21.01
N LYS A 79 -13.03 26.20 -21.32
CA LYS A 79 -13.81 25.93 -22.53
C LYS A 79 -13.04 26.32 -23.78
N ARG A 80 -11.74 26.03 -23.78
CA ARG A 80 -10.87 26.33 -24.90
C ARG A 80 -9.95 25.16 -25.16
N VAL A 81 -9.48 25.05 -26.40
CA VAL A 81 -8.50 24.03 -26.78
C VAL A 81 -7.16 24.63 -27.14
N THR A 82 -7.05 25.95 -27.18
CA THR A 82 -5.80 26.64 -27.49
C THR A 82 -5.21 27.22 -26.21
N ILE A 83 -3.95 26.89 -25.95
CA ILE A 83 -3.27 27.39 -24.75
C ILE A 83 -2.84 28.84 -24.98
N MET A 84 -3.08 29.68 -23.99
CA MET A 84 -2.74 31.09 -24.04
C MET A 84 -1.85 31.44 -22.85
N PRO A 85 -1.06 32.52 -22.96
CA PRO A 85 -0.12 32.84 -21.87
C PRO A 85 -0.77 33.05 -20.52
N LYS A 86 -2.00 33.58 -20.49
CA LYS A 86 -2.68 33.77 -19.21
C LYS A 86 -2.93 32.44 -18.51
N ASP A 87 -3.15 31.37 -19.29
CA ASP A 87 -3.28 30.05 -18.68
C ASP A 87 -1.97 29.61 -18.02
N ILE A 88 -0.84 29.87 -18.68
CA ILE A 88 0.45 29.56 -18.08
C ILE A 88 0.65 30.34 -16.80
N GLN A 89 0.33 31.63 -16.82
CA GLN A 89 0.47 32.46 -15.63
C GLN A 89 -0.41 31.96 -14.49
N LEU A 90 -1.65 31.60 -14.80
CA LEU A 90 -2.55 31.09 -13.76
C LEU A 90 -2.06 29.77 -13.20
N ALA A 91 -1.56 28.87 -14.06
CA ALA A 91 -1.04 27.60 -13.57
C ALA A 91 0.17 27.80 -12.66
N ARG A 92 1.08 28.71 -13.05
CA ARG A 92 2.23 29.01 -12.20
C ARG A 92 1.80 29.61 -10.87
N ARG A 93 0.81 30.51 -10.90
CA ARG A 93 0.35 31.13 -9.67
C ARG A 93 -0.29 30.11 -8.74
N ILE A 94 -1.07 29.19 -9.30
CA ILE A 94 -1.75 28.20 -8.48
C ILE A 94 -0.74 27.20 -7.91
N ARG A 95 0.24 26.78 -8.71
CA ARG A 95 1.21 25.81 -8.24
C ARG A 95 2.02 26.35 -7.07
N GLY A 96 2.16 27.67 -6.98
CA GLY A 96 2.87 28.29 -5.89
C GLY A 96 4.25 28.82 -6.21
N GLU A 97 4.54 29.17 -7.47
CA GLU A 97 5.85 29.68 -7.85
C GLU A 97 5.91 31.20 -7.79
N ARG A 98 4.94 31.88 -8.41
CA ARG A 98 4.90 33.33 -8.40
C ARG A 98 4.13 33.90 -7.22
N ALA A 99 3.47 33.06 -6.44
CA ALA A 99 2.72 33.52 -5.27
C ALA A 99 3.65 33.95 -4.15
N ARG B 8 24.94 38.62 -25.07
CA ARG B 8 24.58 37.49 -25.91
C ARG B 8 23.12 37.09 -25.72
N ASP B 9 22.30 37.35 -26.74
CA ASP B 9 20.88 36.97 -26.71
C ASP B 9 20.74 35.51 -27.13
N ASN B 10 21.16 34.63 -26.22
CA ASN B 10 21.15 33.19 -26.46
C ASN B 10 19.88 32.52 -25.98
N ILE B 11 18.94 33.25 -25.38
CA ILE B 11 17.68 32.67 -24.97
C ILE B 11 16.89 32.18 -26.17
N GLN B 12 17.16 32.73 -27.36
CA GLN B 12 16.53 32.26 -28.59
C GLN B 12 17.04 30.90 -29.02
N GLY B 13 18.02 30.33 -28.30
CA GLY B 13 18.49 28.99 -28.64
C GLY B 13 17.39 27.96 -28.57
N ILE B 14 16.49 28.10 -27.58
CA ILE B 14 15.30 27.26 -27.52
C ILE B 14 14.34 27.77 -28.58
N THR B 15 14.30 27.08 -29.72
CA THR B 15 13.53 27.55 -30.86
C THR B 15 12.04 27.32 -30.64
N LYS B 16 11.24 27.99 -31.47
CA LYS B 16 9.79 27.80 -31.42
C LYS B 16 9.38 26.35 -31.68
N PRO B 17 9.93 25.63 -32.66
CA PRO B 17 9.59 24.21 -32.79
C PRO B 17 9.98 23.38 -31.57
N ALA B 18 11.01 23.77 -30.82
CA ALA B 18 11.36 23.04 -29.61
C ALA B 18 10.26 23.16 -28.56
N ILE B 19 9.76 24.38 -28.35
CA ILE B 19 8.66 24.57 -27.40
C ILE B 19 7.41 23.88 -27.92
N ARG B 20 7.20 23.88 -29.23
CA ARG B 20 6.07 23.17 -29.82
C ARG B 20 6.16 21.67 -29.53
N ARG B 21 7.35 21.10 -29.68
CA ARG B 21 7.55 19.69 -29.39
C ARG B 21 7.33 19.39 -27.92
N LEU B 22 7.81 20.27 -27.03
CA LEU B 22 7.58 20.08 -25.61
C LEU B 22 6.09 20.11 -25.28
N ALA B 23 5.35 21.05 -25.87
CA ALA B 23 3.91 21.11 -25.66
C ALA B 23 3.22 19.86 -26.19
N ARG B 24 3.63 19.38 -27.36
CA ARG B 24 3.04 18.16 -27.91
C ARG B 24 3.31 16.97 -27.02
N ARG B 25 4.51 16.89 -26.43
CA ARG B 25 4.78 15.86 -25.44
C ARG B 25 3.86 16.02 -24.24
N GLY B 26 3.62 17.26 -23.80
CA GLY B 26 2.71 17.51 -22.71
C GLY B 26 1.25 17.24 -23.02
N GLY B 27 0.88 17.16 -24.29
CA GLY B 27 -0.49 16.86 -24.65
C GLY B 27 -1.29 18.10 -25.00
N VAL B 28 -0.72 18.98 -25.84
CA VAL B 28 -1.37 20.22 -26.24
C VAL B 28 -1.70 20.14 -27.73
N LYS B 29 -2.96 20.41 -28.07
CA LYS B 29 -3.41 20.31 -29.45
C LYS B 29 -3.18 21.60 -30.22
N ARG B 30 -3.51 22.75 -29.64
CA ARG B 30 -3.37 24.04 -30.31
C ARG B 30 -2.59 24.98 -29.42
N ILE B 31 -1.53 25.59 -29.96
CA ILE B 31 -0.63 26.46 -29.22
C ILE B 31 -0.70 27.85 -29.85
N SER B 32 -0.91 28.86 -29.00
CA SER B 32 -1.02 30.23 -29.51
C SER B 32 0.34 30.75 -29.95
N GLY B 33 0.34 32.00 -30.43
CA GLY B 33 1.56 32.62 -30.92
C GLY B 33 2.33 33.41 -29.88
N LEU B 34 1.69 33.76 -28.77
CA LEU B 34 2.33 34.54 -27.71
C LEU B 34 2.84 33.68 -26.56
N ILE B 35 2.78 32.36 -26.70
CA ILE B 35 3.19 31.48 -25.61
C ILE B 35 4.70 31.36 -25.53
N TYR B 36 5.40 31.51 -26.66
CA TYR B 36 6.83 31.20 -26.69
C TYR B 36 7.63 32.13 -25.80
N GLU B 37 7.27 33.42 -25.78
CA GLU B 37 7.97 34.37 -24.91
C GLU B 37 7.81 33.98 -23.45
N GLU B 38 6.58 33.63 -23.04
CA GLU B 38 6.34 33.24 -21.67
C GLU B 38 7.08 31.95 -21.31
N THR B 39 7.11 30.99 -22.24
CA THR B 39 7.82 29.74 -21.98
C THR B 39 9.31 29.99 -21.83
N ARG B 40 9.88 30.85 -22.68
CA ARG B 40 11.29 31.19 -22.55
C ARG B 40 11.57 31.88 -21.23
N GLY B 41 10.69 32.78 -20.81
CA GLY B 41 10.87 33.44 -19.52
C GLY B 41 10.81 32.47 -18.35
N VAL B 42 9.86 31.54 -18.39
CA VAL B 42 9.73 30.56 -17.32
C VAL B 42 10.96 29.66 -17.27
N LEU B 43 11.42 29.21 -18.45
CA LEU B 43 12.62 28.37 -18.48
C LEU B 43 13.83 29.13 -17.96
N LYS B 44 13.94 30.41 -18.31
CA LYS B 44 15.05 31.22 -17.81
C LYS B 44 15.00 31.35 -16.30
N VAL B 45 13.80 31.57 -15.74
CA VAL B 45 13.69 31.72 -14.29
C VAL B 45 14.06 30.42 -13.58
N PHE B 46 13.53 29.29 -14.07
CA PHE B 46 13.83 28.01 -13.45
C PHE B 46 15.32 27.68 -13.54
N LEU B 47 15.92 27.92 -14.71
CA LEU B 47 17.34 27.66 -14.88
C LEU B 47 18.17 28.59 -13.99
N GLU B 48 17.74 29.84 -13.84
CA GLU B 48 18.46 30.77 -12.97
C GLU B 48 18.45 30.26 -11.53
N ASN B 49 17.29 29.82 -11.05
CA ASN B 49 17.21 29.33 -9.67
C ASN B 49 18.09 28.10 -9.47
N VAL B 50 17.94 27.10 -10.36
CA VAL B 50 18.69 25.85 -10.19
C VAL B 50 20.19 26.10 -10.33
N ILE B 51 20.58 26.95 -11.29
CA ILE B 51 21.98 27.24 -11.51
C ILE B 51 22.56 28.00 -10.33
N ARG B 52 21.78 28.93 -9.74
CA ARG B 52 22.26 29.64 -8.56
C ARG B 52 22.52 28.67 -7.41
N ASP B 53 21.58 27.75 -7.18
CA ASP B 53 21.79 26.78 -6.10
C ASP B 53 23.00 25.90 -6.35
N ALA B 54 23.14 25.39 -7.58
CA ALA B 54 24.27 24.51 -7.90
C ALA B 54 25.59 25.27 -7.82
N VAL B 55 25.61 26.52 -8.29
CA VAL B 55 26.84 27.30 -8.26
C VAL B 55 27.23 27.62 -6.82
N THR B 56 26.26 27.89 -5.96
CA THR B 56 26.60 28.08 -4.54
C THR B 56 27.16 26.80 -3.93
N TYR B 57 26.54 25.66 -4.24
CA TYR B 57 27.05 24.38 -3.73
C TYR B 57 28.49 24.14 -4.18
N THR B 58 28.78 24.44 -5.46
CA THR B 58 30.15 24.32 -5.95
C THR B 58 31.06 25.34 -5.29
N GLU B 59 30.54 26.54 -5.01
CA GLU B 59 31.34 27.60 -4.39
C GLU B 59 31.83 27.16 -3.02
N HIS B 60 30.98 26.48 -2.24
CA HIS B 60 31.43 26.06 -0.92
C HIS B 60 32.61 25.08 -1.01
N ALA B 61 32.55 24.15 -1.97
CA ALA B 61 33.55 23.08 -2.06
C ALA B 61 34.87 23.52 -2.68
N LYS B 62 35.05 24.82 -2.91
CA LYS B 62 36.29 25.36 -3.46
C LYS B 62 36.65 24.71 -4.79
N ARG B 63 35.64 24.50 -5.63
CA ARG B 63 35.82 23.89 -6.94
C ARG B 63 35.43 24.88 -8.04
N LYS B 64 36.10 24.77 -9.18
CA LYS B 64 35.77 25.59 -10.35
C LYS B 64 34.95 24.82 -11.38
N THR B 65 34.57 23.58 -11.10
CA THR B 65 33.80 22.76 -12.02
C THR B 65 32.50 22.35 -11.36
N VAL B 66 31.38 22.61 -12.04
CA VAL B 66 30.06 22.25 -11.52
C VAL B 66 29.74 20.84 -12.01
N THR B 67 29.84 19.86 -11.10
CA THR B 67 29.55 18.48 -11.44
C THR B 67 28.04 18.23 -11.44
N ALA B 68 27.65 17.09 -12.04
CA ALA B 68 26.24 16.72 -12.06
C ALA B 68 25.70 16.47 -10.66
N MET B 69 26.57 16.07 -9.73
CA MET B 69 26.14 15.82 -8.37
C MET B 69 25.63 17.09 -7.71
N ASP B 70 26.29 18.23 -7.95
CA ASP B 70 25.82 19.49 -7.40
C ASP B 70 24.45 19.86 -7.95
N VAL B 71 24.23 19.67 -9.25
CA VAL B 71 22.93 19.97 -9.84
C VAL B 71 21.86 19.06 -9.26
N VAL B 72 22.17 17.78 -9.07
CA VAL B 72 21.21 16.85 -8.47
C VAL B 72 20.86 17.27 -7.05
N TYR B 73 21.86 17.67 -6.27
CA TYR B 73 21.59 18.12 -4.91
C TYR B 73 20.76 19.39 -4.88
N ALA B 74 21.04 20.32 -5.80
CA ALA B 74 20.25 21.54 -5.88
C ALA B 74 18.79 21.23 -6.24
N LEU B 75 18.58 20.33 -7.19
CA LEU B 75 17.22 19.93 -7.55
C LEU B 75 16.52 19.25 -6.38
N LYS B 76 17.24 18.40 -5.65
CA LYS B 76 16.64 17.75 -4.48
C LYS B 76 16.25 18.76 -3.42
N ARG B 77 17.11 19.76 -3.17
CA ARG B 77 16.77 20.81 -2.23
C ARG B 77 15.56 21.62 -2.69
N GLN B 78 15.46 21.90 -4.00
CA GLN B 78 14.35 22.68 -4.53
C GLN B 78 13.03 21.93 -4.49
N GLY B 79 13.03 20.63 -4.21
CA GLY B 79 11.81 19.85 -4.21
C GLY B 79 11.53 19.12 -5.50
N ARG B 80 12.51 19.01 -6.39
CA ARG B 80 12.37 18.36 -7.69
C ARG B 80 13.46 17.30 -7.86
N THR B 81 13.58 16.43 -6.85
CA THR B 81 14.62 15.41 -6.82
C THR B 81 14.69 14.66 -8.14
N LEU B 82 15.89 14.56 -8.69
CA LEU B 82 16.13 13.95 -10.00
C LEU B 82 16.93 12.66 -9.83
N TYR B 83 16.42 11.58 -10.39
CA TYR B 83 17.07 10.28 -10.36
C TYR B 83 17.86 10.07 -11.63
N GLY B 84 18.81 9.13 -11.57
CA GLY B 84 19.59 8.76 -12.73
C GLY B 84 20.97 9.39 -12.83
N PHE B 85 21.41 10.12 -11.82
CA PHE B 85 22.73 10.73 -11.85
C PHE B 85 23.49 10.60 -10.53
N GLY B 86 22.90 9.99 -9.51
CA GLY B 86 23.58 9.81 -8.24
C GLY B 86 22.81 10.40 -7.07
N ARG C 2 40.89 32.93 38.82
CA ARG C 2 40.01 32.99 37.66
C ARG C 2 39.79 34.43 37.21
N ALA C 3 38.66 34.68 36.58
CA ALA C 3 38.31 36.01 36.10
C ALA C 3 36.80 36.10 35.99
N LYS C 4 36.31 37.33 35.86
CA LYS C 4 34.87 37.55 35.73
C LYS C 4 34.33 36.83 34.49
N ALA C 5 33.22 36.13 34.66
CA ALA C 5 32.63 35.35 33.57
C ALA C 5 31.75 36.24 32.72
N LYS C 6 32.04 36.28 31.42
CA LYS C 6 31.26 37.05 30.45
C LYS C 6 30.66 36.09 29.44
N THR C 7 29.36 36.23 29.20
CA THR C 7 28.68 35.37 28.23
C THR C 7 29.26 35.59 26.84
N ARG C 8 29.34 34.51 26.06
CA ARG C 8 29.89 34.59 24.72
C ARG C 8 29.05 35.48 23.81
N SER C 9 27.77 35.68 24.13
CA SER C 9 26.95 36.61 23.37
C SER C 9 27.39 38.05 23.57
N SER C 10 28.02 38.36 24.70
CA SER C 10 28.52 39.70 24.95
C SER C 10 29.76 40.03 24.14
N ARG C 11 30.65 39.05 23.96
CA ARG C 11 31.85 39.28 23.17
C ARG C 11 31.50 39.57 21.71
N ALA C 12 30.52 38.86 21.16
CA ALA C 12 30.11 39.05 19.77
C ALA C 12 29.14 40.19 19.59
N GLY C 13 28.72 40.85 20.66
CA GLY C 13 27.75 41.93 20.55
C GLY C 13 26.40 41.47 20.04
N LEU C 14 25.94 40.30 20.49
CA LEU C 14 24.68 39.73 20.04
C LEU C 14 23.74 39.58 21.22
N GLN C 15 22.45 39.84 20.97
CA GLN C 15 21.42 39.67 21.99
C GLN C 15 20.88 38.25 22.06
N PHE C 16 21.24 37.38 21.11
CA PHE C 16 20.82 36.00 21.09
C PHE C 16 21.84 35.12 21.80
N PRO C 17 21.41 33.99 22.39
CA PRO C 17 22.34 33.17 23.18
C PRO C 17 23.29 32.38 22.29
N VAL C 18 24.59 32.67 22.42
CA VAL C 18 25.59 31.89 21.70
C VAL C 18 25.70 30.49 22.30
N GLY C 19 25.75 30.39 23.62
CA GLY C 19 25.95 29.09 24.26
C GLY C 19 24.79 28.15 24.03
N ARG C 20 23.56 28.64 24.12
CA ARG C 20 22.40 27.79 23.88
C ARG C 20 22.38 27.29 22.44
N VAL C 21 22.70 28.16 21.48
CA VAL C 21 22.75 27.75 20.09
C VAL C 21 23.84 26.70 19.89
N HIS C 22 25.00 26.90 20.53
CA HIS C 22 26.08 25.92 20.40
C HIS C 22 25.67 24.57 20.97
N ARG C 23 25.03 24.56 22.14
CA ARG C 23 24.59 23.30 22.74
C ARG C 23 23.54 22.61 21.87
N LEU C 24 22.60 23.38 21.32
CA LEU C 24 21.59 22.79 20.45
C LEU C 24 22.22 22.21 19.19
N LEU C 25 23.18 22.91 18.60
CA LEU C 25 23.86 22.40 17.43
C LEU C 25 24.63 21.12 17.74
N ARG C 26 25.30 21.08 18.89
CA ARG C 26 26.10 19.91 19.24
C ARG C 26 25.23 18.70 19.56
N LYS C 27 24.11 18.91 20.25
CA LYS C 27 23.27 17.81 20.73
C LYS C 27 22.09 17.55 19.80
N GLY C 28 22.01 18.22 18.67
CA GLY C 28 20.92 17.99 17.74
C GLY C 28 21.24 16.93 16.70
N ASN C 29 22.39 16.27 16.86
CA ASN C 29 22.87 15.25 15.93
C ASN C 29 22.97 15.80 14.51
N TYR C 30 23.44 17.05 14.41
CA TYR C 30 23.66 17.67 13.11
C TYR C 30 25.03 17.29 12.54
N ALA C 31 26.07 17.33 13.35
CA ALA C 31 27.40 16.92 12.91
C ALA C 31 28.17 16.42 14.11
N GLU C 32 29.20 15.62 13.84
CA GLU C 32 30.01 15.06 14.93
C GLU C 32 30.73 16.16 15.70
N ARG C 33 31.29 17.14 14.99
CA ARG C 33 32.00 18.25 15.62
C ARG C 33 31.48 19.57 15.07
N VAL C 34 31.33 20.55 15.96
CA VAL C 34 30.83 21.88 15.60
C VAL C 34 31.92 22.89 15.89
N GLY C 35 32.21 23.74 14.91
CA GLY C 35 33.25 24.73 15.09
C GLY C 35 32.85 25.81 16.07
N ALA C 36 33.83 26.66 16.41
CA ALA C 36 33.58 27.72 17.39
C ALA C 36 32.79 28.88 16.79
N GLY C 37 33.06 29.22 15.52
CA GLY C 37 32.40 30.36 14.91
C GLY C 37 31.00 30.09 14.39
N ALA C 38 30.66 28.82 14.16
CA ALA C 38 29.34 28.48 13.64
C ALA C 38 28.22 28.89 14.58
N PRO C 39 28.27 28.62 15.89
CA PRO C 39 27.18 29.09 16.77
C PRO C 39 27.03 30.60 16.78
N VAL C 40 28.14 31.33 16.72
CA VAL C 40 28.04 32.80 16.73
C VAL C 40 27.43 33.30 15.43
N TYR C 41 27.83 32.70 14.30
CA TYR C 41 27.24 33.06 13.02
C TYR C 41 25.74 32.77 13.02
N LEU C 42 25.35 31.61 13.56
CA LEU C 42 23.94 31.27 13.64
C LEU C 42 23.17 32.23 14.53
N ALA C 43 23.75 32.61 15.67
CA ALA C 43 23.09 33.56 16.55
C ALA C 43 22.92 34.91 15.87
N ALA C 44 23.94 35.37 15.14
CA ALA C 44 23.83 36.63 14.43
C ALA C 44 22.74 36.57 13.37
N VAL C 45 22.68 35.47 12.61
CA VAL C 45 21.67 35.35 11.56
C VAL C 45 20.27 35.34 12.17
N LEU C 46 20.10 34.57 13.24
CA LEU C 46 18.79 34.51 13.90
C LEU C 46 18.40 35.87 14.46
N GLU C 47 19.34 36.58 15.08
CA GLU C 47 19.05 37.89 15.62
C GLU C 47 18.65 38.87 14.53
N TYR C 48 19.36 38.84 13.39
CA TYR C 48 19.00 39.76 12.30
C TYR C 48 17.62 39.44 11.74
N LEU C 49 17.32 38.16 11.53
CA LEU C 49 16.00 37.80 11.01
C LEU C 49 14.90 38.20 11.97
N THR C 50 15.08 37.91 13.26
CA THR C 50 14.08 38.27 14.26
C THR C 50 13.92 39.79 14.33
N ALA C 51 15.02 40.53 14.28
CA ALA C 51 14.94 41.99 14.32
C ALA C 51 14.16 42.52 13.12
N GLU C 52 14.41 41.96 11.93
CA GLU C 52 13.69 42.44 10.75
C GLU C 52 12.20 42.18 10.87
N ILE C 53 11.82 40.94 11.19
CA ILE C 53 10.38 40.62 11.24
C ILE C 53 9.71 41.40 12.36
N LEU C 54 10.40 41.57 13.48
CA LEU C 54 9.80 42.28 14.60
C LEU C 54 9.69 43.77 14.33
N GLU C 55 10.65 44.34 13.61
CA GLU C 55 10.54 45.74 13.21
C GLU C 55 9.36 45.95 12.27
N LEU C 56 9.18 45.04 11.31
CA LEU C 56 8.03 45.15 10.43
C LEU C 56 6.72 45.00 11.21
N ALA C 57 6.68 44.07 12.17
CA ALA C 57 5.48 43.88 12.98
C ALA C 57 5.20 45.12 13.83
N GLY C 58 6.24 45.74 14.39
CA GLY C 58 6.04 46.95 15.15
C GLY C 58 5.55 48.10 14.30
N ASN C 59 6.06 48.22 13.08
CA ASN C 59 5.56 49.23 12.16
C ASN C 59 4.07 49.00 11.85
N ALA C 60 3.69 47.74 11.61
CA ALA C 60 2.28 47.44 11.36
C ALA C 60 1.43 47.77 12.58
N ALA C 61 1.91 47.43 13.77
CA ALA C 61 1.15 47.71 14.99
C ALA C 61 0.98 49.21 15.20
N ARG C 62 2.03 49.99 14.95
CA ARG C 62 1.91 51.44 15.04
C ARG C 62 0.93 51.97 13.99
N ASP C 63 0.93 51.38 12.80
CA ASP C 63 -0.06 51.76 11.79
C ASP C 63 -1.48 51.40 12.21
N ASN C 64 -1.64 50.38 13.06
CA ASN C 64 -2.95 49.95 13.53
C ASN C 64 -3.36 50.64 14.83
N LYS C 65 -2.59 51.62 15.30
CA LYS C 65 -2.90 52.38 16.52
C LYS C 65 -3.00 51.47 17.74
N LYS C 66 -2.12 50.47 17.80
CA LYS C 66 -2.04 49.57 18.94
C LYS C 66 -0.60 49.45 19.39
N THR C 67 -0.41 49.31 20.70
CA THR C 67 0.93 49.22 21.28
C THR C 67 1.48 47.80 21.24
N ARG C 68 0.75 46.83 21.79
CA ARG C 68 1.19 45.45 21.79
C ARG C 68 1.12 44.85 20.40
N ILE C 69 1.95 43.85 20.16
CA ILE C 69 1.99 43.15 18.88
C ILE C 69 1.19 41.87 18.98
N ILE C 70 0.14 41.75 18.18
CA ILE C 70 -0.72 40.58 18.16
C ILE C 70 -0.39 39.76 16.93
N PRO C 71 -0.83 38.50 16.84
CA PRO C 71 -0.48 37.69 15.66
C PRO C 71 -0.92 38.29 14.33
N ARG C 72 -2.00 39.08 14.32
CA ARG C 72 -2.43 39.71 13.08
C ARG C 72 -1.36 40.65 12.53
N HIS C 73 -0.73 41.44 13.42
CA HIS C 73 0.34 42.33 12.98
C HIS C 73 1.52 41.54 12.43
N LEU C 74 1.88 40.42 13.08
CA LEU C 74 2.97 39.61 12.59
C LEU C 74 2.66 39.02 11.22
N GLN C 75 1.43 38.56 11.03
CA GLN C 75 1.04 38.03 9.72
C GLN C 75 1.08 39.10 8.65
N LEU C 76 0.59 40.31 8.97
CA LEU C 76 0.65 41.40 8.02
C LEU C 76 2.09 41.75 7.65
N ALA C 77 2.97 41.79 8.65
CA ALA C 77 4.38 42.09 8.39
C ALA C 77 5.03 41.02 7.54
N VAL C 78 4.73 39.75 7.81
CA VAL C 78 5.35 38.66 7.05
C VAL C 78 4.86 38.67 5.61
N ARG C 79 3.54 38.81 5.41
CA ARG C 79 2.99 38.69 4.07
C ARG C 79 3.24 39.93 3.22
N ASN C 80 3.28 41.12 3.83
CA ASN C 80 3.45 42.35 3.07
C ASN C 80 4.87 42.54 2.55
N ASP C 81 5.83 41.74 3.01
CA ASP C 81 7.21 41.83 2.55
C ASP C 81 7.49 40.66 1.61
N GLU C 82 8.00 40.98 0.42
CA GLU C 82 8.18 39.96 -0.62
C GLU C 82 9.19 38.90 -0.20
N GLU C 83 10.34 39.34 0.32
CA GLU C 83 11.38 38.38 0.70
C GLU C 83 10.92 37.49 1.85
N LEU C 84 10.31 38.08 2.87
CA LEU C 84 9.82 37.27 3.99
C LEU C 84 8.67 36.38 3.56
N ASN C 85 7.84 36.84 2.62
CA ASN C 85 6.80 35.97 2.08
C ASN C 85 7.39 34.78 1.37
N LYS C 86 8.47 34.99 0.60
CA LYS C 86 9.14 33.88 -0.05
C LYS C 86 9.75 32.93 0.97
N LEU C 87 10.33 33.47 2.04
CA LEU C 87 10.94 32.62 3.07
C LEU C 87 9.89 31.76 3.77
N LEU C 88 8.73 32.34 4.07
CA LEU C 88 7.66 31.65 4.79
C LEU C 88 6.47 31.33 3.89
N GLY C 89 6.74 30.89 2.66
CA GLY C 89 5.67 30.62 1.73
C GLY C 89 4.74 29.51 2.20
N ARG C 90 5.29 28.45 2.78
CA ARG C 90 4.50 27.32 3.26
C ARG C 90 4.38 27.32 4.78
N VAL C 91 4.25 28.50 5.39
CA VAL C 91 4.12 28.63 6.84
C VAL C 91 2.79 29.28 7.14
N THR C 92 2.00 28.67 8.01
CA THR C 92 0.70 29.18 8.42
C THR C 92 0.82 29.76 9.83
N ILE C 93 0.45 31.02 9.99
CA ILE C 93 0.48 31.69 11.28
C ILE C 93 -0.91 31.60 11.90
N ALA C 94 -0.97 31.10 13.13
CA ALA C 94 -2.25 30.95 13.80
C ALA C 94 -2.87 32.31 14.08
N GLN C 95 -4.17 32.42 13.81
CA GLN C 95 -4.92 33.67 14.01
C GLN C 95 -4.28 34.83 13.25
N GLY C 96 -3.82 34.55 12.03
CA GLY C 96 -3.15 35.55 11.24
C GLY C 96 -4.05 36.23 10.22
N GLY C 97 -5.04 35.50 9.73
CA GLY C 97 -5.93 36.05 8.73
C GLY C 97 -5.28 36.11 7.35
N VAL C 98 -5.85 36.94 6.49
CA VAL C 98 -5.42 37.09 5.11
C VAL C 98 -5.37 38.58 4.79
N LEU C 99 -4.40 38.98 3.99
CA LEU C 99 -4.27 40.39 3.59
C LEU C 99 -5.56 40.82 2.88
N PRO C 100 -6.05 42.03 3.14
CA PRO C 100 -7.28 42.47 2.49
C PRO C 100 -7.09 42.74 1.00
N ASN C 101 -7.61 41.87 0.15
CA ASN C 101 -7.53 42.07 -1.29
C ASN C 101 -8.77 41.48 -1.95
N ILE C 102 -9.16 42.10 -3.06
CA ILE C 102 -10.28 41.65 -3.87
C ILE C 102 -9.87 41.76 -5.34
N GLN C 103 -10.26 40.76 -6.14
CA GLN C 103 -9.94 40.79 -7.56
C GLN C 103 -10.64 41.97 -8.23
N SER C 104 -10.00 42.49 -9.29
CA SER C 104 -10.51 43.69 -9.95
C SER C 104 -11.89 43.48 -10.55
N VAL C 105 -12.13 42.30 -11.14
CA VAL C 105 -13.40 42.06 -11.81
C VAL C 105 -14.55 42.00 -10.81
N LEU C 106 -14.31 41.42 -9.63
CA LEU C 106 -15.37 41.33 -8.62
C LEU C 106 -15.77 42.67 -8.04
N LEU C 107 -15.01 43.73 -8.28
CA LEU C 107 -15.39 45.04 -7.77
C LEU C 107 -16.69 45.50 -8.44
N PRO C 108 -17.62 46.09 -7.69
CA PRO C 108 -18.93 46.41 -8.27
C PRO C 108 -18.84 47.53 -9.29
N LYS C 109 -19.49 47.32 -10.43
CA LYS C 109 -19.55 48.32 -11.49
C LYS C 109 -20.61 47.93 -12.52
N LYS D 3 7.17 22.49 37.70
CA LYS D 3 7.44 21.53 36.63
C LYS D 3 8.93 21.49 36.32
N THR D 4 9.26 21.14 35.08
CA THR D 4 10.63 21.05 34.62
C THR D 4 10.96 22.23 33.71
N ARG D 5 12.26 22.50 33.58
CA ARG D 5 12.72 23.63 32.77
C ARG D 5 12.42 23.36 31.30
N LYS D 6 11.63 24.23 30.68
CA LYS D 6 11.33 24.17 29.26
C LYS D 6 11.99 25.38 28.61
N GLU D 7 13.20 25.18 28.08
CA GLU D 7 13.97 26.28 27.52
C GLU D 7 13.38 26.71 26.18
N SER D 8 13.24 28.02 26.02
CA SER D 8 12.73 28.59 24.77
C SER D 8 13.23 30.02 24.64
N TYR D 9 13.26 30.50 23.40
CA TYR D 9 13.70 31.87 23.12
C TYR D 9 12.59 32.83 23.50
N ALA D 10 12.59 33.27 24.75
CA ALA D 10 11.56 34.17 25.26
C ALA D 10 12.11 35.54 25.61
N ILE D 11 13.16 35.61 26.42
CA ILE D 11 13.72 36.90 26.80
C ILE D 11 14.58 37.49 25.67
N TYR D 12 15.10 36.63 24.78
CA TYR D 12 15.94 37.13 23.69
C TYR D 12 15.12 37.91 22.67
N VAL D 13 13.93 37.41 22.33
CA VAL D 13 13.06 38.14 21.41
C VAL D 13 12.64 39.47 22.02
N TYR D 14 12.37 39.47 23.33
CA TYR D 14 12.02 40.73 24.00
C TYR D 14 13.19 41.70 24.00
N LYS D 15 14.42 41.20 24.19
CA LYS D 15 15.59 42.06 24.12
C LYS D 15 15.76 42.64 22.73
N VAL D 16 15.53 41.84 21.70
CA VAL D 16 15.61 42.33 20.33
C VAL D 16 14.56 43.40 20.09
N LEU D 17 13.34 43.18 20.58
CA LEU D 17 12.29 44.18 20.44
C LEU D 17 12.66 45.48 21.15
N LYS D 18 13.22 45.38 22.35
CA LYS D 18 13.64 46.58 23.08
C LYS D 18 14.73 47.31 22.32
N GLN D 19 15.65 46.57 21.69
CA GLN D 19 16.66 47.20 20.85
C GLN D 19 16.03 47.93 19.67
N VAL D 20 15.05 47.30 19.03
CA VAL D 20 14.45 47.89 17.83
C VAL D 20 13.39 48.92 18.19
N HIS D 21 12.35 48.49 18.90
CA HIS D 21 11.27 49.39 19.29
C HIS D 21 11.32 49.63 20.79
N PRO D 22 11.73 50.82 21.24
CA PRO D 22 11.90 51.05 22.68
C PRO D 22 10.59 51.19 23.45
N ASP D 23 9.44 51.15 22.79
CA ASP D 23 8.16 51.38 23.45
C ASP D 23 7.23 50.18 23.40
N THR D 24 7.04 49.59 22.23
CA THR D 24 6.02 48.55 22.06
C THR D 24 6.42 47.27 22.77
N GLY D 25 5.41 46.56 23.26
CA GLY D 25 5.57 45.23 23.82
C GLY D 25 5.15 44.16 22.83
N ILE D 26 4.89 42.95 23.36
CA ILE D 26 4.46 41.84 22.52
C ILE D 26 3.71 40.82 23.36
N SER D 27 2.59 40.33 22.85
CA SER D 27 1.72 39.43 23.58
C SER D 27 2.30 38.01 23.62
N SER D 28 1.67 37.17 24.44
CA SER D 28 2.16 35.80 24.62
C SER D 28 2.01 34.98 23.35
N LYS D 29 0.90 35.16 22.63
CA LYS D 29 0.72 34.42 21.38
C LYS D 29 1.78 34.81 20.36
N ALA D 30 2.10 36.10 20.27
CA ALA D 30 3.18 36.51 19.39
C ALA D 30 4.54 36.04 19.91
N MET D 31 4.69 35.93 21.23
CA MET D 31 5.89 35.30 21.78
C MET D 31 6.05 33.88 21.27
N SER D 32 4.97 33.10 21.32
CA SER D 32 5.02 31.72 20.85
C SER D 32 5.28 31.66 19.36
N ILE D 33 4.66 32.57 18.58
CA ILE D 33 4.89 32.58 17.14
C ILE D 33 6.35 32.89 16.82
N MET D 34 6.92 33.88 17.52
CA MET D 34 8.32 34.22 17.31
C MET D 34 9.23 33.07 17.71
N ASN D 35 8.91 32.39 18.81
CA ASN D 35 9.72 31.24 19.23
C ASN D 35 9.66 30.14 18.18
N SER D 36 8.47 29.86 17.64
CA SER D 36 8.33 28.84 16.62
C SER D 36 9.08 29.22 15.35
N PHE D 37 9.02 30.49 14.96
CA PHE D 37 9.74 30.94 13.77
C PHE D 37 11.25 30.81 13.96
N VAL D 38 11.75 31.20 15.13
CA VAL D 38 13.17 31.09 15.40
C VAL D 38 13.60 29.63 15.38
N ASN D 39 12.82 28.75 16.02
CA ASN D 39 13.14 27.34 16.02
C ASN D 39 13.12 26.75 14.61
N ASP D 40 12.14 27.14 13.81
CA ASP D 40 12.05 26.61 12.45
C ASP D 40 13.23 27.07 11.60
N VAL D 41 13.59 28.36 11.68
CA VAL D 41 14.72 28.85 10.89
C VAL D 41 16.01 28.18 11.35
N PHE D 42 16.19 28.04 12.67
CA PHE D 42 17.37 27.36 13.20
C PHE D 42 17.44 25.93 12.71
N GLU D 43 16.33 25.20 12.75
CA GLU D 43 16.32 23.81 12.31
C GLU D 43 16.63 23.71 10.82
N ARG D 44 16.02 24.58 10.01
CA ARG D 44 16.26 24.54 8.56
C ARG D 44 17.72 24.81 8.25
N ILE D 45 18.29 25.86 8.86
CA ILE D 45 19.68 26.21 8.56
C ILE D 45 20.63 25.14 9.05
N ALA D 46 20.38 24.60 10.26
CA ALA D 46 21.24 23.55 10.78
C ALA D 46 21.18 22.29 9.93
N GLY D 47 19.98 21.91 9.48
CA GLY D 47 19.86 20.75 8.62
C GLY D 47 20.55 20.95 7.28
N GLU D 48 20.41 22.15 6.70
CA GLU D 48 21.09 22.44 5.45
C GLU D 48 22.60 22.38 5.62
N ALA D 49 23.11 22.96 6.71
CA ALA D 49 24.55 22.92 6.97
C ALA D 49 25.04 21.50 7.19
N SER D 50 24.27 20.69 7.92
CA SER D 50 24.68 19.31 8.16
C SER D 50 24.73 18.52 6.86
N ARG D 51 23.67 18.63 6.05
CA ARG D 51 23.66 17.92 4.77
C ARG D 51 24.80 18.40 3.88
N LEU D 52 25.03 19.70 3.83
CA LEU D 52 26.05 20.26 2.94
C LEU D 52 27.44 19.83 3.37
N ALA D 53 27.69 19.77 4.68
CA ALA D 53 28.97 19.25 5.15
C ALA D 53 29.10 17.76 4.89
N HIS D 54 27.97 17.03 4.93
CA HIS D 54 27.98 15.61 4.63
C HIS D 54 28.34 15.37 3.16
N TYR D 55 27.92 16.29 2.27
CA TYR D 55 28.21 16.08 0.86
C TYR D 55 29.71 16.10 0.57
N ASN D 56 30.45 17.00 1.20
CA ASN D 56 31.87 17.13 0.96
C ASN D 56 32.72 16.22 1.85
N LYS D 57 32.09 15.25 2.52
CA LYS D 57 32.80 14.29 3.37
C LYS D 57 33.57 14.97 4.49
N ARG D 58 33.09 16.12 4.93
CA ARG D 58 33.67 16.84 6.06
C ARG D 58 32.74 16.69 7.26
N SER D 59 33.28 16.19 8.36
CA SER D 59 32.49 15.85 9.54
C SER D 59 32.38 16.99 10.54
N THR D 60 32.94 18.16 10.22
CA THR D 60 32.92 19.30 11.12
C THR D 60 32.17 20.45 10.47
N ILE D 61 31.18 21.00 11.18
CA ILE D 61 30.44 22.18 10.72
C ILE D 61 31.19 23.41 11.19
N THR D 62 31.56 24.27 10.25
CA THR D 62 32.30 25.49 10.54
C THR D 62 31.45 26.69 10.09
N SER D 63 32.02 27.89 10.21
CA SER D 63 31.32 29.10 9.79
C SER D 63 31.04 29.09 8.29
N ARG D 64 31.92 28.47 7.50
CA ARG D 64 31.71 28.42 6.05
C ARG D 64 30.44 27.65 5.71
N GLU D 65 30.21 26.51 6.37
CA GLU D 65 29.02 25.73 6.09
C GLU D 65 27.75 26.50 6.44
N ILE D 66 27.76 27.19 7.59
CA ILE D 66 26.59 27.97 7.99
C ILE D 66 26.36 29.12 7.00
N GLN D 67 27.43 29.77 6.57
CA GLN D 67 27.29 30.87 5.60
C GLN D 67 26.72 30.35 4.28
N THR D 68 27.20 29.21 3.80
CA THR D 68 26.68 28.66 2.56
C THR D 68 25.23 28.24 2.70
N ALA D 69 24.86 27.67 3.85
CA ALA D 69 23.47 27.29 4.08
C ALA D 69 22.57 28.53 4.12
N VAL D 70 23.04 29.61 4.75
CA VAL D 70 22.26 30.85 4.78
C VAL D 70 22.11 31.42 3.38
N ARG D 71 23.18 31.38 2.58
CA ARG D 71 23.10 31.88 1.22
C ARG D 71 22.12 31.05 0.39
N LEU D 72 22.11 29.74 0.58
CA LEU D 72 21.21 28.88 -0.18
C LEU D 72 19.76 29.08 0.24
N LEU D 73 19.51 29.19 1.55
CA LEU D 73 18.15 29.12 2.08
C LEU D 73 17.43 30.46 2.00
N LEU D 74 17.99 31.50 2.61
CA LEU D 74 17.34 32.81 2.60
C LEU D 74 17.30 33.36 1.18
N PRO D 75 16.14 33.75 0.68
CA PRO D 75 16.05 34.25 -0.70
C PRO D 75 16.19 35.76 -0.80
N GLY D 76 16.87 36.19 -1.86
CA GLY D 76 16.94 37.60 -2.18
C GLY D 76 17.87 38.40 -1.28
N GLU D 77 17.68 39.72 -1.31
CA GLU D 77 18.57 40.65 -0.62
C GLU D 77 18.79 40.28 0.84
N LEU D 78 17.74 39.84 1.53
CA LEU D 78 17.86 39.39 2.91
C LEU D 78 19.13 38.57 3.11
N ALA D 79 19.32 37.53 2.30
CA ALA D 79 20.45 36.64 2.49
C ALA D 79 21.75 37.42 2.55
N LYS D 80 21.99 38.30 1.56
CA LYS D 80 23.21 39.09 1.56
C LYS D 80 23.38 39.83 2.87
N HIS D 81 22.35 40.56 3.29
CA HIS D 81 22.43 41.27 4.57
C HIS D 81 22.79 40.31 5.68
N ALA D 82 22.06 39.19 5.78
CA ALA D 82 22.35 38.21 6.82
C ALA D 82 23.81 37.82 6.78
N VAL D 83 24.31 37.47 5.59
CA VAL D 83 25.70 37.05 5.48
C VAL D 83 26.61 38.13 6.04
N SER D 84 26.39 39.38 5.63
CA SER D 84 27.21 40.47 6.14
C SER D 84 27.18 40.47 7.67
N GLU D 85 25.97 40.46 8.25
CA GLU D 85 25.87 40.45 9.69
C GLU D 85 26.68 39.32 10.28
N GLY D 86 26.52 38.10 9.75
CA GLY D 86 27.24 36.98 10.28
C GLY D 86 28.74 37.22 10.28
N THR D 87 29.26 37.72 9.15
CA THR D 87 30.69 37.98 9.08
C THR D 87 31.13 38.88 10.23
N LYS D 88 30.41 39.98 10.44
CA LYS D 88 30.78 40.91 11.50
C LYS D 88 30.86 40.18 12.83
N ALA D 89 29.85 39.36 13.13
CA ALA D 89 29.87 38.62 14.39
C ALA D 89 31.14 37.80 14.52
N VAL D 90 31.48 37.03 13.48
CA VAL D 90 32.68 36.21 13.54
C VAL D 90 33.90 37.09 13.76
N THR D 91 33.95 38.23 13.10
CA THR D 91 35.08 39.13 13.26
C THR D 91 35.21 39.57 14.72
N LYS D 92 34.08 39.85 15.37
CA LYS D 92 34.15 40.34 16.75
C LYS D 92 34.68 39.25 17.67
N TYR D 93 34.57 37.98 17.26
CA TYR D 93 35.22 36.92 18.02
C TYR D 93 36.72 36.92 17.79
N THR D 94 37.15 37.09 16.53
CA THR D 94 38.57 36.96 16.22
C THR D 94 39.40 38.04 16.91
N SER D 95 38.92 39.29 16.87
CA SER D 95 39.64 40.37 17.53
C SER D 95 39.66 40.19 19.04
N ALA D 96 38.53 39.78 19.61
CA ALA D 96 38.43 39.58 21.06
C ALA D 96 38.45 38.09 21.41
N PRO E 2 -39.05 49.63 1.71
CA PRO E 2 -38.35 48.35 1.61
C PRO E 2 -36.95 48.49 1.02
N HIS E 3 -35.97 48.81 1.86
CA HIS E 3 -34.59 48.98 1.40
C HIS E 3 -33.95 47.61 1.28
N ARG E 4 -33.89 47.08 0.06
CA ARG E 4 -33.29 45.79 -0.23
C ARG E 4 -32.01 46.02 -1.03
N TYR E 5 -30.89 45.56 -0.48
CA TYR E 5 -29.61 45.67 -1.19
C TYR E 5 -29.61 44.79 -2.42
N ARG E 6 -29.05 45.30 -3.51
CA ARG E 6 -28.97 44.52 -4.74
C ARG E 6 -28.04 43.33 -4.54
N PRO E 7 -28.31 42.20 -5.21
CA PRO E 7 -27.44 41.03 -5.05
C PRO E 7 -26.00 41.30 -5.39
N GLY E 8 -25.11 41.13 -4.42
CA GLY E 8 -23.68 41.33 -4.63
C GLY E 8 -23.08 42.48 -3.85
N THR E 9 -23.81 43.16 -2.98
CA THR E 9 -23.25 44.29 -2.22
C THR E 9 -22.87 43.87 -0.80
N VAL E 10 -23.83 43.37 -0.02
CA VAL E 10 -23.51 42.94 1.32
C VAL E 10 -22.65 41.68 1.28
N ALA E 11 -22.62 40.97 0.16
CA ALA E 11 -21.63 39.91 -0.01
C ALA E 11 -20.21 40.48 0.03
N LEU E 12 -19.99 41.58 -0.69
CA LEU E 12 -18.69 42.24 -0.64
C LEU E 12 -18.43 42.84 0.74
N ARG E 13 -19.48 43.34 1.40
CA ARG E 13 -19.31 43.83 2.76
C ARG E 13 -18.84 42.72 3.69
N GLU E 14 -19.43 41.52 3.56
CA GLU E 14 -19.01 40.38 4.34
C GLU E 14 -17.58 39.98 4.00
N ILE E 15 -17.22 40.04 2.72
CA ILE E 15 -15.85 39.73 2.31
C ILE E 15 -14.87 40.65 3.02
N ARG E 16 -15.15 41.96 2.99
CA ARG E 16 -14.26 42.92 3.64
C ARG E 16 -14.20 42.70 5.14
N ARG E 17 -15.37 42.48 5.77
CA ARG E 17 -15.41 42.31 7.22
C ARG E 17 -14.63 41.07 7.65
N TYR E 18 -14.80 39.96 6.94
CA TYR E 18 -14.13 38.72 7.33
C TYR E 18 -12.65 38.73 6.97
N GLN E 19 -12.26 39.47 5.93
CA GLN E 19 -10.84 39.64 5.67
C GLN E 19 -10.16 40.55 6.68
N LYS E 20 -10.88 41.56 7.19
CA LYS E 20 -10.32 42.45 8.20
C LYS E 20 -10.22 41.81 9.57
N SER E 21 -10.99 40.75 9.84
CA SER E 21 -10.99 40.09 11.13
C SER E 21 -10.04 38.90 11.14
N THR E 22 -9.87 38.32 12.33
CA THR E 22 -8.98 37.19 12.52
C THR E 22 -9.59 36.13 13.44
N GLU E 23 -10.91 36.02 13.42
CA GLU E 23 -11.61 35.06 14.28
C GLU E 23 -11.55 33.67 13.65
N LEU E 24 -12.31 32.74 14.21
CA LEU E 24 -12.45 31.40 13.66
C LEU E 24 -13.85 31.27 13.07
N LEU E 25 -13.92 30.96 11.77
CA LEU E 25 -15.19 30.94 11.06
C LEU E 25 -15.94 29.62 11.19
N ILE E 26 -15.31 28.59 11.75
CA ILE E 26 -15.94 27.29 11.96
C ILE E 26 -16.28 27.16 13.43
N ARG E 27 -17.53 26.78 13.73
CA ARG E 27 -17.95 26.63 15.12
C ARG E 27 -17.12 25.56 15.81
N LYS E 28 -16.72 25.83 17.05
CA LYS E 28 -15.71 25.02 17.72
C LYS E 28 -16.24 23.62 18.02
N LEU E 29 -17.43 23.53 18.61
CA LEU E 29 -17.95 22.22 19.01
C LEU E 29 -18.21 21.28 17.83
N PRO E 30 -18.86 21.70 16.75
CA PRO E 30 -19.00 20.78 15.61
C PRO E 30 -17.67 20.30 15.05
N PHE E 31 -16.67 21.18 14.97
CA PHE E 31 -15.37 20.77 14.47
C PHE E 31 -14.71 19.79 15.42
N GLN E 32 -14.85 20.01 16.73
CA GLN E 32 -14.29 19.06 17.70
C GLN E 32 -14.96 17.70 17.58
N ARG E 33 -16.28 17.68 17.42
CA ARG E 33 -16.98 16.42 17.25
C ARG E 33 -16.54 15.71 15.97
N LEU E 34 -16.38 16.46 14.88
CA LEU E 34 -15.91 15.87 13.63
C LEU E 34 -14.51 15.30 13.77
N VAL E 35 -13.62 16.03 14.45
CA VAL E 35 -12.25 15.56 14.65
C VAL E 35 -12.26 14.28 15.47
N ARG E 36 -13.04 14.24 16.55
CA ARG E 36 -13.11 13.03 17.37
C ARG E 36 -13.66 11.86 16.57
N GLU E 37 -14.71 12.10 15.78
CA GLU E 37 -15.29 11.01 14.99
C GLU E 37 -14.30 10.48 13.97
N ILE E 38 -13.56 11.37 13.32
CA ILE E 38 -12.57 10.93 12.34
C ILE E 38 -11.44 10.16 13.02
N ALA E 39 -10.98 10.65 14.17
CA ALA E 39 -9.85 10.01 14.84
C ALA E 39 -10.22 8.66 15.42
N GLN E 40 -11.45 8.50 15.90
CA GLN E 40 -11.86 7.24 16.51
C GLN E 40 -11.88 6.08 15.52
N ASP E 41 -11.82 6.36 14.22
CA ASP E 41 -11.72 5.29 13.23
C ASP E 41 -10.35 4.64 13.22
N PHE E 42 -9.34 5.29 13.81
CA PHE E 42 -7.98 4.79 13.84
C PHE E 42 -7.57 4.20 15.18
N LYS E 43 -8.06 4.76 16.28
CA LYS E 43 -7.76 4.25 17.62
C LYS E 43 -8.87 4.68 18.55
N THR E 44 -9.58 3.71 19.12
CA THR E 44 -10.66 4.02 20.04
C THR E 44 -10.12 4.50 21.38
N ASP E 45 -11.02 5.10 22.18
CA ASP E 45 -10.67 5.63 23.49
C ASP E 45 -9.55 6.66 23.40
N LEU E 46 -9.62 7.51 22.39
CA LEU E 46 -8.64 8.57 22.19
C LEU E 46 -9.06 9.84 22.89
N ARG E 47 -8.11 10.49 23.56
CA ARG E 47 -8.35 11.74 24.28
C ARG E 47 -7.61 12.87 23.57
N PHE E 48 -8.32 13.96 23.30
CA PHE E 48 -7.77 15.10 22.60
C PHE E 48 -7.65 16.29 23.56
N GLN E 49 -6.47 16.89 23.58
CA GLN E 49 -6.31 18.16 24.28
C GLN E 49 -7.08 19.25 23.56
N SER E 50 -7.55 20.24 24.32
CA SER E 50 -8.27 21.35 23.71
C SER E 50 -7.38 22.10 22.72
N SER E 51 -6.10 22.25 23.06
CA SER E 51 -5.15 22.87 22.14
C SER E 51 -5.03 22.07 20.85
N ALA E 52 -5.17 20.74 20.92
CA ALA E 52 -5.11 19.92 19.72
C ALA E 52 -6.25 20.24 18.77
N VAL E 53 -7.47 20.35 19.31
CA VAL E 53 -8.61 20.74 18.48
C VAL E 53 -8.41 22.14 17.92
N MET E 54 -7.88 23.05 18.74
CA MET E 54 -7.66 24.41 18.27
C MET E 54 -6.66 24.45 17.12
N ALA E 55 -5.54 23.73 17.26
CA ALA E 55 -4.53 23.73 16.20
C ALA E 55 -5.06 23.08 14.93
N LEU E 56 -5.79 21.96 15.07
CA LEU E 56 -6.39 21.33 13.90
C LEU E 56 -7.36 22.26 13.21
N GLN E 57 -8.16 23.00 13.99
CA GLN E 57 -9.10 23.95 13.42
C GLN E 57 -8.38 25.07 12.67
N GLU E 58 -7.30 25.59 13.25
CA GLU E 58 -6.55 26.66 12.58
C GLU E 58 -5.96 26.16 11.26
N ALA E 59 -5.35 24.97 11.27
CA ALA E 59 -4.78 24.43 10.05
C ALA E 59 -5.86 24.18 9.00
N SER E 60 -6.99 23.61 9.42
CA SER E 60 -8.09 23.37 8.49
C SER E 60 -8.61 24.66 7.88
N GLU E 61 -8.78 25.69 8.71
CA GLU E 61 -9.27 26.97 8.21
C GLU E 61 -8.29 27.58 7.21
N ALA E 62 -7.00 27.52 7.51
CA ALA E 62 -6.02 28.07 6.58
C ALA E 62 -6.03 27.30 5.26
N TYR E 63 -6.07 25.98 5.32
CA TYR E 63 -6.08 25.18 4.10
C TYR E 63 -7.33 25.45 3.27
N LEU E 64 -8.49 25.52 3.93
CA LEU E 64 -9.74 25.77 3.21
C LEU E 64 -9.76 27.18 2.61
N VAL E 65 -9.22 28.17 3.32
CA VAL E 65 -9.16 29.52 2.78
C VAL E 65 -8.27 29.56 1.54
N ALA E 66 -7.10 28.90 1.60
CA ALA E 66 -6.23 28.88 0.44
C ALA E 66 -6.89 28.17 -0.73
N LEU E 67 -7.57 27.05 -0.46
CA LEU E 67 -8.26 26.32 -1.52
C LEU E 67 -9.36 27.17 -2.15
N PHE E 68 -10.12 27.89 -1.32
CA PHE E 68 -11.19 28.73 -1.85
C PHE E 68 -10.63 29.90 -2.66
N GLU E 69 -9.50 30.47 -2.23
CA GLU E 69 -8.88 31.53 -3.01
C GLU E 69 -8.43 31.01 -4.38
N ASP E 70 -7.79 29.84 -4.41
CA ASP E 70 -7.37 29.26 -5.69
C ASP E 70 -8.56 28.91 -6.56
N THR E 71 -9.64 28.42 -5.95
CA THR E 71 -10.84 28.11 -6.71
C THR E 71 -11.47 29.37 -7.30
N ASN E 72 -11.49 30.46 -6.53
CA ASN E 72 -11.97 31.73 -7.05
C ASN E 72 -11.11 32.20 -8.22
N LEU E 73 -9.79 32.04 -8.10
CA LEU E 73 -8.91 32.41 -9.21
C LEU E 73 -9.22 31.59 -10.46
N CYS E 74 -9.43 30.28 -10.29
CA CYS E 74 -9.79 29.44 -11.43
C CYS E 74 -11.11 29.88 -12.05
N ALA E 75 -12.12 30.18 -11.21
CA ALA E 75 -13.41 30.61 -11.73
C ALA E 75 -13.29 31.93 -12.48
N ILE E 76 -12.49 32.86 -11.98
CA ILE E 76 -12.30 34.13 -12.67
C ILE E 76 -11.58 33.90 -13.99
N HIS E 77 -10.62 32.96 -14.02
CA HIS E 77 -9.98 32.59 -15.27
C HIS E 77 -10.98 32.02 -16.26
N ALA E 78 -11.99 31.30 -15.78
CA ALA E 78 -13.00 30.69 -16.63
C ALA E 78 -14.09 31.66 -17.06
N LYS E 79 -13.82 32.98 -16.98
CA LYS E 79 -14.79 34.01 -17.34
C LYS E 79 -16.09 33.86 -16.57
N ARG E 80 -15.97 33.58 -15.27
CA ARG E 80 -17.12 33.42 -14.39
C ARG E 80 -16.83 34.09 -13.05
N VAL E 81 -17.91 34.45 -12.35
CA VAL E 81 -17.82 35.01 -11.01
C VAL E 81 -18.10 33.96 -9.95
N THR E 82 -19.14 33.15 -10.15
CA THR E 82 -19.46 32.09 -9.21
C THR E 82 -18.46 30.95 -9.32
N ILE E 83 -18.13 30.35 -8.19
CA ILE E 83 -17.26 29.19 -8.15
C ILE E 83 -18.11 27.93 -8.24
N MET E 84 -17.54 26.88 -8.81
CA MET E 84 -18.23 25.62 -9.06
C MET E 84 -17.35 24.47 -8.60
N PRO E 85 -17.94 23.29 -8.36
CA PRO E 85 -17.12 22.14 -7.93
C PRO E 85 -16.03 21.77 -8.92
N LYS E 86 -16.24 21.99 -10.22
CA LYS E 86 -15.18 21.74 -11.18
C LYS E 86 -13.98 22.63 -10.93
N ASP E 87 -14.21 23.87 -10.50
CA ASP E 87 -13.10 24.76 -10.17
C ASP E 87 -12.29 24.23 -8.99
N ILE E 88 -12.99 23.74 -7.96
CA ILE E 88 -12.31 23.17 -6.80
C ILE E 88 -11.50 21.94 -7.22
N GLN E 89 -12.10 21.07 -8.03
CA GLN E 89 -11.39 19.87 -8.48
C GLN E 89 -10.16 20.22 -9.30
N LEU E 90 -10.28 21.21 -10.19
CA LEU E 90 -9.15 21.62 -11.00
C LEU E 90 -8.04 22.23 -10.14
N ALA E 91 -8.41 23.05 -9.16
CA ALA E 91 -7.42 23.64 -8.27
C ALA E 91 -6.68 22.57 -7.48
N ARG E 92 -7.42 21.58 -6.97
CA ARG E 92 -6.77 20.49 -6.24
C ARG E 92 -5.87 19.67 -7.15
N ARG E 93 -6.31 19.42 -8.39
CA ARG E 93 -5.49 18.66 -9.33
C ARG E 93 -4.20 19.39 -9.65
N ILE E 94 -4.27 20.69 -9.87
CA ILE E 94 -3.07 21.46 -10.19
C ILE E 94 -2.15 21.55 -8.98
N ARG E 95 -2.72 21.72 -7.78
CA ARG E 95 -1.92 21.83 -6.58
C ARG E 95 -1.10 20.57 -6.32
N GLY E 96 -1.59 19.42 -6.77
CA GLY E 96 -0.86 18.18 -6.59
C GLY E 96 -1.41 17.30 -5.48
N GLU E 97 -2.73 17.25 -5.36
CA GLU E 97 -3.39 16.44 -4.35
C GLU E 97 -4.31 15.38 -4.93
N ARG E 98 -4.34 15.23 -6.25
CA ARG E 98 -5.19 14.21 -6.89
C ARG E 98 -4.41 13.43 -7.92
N ASP F 9 -23.61 10.39 10.78
CA ASP F 9 -23.62 11.57 9.94
C ASP F 9 -23.30 12.81 10.77
N ASN F 10 -22.00 13.04 11.00
CA ASN F 10 -21.53 14.16 11.81
C ASN F 10 -20.84 15.21 10.94
N ILE F 11 -20.35 14.82 9.75
CA ILE F 11 -19.71 15.75 8.83
C ILE F 11 -20.63 16.92 8.46
N GLN F 12 -21.94 16.75 8.63
CA GLN F 12 -22.86 17.87 8.46
C GLN F 12 -22.67 18.95 9.51
N GLY F 13 -21.89 18.68 10.56
CA GLY F 13 -21.63 19.70 11.57
C GLY F 13 -20.93 20.92 11.01
N ILE F 14 -20.26 20.78 9.87
CA ILE F 14 -19.68 21.93 9.18
C ILE F 14 -20.81 22.60 8.42
N THR F 15 -21.45 23.59 9.05
CA THR F 15 -22.67 24.16 8.52
C THR F 15 -22.41 24.94 7.24
N LYS F 16 -23.44 25.02 6.40
CA LYS F 16 -23.33 25.78 5.16
C LYS F 16 -22.96 27.25 5.40
N PRO F 17 -23.52 27.96 6.39
CA PRO F 17 -23.02 29.32 6.64
C PRO F 17 -21.55 29.37 7.02
N ALA F 18 -21.02 28.34 7.69
CA ALA F 18 -19.59 28.33 8.02
C ALA F 18 -18.74 28.24 6.75
N ILE F 19 -19.12 27.37 5.81
CA ILE F 19 -18.39 27.28 4.56
C ILE F 19 -18.53 28.57 3.76
N ARG F 20 -19.71 29.18 3.80
CA ARG F 20 -19.91 30.46 3.13
C ARG F 20 -19.00 31.53 3.73
N ARG F 21 -18.88 31.56 5.05
CA ARG F 21 -17.99 32.53 5.70
C ARG F 21 -16.53 32.26 5.32
N LEU F 22 -16.13 31.00 5.27
CA LEU F 22 -14.77 30.68 4.86
C LEU F 22 -14.48 31.15 3.44
N ALA F 23 -15.43 30.91 2.53
CA ALA F 23 -15.25 31.38 1.16
C ALA F 23 -15.23 32.90 1.08
N ARG F 24 -16.05 33.57 1.89
CA ARG F 24 -16.05 35.02 1.91
C ARG F 24 -14.71 35.56 2.39
N ARG F 25 -14.12 34.92 3.40
CA ARG F 25 -12.77 35.28 3.82
C ARG F 25 -11.77 35.05 2.69
N GLY F 26 -11.91 33.93 1.97
CA GLY F 26 -11.05 33.64 0.85
C GLY F 26 -11.16 34.62 -0.30
N GLY F 27 -12.28 35.34 -0.41
CA GLY F 27 -12.45 36.32 -1.46
C GLY F 27 -13.35 35.85 -2.58
N VAL F 28 -14.44 35.17 -2.22
CA VAL F 28 -15.38 34.62 -3.20
C VAL F 28 -16.69 35.40 -3.09
N LYS F 29 -17.18 35.89 -4.22
CA LYS F 29 -18.40 36.69 -4.24
C LYS F 29 -19.65 35.83 -4.32
N ARG F 30 -19.70 34.90 -5.27
CA ARG F 30 -20.86 34.05 -5.49
C ARG F 30 -20.46 32.59 -5.38
N ILE F 31 -21.28 31.81 -4.68
CA ILE F 31 -21.00 30.40 -4.40
C ILE F 31 -22.13 29.56 -4.97
N SER F 32 -21.79 28.54 -5.75
CA SER F 32 -22.81 27.64 -6.27
C SER F 32 -23.34 26.73 -5.16
N GLY F 33 -24.49 26.13 -5.42
CA GLY F 33 -25.13 25.28 -4.43
C GLY F 33 -24.45 23.93 -4.25
N LEU F 34 -23.69 23.48 -5.23
CA LEU F 34 -23.00 22.19 -5.14
C LEU F 34 -21.60 22.31 -4.56
N ILE F 35 -21.17 23.52 -4.20
CA ILE F 35 -19.83 23.71 -3.64
C ILE F 35 -19.72 23.06 -2.25
N TYR F 36 -20.81 23.09 -1.48
CA TYR F 36 -20.74 22.67 -0.08
C TYR F 36 -20.36 21.20 0.05
N GLU F 37 -20.91 20.33 -0.79
CA GLU F 37 -20.60 18.91 -0.71
C GLU F 37 -19.12 18.66 -0.99
N GLU F 38 -18.59 19.30 -2.04
CA GLU F 38 -17.19 19.13 -2.36
C GLU F 38 -16.30 19.69 -1.27
N THR F 39 -16.67 20.83 -0.68
CA THR F 39 -15.90 21.39 0.41
C THR F 39 -15.88 20.46 1.61
N ARG F 40 -17.03 19.86 1.94
CA ARG F 40 -17.08 18.90 3.05
C ARG F 40 -16.20 17.69 2.76
N GLY F 41 -16.24 17.19 1.52
CA GLY F 41 -15.40 16.06 1.18
C GLY F 41 -13.91 16.37 1.28
N VAL F 42 -13.51 17.54 0.78
CA VAL F 42 -12.11 17.94 0.84
C VAL F 42 -11.67 18.13 2.28
N LEU F 43 -12.51 18.75 3.09
CA LEU F 43 -12.21 18.92 4.51
C LEU F 43 -12.06 17.56 5.20
N LYS F 44 -12.95 16.62 4.88
CA LYS F 44 -12.85 15.29 5.48
C LYS F 44 -11.56 14.60 5.08
N VAL F 45 -11.17 14.72 3.81
CA VAL F 45 -9.92 14.08 3.36
C VAL F 45 -8.71 14.68 4.07
N PHE F 46 -8.66 16.02 4.12
CA PHE F 46 -7.52 16.68 4.76
C PHE F 46 -7.45 16.35 6.25
N LEU F 47 -8.59 16.37 6.93
CA LEU F 47 -8.62 16.02 8.35
C LEU F 47 -8.23 14.56 8.56
N GLU F 48 -8.67 13.68 7.66
CA GLU F 48 -8.28 12.27 7.77
C GLU F 48 -6.78 12.11 7.67
N ASN F 49 -6.16 12.78 6.71
CA ASN F 49 -4.71 12.66 6.54
C ASN F 49 -3.97 13.20 7.76
N VAL F 50 -4.30 14.42 8.20
CA VAL F 50 -3.59 15.03 9.31
C VAL F 50 -3.81 14.23 10.59
N ILE F 51 -5.05 13.79 10.83
CA ILE F 51 -5.36 13.05 12.04
C ILE F 51 -4.68 11.68 12.03
N ARG F 52 -4.59 11.05 10.86
CA ARG F 52 -3.87 9.78 10.78
C ARG F 52 -2.39 9.96 11.13
N ASP F 53 -1.76 11.02 10.60
CA ASP F 53 -0.37 11.27 10.94
C ASP F 53 -0.20 11.54 12.44
N ALA F 54 -1.08 12.37 13.00
CA ALA F 54 -0.99 12.69 14.42
C ALA F 54 -1.23 11.45 15.29
N VAL F 55 -2.17 10.60 14.88
CA VAL F 55 -2.48 9.39 15.64
C VAL F 55 -1.30 8.42 15.58
N THR F 56 -0.64 8.31 14.43
CA THR F 56 0.56 7.49 14.36
C THR F 56 1.66 8.02 15.26
N TYR F 57 1.86 9.34 15.26
CA TYR F 57 2.86 9.94 16.15
C TYR F 57 2.54 9.66 17.61
N THR F 58 1.26 9.80 17.99
CA THR F 58 0.86 9.52 19.36
C THR F 58 1.04 8.05 19.72
N GLU F 59 0.71 7.15 18.79
CA GLU F 59 0.87 5.72 19.03
C GLU F 59 2.33 5.35 19.21
N HIS F 60 3.24 6.05 18.54
CA HIS F 60 4.66 5.77 18.71
C HIS F 60 5.10 6.03 20.15
N ALA F 61 4.62 7.12 20.75
CA ALA F 61 5.06 7.53 22.07
C ALA F 61 4.37 6.76 23.20
N LYS F 62 3.61 5.72 22.89
CA LYS F 62 2.87 4.94 23.89
C LYS F 62 1.95 5.83 24.72
N ARG F 63 1.33 6.80 24.07
CA ARG F 63 0.41 7.73 24.72
C ARG F 63 -0.99 7.55 24.16
N LYS F 64 -1.98 7.81 25.01
CA LYS F 64 -3.38 7.74 24.61
C LYS F 64 -4.00 9.12 24.43
N THR F 65 -3.24 10.18 24.64
CA THR F 65 -3.72 11.55 24.46
C THR F 65 -2.98 12.19 23.29
N VAL F 66 -3.73 12.66 22.30
CA VAL F 66 -3.14 13.32 21.14
C VAL F 66 -3.07 14.82 21.43
N THR F 67 -1.86 15.30 21.71
CA THR F 67 -1.65 16.68 22.05
C THR F 67 -1.61 17.56 20.80
N ALA F 68 -1.69 18.87 21.01
CA ALA F 68 -1.49 19.82 19.92
C ALA F 68 -0.08 19.78 19.39
N MET F 69 0.87 19.41 20.26
CA MET F 69 2.27 19.35 19.86
C MET F 69 2.47 18.30 18.77
N ASP F 70 1.80 17.15 18.92
CA ASP F 70 1.85 16.12 17.89
C ASP F 70 1.07 16.54 16.64
N VAL F 71 0.02 17.35 16.81
CA VAL F 71 -0.73 17.84 15.66
C VAL F 71 0.14 18.76 14.79
N VAL F 72 0.84 19.70 15.42
CA VAL F 72 1.72 20.58 14.66
C VAL F 72 2.92 19.81 14.13
N TYR F 73 3.36 18.78 14.86
CA TYR F 73 4.37 17.88 14.29
C TYR F 73 3.90 17.26 12.99
N ALA F 74 2.67 16.73 12.97
CA ALA F 74 2.16 16.12 11.76
C ALA F 74 2.00 17.14 10.64
N LEU F 75 1.54 18.35 10.97
CA LEU F 75 1.39 19.39 9.97
C LEU F 75 2.74 19.75 9.36
N LYS F 76 3.78 19.83 10.19
CA LYS F 76 5.12 20.09 9.68
C LYS F 76 5.61 18.96 8.79
N ARG F 77 5.31 17.71 9.18
CA ARG F 77 5.67 16.58 8.33
C ARG F 77 5.00 16.67 6.97
N GLN F 78 3.71 17.03 6.95
CA GLN F 78 2.95 17.05 5.71
C GLN F 78 3.38 18.19 4.78
N GLY F 79 4.19 19.13 5.24
CA GLY F 79 4.57 20.27 4.43
C GLY F 79 3.71 21.49 4.63
N ARG F 80 2.97 21.56 5.73
CA ARG F 80 2.07 22.66 6.06
C ARG F 80 2.32 23.12 7.48
N THR F 81 3.58 23.38 7.80
CA THR F 81 3.99 23.69 9.16
C THR F 81 3.23 24.89 9.71
N LEU F 82 2.83 24.80 10.98
CA LEU F 82 2.01 25.79 11.65
C LEU F 82 2.77 26.36 12.84
N TYR F 83 2.68 27.66 13.03
CA TYR F 83 3.34 28.34 14.14
C TYR F 83 2.32 28.62 15.25
N GLY F 84 2.83 29.10 16.38
CA GLY F 84 1.99 29.53 17.48
C GLY F 84 1.47 28.44 18.38
N PHE F 85 1.86 27.18 18.15
CA PHE F 85 1.41 26.06 18.96
C PHE F 85 2.58 25.14 19.28
N GLY F 86 3.71 25.73 19.70
CA GLY F 86 4.88 24.97 20.02
C GLY F 86 6.05 25.24 19.10
N GLY F 87 6.51 24.23 18.38
CA GLY F 87 7.62 24.37 17.47
C GLY F 87 7.24 24.12 16.02
N ARG G 2 38.23 -18.96 15.26
CA ARG G 2 36.87 -18.55 15.61
C ARG G 2 35.83 -19.29 14.76
N ALA G 3 34.57 -18.96 14.97
CA ALA G 3 33.50 -19.54 14.17
C ALA G 3 33.54 -19.00 12.75
N LYS G 4 32.95 -19.77 11.82
CA LYS G 4 32.92 -19.37 10.43
C LYS G 4 32.07 -18.11 10.25
N ALA G 5 32.50 -17.24 9.35
CA ALA G 5 31.81 -15.98 9.12
C ALA G 5 30.44 -16.21 8.49
N LYS G 6 29.44 -15.49 8.99
CA LYS G 6 28.08 -15.58 8.44
C LYS G 6 27.55 -14.15 8.33
N THR G 7 27.30 -13.71 7.10
CA THR G 7 26.82 -12.35 6.87
C THR G 7 25.45 -12.16 7.48
N ARG G 8 25.19 -10.93 7.94
CA ARG G 8 23.93 -10.64 8.62
C ARG G 8 22.74 -10.78 7.66
N SER G 9 22.96 -10.59 6.36
CA SER G 9 21.90 -10.81 5.40
C SER G 9 21.45 -12.27 5.40
N SER G 10 22.40 -13.19 5.52
CA SER G 10 22.05 -14.61 5.59
C SER G 10 21.20 -14.91 6.83
N ARG G 11 21.57 -14.34 7.98
CA ARG G 11 20.76 -14.53 9.18
C ARG G 11 19.36 -13.93 9.02
N ALA G 12 19.28 -12.72 8.47
CA ALA G 12 17.99 -12.06 8.32
C ALA G 12 17.18 -12.65 7.17
N GLY G 13 17.82 -13.39 6.26
CA GLY G 13 17.14 -13.93 5.11
C GLY G 13 16.95 -12.97 3.97
N LEU G 14 17.40 -11.72 4.11
CA LEU G 14 17.25 -10.71 3.09
C LEU G 14 18.42 -10.78 2.10
N GLN G 15 18.27 -10.06 0.99
CA GLN G 15 19.34 -9.93 0.01
C GLN G 15 20.10 -8.62 0.12
N PHE G 16 19.47 -7.58 0.66
CA PHE G 16 20.16 -6.31 0.84
C PHE G 16 21.19 -6.41 1.96
N PRO G 17 22.23 -5.57 1.95
CA PRO G 17 23.30 -5.67 2.95
C PRO G 17 22.86 -5.07 4.28
N VAL G 18 22.79 -5.91 5.31
CA VAL G 18 22.45 -5.42 6.64
C VAL G 18 23.61 -4.61 7.21
N GLY G 19 24.84 -5.10 7.03
CA GLY G 19 25.99 -4.42 7.61
C GLY G 19 26.21 -3.04 7.04
N ARG G 20 26.08 -2.90 5.72
CA ARG G 20 26.26 -1.59 5.09
C ARG G 20 25.18 -0.61 5.56
N VAL G 21 23.94 -1.08 5.66
CA VAL G 21 22.86 -0.23 6.15
C VAL G 21 23.13 0.21 7.58
N HIS G 22 23.59 -0.72 8.42
CA HIS G 22 23.91 -0.38 9.81
C HIS G 22 25.03 0.64 9.89
N ARG G 23 26.07 0.47 9.08
CA ARG G 23 27.17 1.42 9.08
C ARG G 23 26.72 2.80 8.61
N LEU G 24 25.87 2.84 7.58
CA LEU G 24 25.35 4.12 7.11
C LEU G 24 24.50 4.80 8.18
N LEU G 25 23.67 4.02 8.88
CA LEU G 25 22.85 4.59 9.95
C LEU G 25 23.72 5.12 11.08
N ARG G 26 24.75 4.38 11.46
CA ARG G 26 25.60 4.81 12.58
C ARG G 26 26.42 6.04 12.19
N LYS G 27 26.93 6.09 10.96
CA LYS G 27 27.81 7.16 10.51
C LYS G 27 27.07 8.22 9.70
N GLY G 28 25.75 8.15 9.68
CA GLY G 28 24.94 9.12 8.98
C GLY G 28 24.48 10.31 9.81
N ASN G 29 24.98 10.46 11.03
CA ASN G 29 24.58 11.56 11.92
C ASN G 29 23.06 11.57 12.13
N TYR G 30 22.47 10.39 12.27
CA TYR G 30 21.05 10.28 12.53
C TYR G 30 20.74 10.20 14.01
N ALA G 31 21.47 9.37 14.75
CA ALA G 31 21.26 9.24 16.18
C ALA G 31 22.58 8.91 16.84
N GLU G 32 22.64 9.18 18.16
CA GLU G 32 23.86 8.87 18.91
C GLU G 32 24.12 7.37 18.92
N ARG G 33 23.08 6.56 19.11
CA ARG G 33 23.21 5.11 19.10
C ARG G 33 22.13 4.54 18.18
N VAL G 34 22.47 3.45 17.49
CA VAL G 34 21.57 2.78 16.58
C VAL G 34 21.33 1.36 17.11
N GLY G 35 20.07 1.00 17.28
CA GLY G 35 19.74 -0.32 17.78
C GLY G 35 20.12 -1.41 16.81
N ALA G 36 20.25 -2.62 17.34
CA ALA G 36 20.65 -3.77 16.53
C ALA G 36 19.54 -4.27 15.60
N GLY G 37 18.29 -3.87 15.84
CA GLY G 37 17.20 -4.34 15.01
C GLY G 37 16.78 -3.36 13.94
N ALA G 38 17.15 -2.10 14.10
CA ALA G 38 16.77 -1.07 13.11
C ALA G 38 17.37 -1.33 11.74
N PRO G 39 18.68 -1.62 11.58
CA PRO G 39 19.20 -1.84 10.22
C PRO G 39 18.54 -3.01 9.50
N VAL G 40 18.20 -4.08 10.21
CA VAL G 40 17.54 -5.21 9.57
C VAL G 40 16.18 -4.80 9.03
N TYR G 41 15.41 -4.07 9.83
CA TYR G 41 14.10 -3.60 9.39
C TYR G 41 14.23 -2.66 8.19
N LEU G 42 15.20 -1.74 8.23
CA LEU G 42 15.39 -0.82 7.12
C LEU G 42 15.81 -1.56 5.85
N ALA G 43 16.70 -2.54 5.98
CA ALA G 43 17.11 -3.33 4.82
C ALA G 43 15.94 -4.11 4.25
N ALA G 44 15.09 -4.67 5.12
CA ALA G 44 13.91 -5.39 4.64
C ALA G 44 12.96 -4.48 3.89
N VAL G 45 12.73 -3.27 4.42
CA VAL G 45 11.83 -2.34 3.74
C VAL G 45 12.41 -1.92 2.39
N LEU G 46 13.71 -1.61 2.35
CA LEU G 46 14.33 -1.23 1.09
C LEU G 46 14.27 -2.37 0.08
N GLU G 47 14.53 -3.60 0.51
CA GLU G 47 14.48 -4.74 -0.38
C GLU G 47 13.07 -4.95 -0.91
N TYR G 48 12.06 -4.81 -0.05
CA TYR G 48 10.68 -4.99 -0.51
C TYR G 48 10.30 -3.93 -1.54
N LEU G 49 10.66 -2.67 -1.29
CA LEU G 49 10.34 -1.62 -2.26
C LEU G 49 11.07 -1.84 -3.57
N THR G 50 12.35 -2.22 -3.51
CA THR G 50 13.12 -2.49 -4.72
C THR G 50 12.52 -3.66 -5.49
N ALA G 51 12.11 -4.71 -4.79
CA ALA G 51 11.48 -5.86 -5.46
C ALA G 51 10.17 -5.47 -6.10
N GLU G 52 9.37 -4.65 -5.42
CA GLU G 52 8.11 -4.18 -6.02
C GLU G 52 8.37 -3.42 -7.31
N ILE G 53 9.27 -2.44 -7.27
CA ILE G 53 9.53 -1.64 -8.47
C ILE G 53 10.13 -2.50 -9.57
N LEU G 54 11.05 -3.40 -9.21
CA LEU G 54 11.68 -4.25 -10.22
C LEU G 54 10.67 -5.18 -10.87
N GLU G 55 9.76 -5.75 -10.09
CA GLU G 55 8.74 -6.63 -10.66
C GLU G 55 7.80 -5.87 -11.58
N LEU G 56 7.38 -4.67 -11.18
CA LEU G 56 6.53 -3.87 -12.05
C LEU G 56 7.26 -3.49 -13.34
N ALA G 57 8.53 -3.11 -13.23
CA ALA G 57 9.31 -2.74 -14.41
C ALA G 57 9.50 -3.94 -15.33
N GLY G 58 9.74 -5.13 -14.75
CA GLY G 58 9.86 -6.32 -15.57
C GLY G 58 8.57 -6.67 -16.28
N ASN G 59 7.44 -6.52 -15.59
CA ASN G 59 6.15 -6.73 -16.24
C ASN G 59 5.96 -5.77 -17.40
N ALA G 60 6.28 -4.49 -17.20
CA ALA G 60 6.15 -3.52 -18.27
C ALA G 60 7.08 -3.84 -19.44
N ALA G 61 8.32 -4.25 -19.14
CA ALA G 61 9.28 -4.59 -20.19
C ALA G 61 8.83 -5.80 -20.99
N ARG G 62 8.31 -6.82 -20.30
CA ARG G 62 7.77 -7.98 -21.00
C ARG G 62 6.59 -7.60 -21.87
N ASP G 63 5.74 -6.69 -21.39
CA ASP G 63 4.65 -6.18 -22.21
C ASP G 63 5.15 -5.40 -23.42
N ASN G 64 6.38 -4.88 -23.37
CA ASN G 64 6.95 -4.13 -24.47
C ASN G 64 7.91 -4.96 -25.32
N LYS G 65 7.98 -6.28 -25.09
CA LYS G 65 8.80 -7.18 -25.88
C LYS G 65 10.27 -6.78 -25.85
N LYS G 66 10.76 -6.37 -24.68
CA LYS G 66 12.16 -6.02 -24.49
C LYS G 66 12.69 -6.77 -23.28
N THR G 67 13.85 -7.42 -23.44
CA THR G 67 14.42 -8.21 -22.36
C THR G 67 15.00 -7.33 -21.27
N ARG G 68 15.76 -6.30 -21.64
CA ARG G 68 16.43 -5.45 -20.67
C ARG G 68 15.50 -4.34 -20.19
N ILE G 69 15.63 -3.99 -18.92
CA ILE G 69 14.82 -2.94 -18.32
C ILE G 69 15.48 -1.59 -18.60
N ILE G 70 14.74 -0.66 -19.19
CA ILE G 70 15.25 0.66 -19.53
C ILE G 70 14.45 1.68 -18.74
N PRO G 71 14.96 2.90 -18.60
CA PRO G 71 14.25 3.91 -17.79
C PRO G 71 12.82 4.17 -18.24
N ARG G 72 12.51 4.02 -19.53
CA ARG G 72 11.14 4.17 -19.98
C ARG G 72 10.22 3.14 -19.31
N HIS G 73 10.67 1.89 -19.23
CA HIS G 73 9.90 0.87 -18.54
C HIS G 73 9.75 1.21 -17.07
N LEU G 74 10.81 1.74 -16.46
CA LEU G 74 10.76 2.10 -15.04
C LEU G 74 9.71 3.19 -14.80
N GLN G 75 9.68 4.22 -15.66
CA GLN G 75 8.69 5.27 -15.51
C GLN G 75 7.29 4.74 -15.78
N LEU G 76 7.12 3.86 -16.77
CA LEU G 76 5.82 3.27 -17.04
C LEU G 76 5.32 2.46 -15.86
N ALA G 77 6.22 1.76 -15.18
CA ALA G 77 5.82 0.96 -14.03
C ALA G 77 5.51 1.83 -12.81
N VAL G 78 6.32 2.86 -12.57
CA VAL G 78 6.14 3.69 -11.39
C VAL G 78 4.88 4.54 -11.52
N ARG G 79 4.68 5.17 -12.68
CA ARG G 79 3.57 6.10 -12.86
C ARG G 79 2.22 5.41 -13.01
N ASN G 80 2.21 4.11 -13.32
CA ASN G 80 0.96 3.39 -13.50
C ASN G 80 0.44 2.77 -12.21
N ASP G 81 1.17 2.91 -11.11
CA ASP G 81 0.75 2.38 -9.81
C ASP G 81 0.43 3.54 -8.88
N GLU G 82 -0.78 3.53 -8.32
CA GLU G 82 -1.25 4.66 -7.52
C GLU G 82 -0.38 4.86 -6.28
N GLU G 83 -0.08 3.78 -5.55
CA GLU G 83 0.70 3.91 -4.34
C GLU G 83 2.13 4.37 -4.64
N LEU G 84 2.76 3.78 -5.67
CA LEU G 84 4.11 4.20 -6.02
C LEU G 84 4.14 5.61 -6.59
N ASN G 85 3.10 6.00 -7.34
CA ASN G 85 3.01 7.37 -7.82
C ASN G 85 2.89 8.34 -6.65
N LYS G 86 2.11 7.99 -5.63
CA LYS G 86 2.02 8.81 -4.44
C LYS G 86 3.35 8.90 -3.72
N LEU G 87 4.08 7.78 -3.65
CA LEU G 87 5.39 7.80 -2.98
C LEU G 87 6.37 8.70 -3.71
N LEU G 88 6.50 8.52 -5.02
CA LEU G 88 7.39 9.36 -5.84
C LEU G 88 6.61 10.50 -6.48
N GLY G 89 5.96 11.29 -5.64
CA GLY G 89 5.15 12.40 -6.14
C GLY G 89 5.97 13.49 -6.79
N ARG G 90 7.11 13.83 -6.18
CA ARG G 90 7.96 14.92 -6.65
C ARG G 90 9.32 14.42 -7.10
N VAL G 91 9.34 13.31 -7.84
CA VAL G 91 10.58 12.70 -8.32
C VAL G 91 10.51 12.61 -9.84
N THR G 92 11.54 13.11 -10.50
CA THR G 92 11.66 13.05 -11.96
C THR G 92 12.66 11.97 -12.33
N ILE G 93 12.23 11.03 -13.17
CA ILE G 93 13.10 9.95 -13.64
C ILE G 93 13.72 10.37 -14.95
N ALA G 94 15.05 10.33 -15.02
CA ALA G 94 15.76 10.73 -16.23
C ALA G 94 15.40 9.82 -17.39
N GLN G 95 15.10 10.43 -18.54
CA GLN G 95 14.69 9.71 -19.74
C GLN G 95 13.51 8.78 -19.46
N GLY G 96 12.57 9.26 -18.64
CA GLY G 96 11.42 8.46 -18.28
C GLY G 96 10.24 8.65 -19.20
N GLY G 97 10.16 9.80 -19.85
CA GLY G 97 9.01 10.09 -20.69
C GLY G 97 7.79 10.48 -19.87
N VAL G 98 6.63 10.30 -20.49
CA VAL G 98 5.35 10.69 -19.90
C VAL G 98 4.30 9.64 -20.27
N LEU G 99 3.40 9.38 -19.33
CA LEU G 99 2.32 8.42 -19.58
C LEU G 99 1.51 8.85 -20.80
N PRO G 100 1.25 7.95 -21.75
CA PRO G 100 0.48 8.33 -22.94
C PRO G 100 -0.97 8.59 -22.61
N ASN G 101 -1.39 9.86 -22.65
CA ASN G 101 -2.78 10.21 -22.43
C ASN G 101 -3.12 11.48 -23.20
N ILE G 102 -4.40 11.61 -23.56
CA ILE G 102 -4.93 12.78 -24.23
C ILE G 102 -6.27 13.14 -23.59
N GLN G 103 -6.52 14.43 -23.45
CA GLN G 103 -7.80 14.86 -22.89
C GLN G 103 -8.94 14.48 -23.82
N SER G 104 -10.12 14.24 -23.22
CA SER G 104 -11.26 13.77 -24.00
C SER G 104 -11.71 14.79 -25.03
N VAL G 105 -11.70 16.08 -24.65
CA VAL G 105 -12.22 17.11 -25.55
C VAL G 105 -11.30 17.26 -26.77
N LEU G 106 -10.00 17.13 -26.57
CA LEU G 106 -9.05 17.32 -27.67
C LEU G 106 -9.22 16.28 -28.78
N LEU G 107 -9.78 15.12 -28.46
CA LEU G 107 -10.01 14.11 -29.48
C LEU G 107 -11.06 14.58 -30.48
N PRO G 108 -11.00 14.11 -31.73
CA PRO G 108 -11.96 14.52 -32.77
C PRO G 108 -13.39 14.09 -32.45
N LYS H 3 41.79 4.18 -8.57
CA LYS H 3 40.65 4.98 -8.17
C LYS H 3 40.15 4.52 -6.79
N THR H 4 39.36 5.35 -6.13
CA THR H 4 38.85 5.01 -4.82
C THR H 4 37.74 3.96 -4.93
N ARG H 5 37.33 3.44 -3.77
CA ARG H 5 36.25 2.48 -3.70
C ARG H 5 34.95 3.22 -3.39
N LYS H 6 34.14 3.45 -4.43
CA LYS H 6 32.83 4.06 -4.27
C LYS H 6 31.79 2.96 -4.12
N GLU H 7 30.88 3.13 -3.18
CA GLU H 7 29.93 2.09 -2.79
C GLU H 7 28.57 2.36 -3.41
N SER H 8 28.05 1.35 -4.12
CA SER H 8 26.75 1.45 -4.76
C SER H 8 26.01 0.14 -4.54
N TYR H 9 24.68 0.20 -4.73
CA TYR H 9 23.81 -0.94 -4.49
C TYR H 9 23.55 -1.75 -5.76
N ALA H 10 24.51 -1.76 -6.69
CA ALA H 10 24.30 -2.45 -7.96
C ALA H 10 24.14 -3.94 -7.77
N ILE H 11 25.02 -4.56 -6.97
CA ILE H 11 25.00 -6.01 -6.83
C ILE H 11 23.72 -6.47 -6.13
N TYR H 12 23.26 -5.71 -5.14
CA TYR H 12 22.08 -6.13 -4.39
C TYR H 12 20.81 -5.98 -5.22
N VAL H 13 20.69 -4.88 -5.97
CA VAL H 13 19.54 -4.71 -6.85
C VAL H 13 19.54 -5.76 -7.95
N TYR H 14 20.73 -6.09 -8.48
CA TYR H 14 20.81 -7.15 -9.48
C TYR H 14 20.41 -8.50 -8.89
N LYS H 15 20.82 -8.77 -7.65
CA LYS H 15 20.40 -10.01 -6.99
C LYS H 15 18.90 -10.06 -6.82
N VAL H 16 18.29 -8.94 -6.42
CA VAL H 16 16.83 -8.90 -6.27
C VAL H 16 16.15 -9.13 -7.60
N LEU H 17 16.66 -8.51 -8.67
CA LEU H 17 16.09 -8.71 -10.00
C LEU H 17 16.20 -10.15 -10.44
N LYS H 18 17.36 -10.78 -10.21
CA LYS H 18 17.54 -12.18 -10.57
C LYS H 18 16.61 -13.09 -9.79
N GLN H 19 16.40 -12.81 -8.50
CA GLN H 19 15.42 -13.55 -7.71
C GLN H 19 14.00 -13.37 -8.23
N VAL H 20 13.63 -12.15 -8.64
CA VAL H 20 12.29 -11.92 -9.17
C VAL H 20 12.18 -12.42 -10.60
N HIS H 21 13.02 -11.88 -11.49
CA HIS H 21 13.04 -12.28 -12.90
C HIS H 21 14.35 -12.98 -13.20
N PRO H 22 14.36 -14.30 -13.28
CA PRO H 22 15.63 -15.02 -13.51
C PRO H 22 16.29 -14.72 -14.84
N ASP H 23 15.55 -14.22 -15.83
CA ASP H 23 16.09 -14.00 -17.17
C ASP H 23 16.19 -12.54 -17.58
N THR H 24 15.38 -11.65 -17.00
CA THR H 24 15.38 -10.26 -17.42
C THR H 24 16.65 -9.55 -16.94
N GLY H 25 17.32 -8.87 -17.87
CA GLY H 25 18.49 -8.08 -17.56
C GLY H 25 18.15 -6.61 -17.32
N ILE H 26 19.18 -5.85 -16.94
CA ILE H 26 19.02 -4.44 -16.63
C ILE H 26 20.15 -3.65 -17.29
N SER H 27 19.92 -2.36 -17.44
CA SER H 27 20.87 -1.47 -18.09
C SER H 27 21.55 -0.56 -17.06
N SER H 28 22.62 0.11 -17.52
CA SER H 28 23.39 0.97 -16.63
C SER H 28 22.55 2.15 -16.13
N LYS H 29 21.76 2.76 -17.02
CA LYS H 29 20.91 3.88 -16.61
C LYS H 29 19.87 3.42 -15.59
N ALA H 30 19.28 2.26 -15.81
CA ALA H 30 18.32 1.72 -14.84
C ALA H 30 19.01 1.41 -13.51
N MET H 31 20.24 0.92 -13.57
CA MET H 31 21.00 0.68 -12.34
C MET H 31 21.23 1.97 -11.57
N SER H 32 21.62 3.04 -12.27
CA SER H 32 21.81 4.32 -11.60
C SER H 32 20.50 4.83 -11.02
N ILE H 33 19.40 4.68 -11.75
CA ILE H 33 18.10 5.13 -11.26
C ILE H 33 17.70 4.37 -10.01
N MET H 34 17.89 3.05 -10.00
CA MET H 34 17.56 2.27 -8.82
C MET H 34 18.47 2.61 -7.64
N ASN H 35 19.76 2.84 -7.90
CA ASN H 35 20.65 3.23 -6.82
C ASN H 35 20.21 4.55 -6.20
N SER H 36 19.87 5.54 -7.05
CA SER H 36 19.41 6.82 -6.54
C SER H 36 18.09 6.67 -5.78
N PHE H 37 17.18 5.85 -6.29
CA PHE H 37 15.89 5.66 -5.63
C PHE H 37 16.05 5.02 -4.26
N VAL H 38 16.88 3.97 -4.17
CA VAL H 38 17.07 3.30 -2.89
C VAL H 38 17.79 4.23 -1.92
N ASN H 39 18.76 5.00 -2.40
CA ASN H 39 19.42 5.97 -1.54
C ASN H 39 18.43 7.01 -1.02
N ASP H 40 17.54 7.50 -1.89
CA ASP H 40 16.56 8.49 -1.48
C ASP H 40 15.58 7.92 -0.45
N VAL H 41 15.08 6.70 -0.67
CA VAL H 41 14.14 6.10 0.26
C VAL H 41 14.82 5.85 1.60
N PHE H 42 16.05 5.33 1.57
CA PHE H 42 16.80 5.10 2.81
C PHE H 42 17.03 6.41 3.55
N GLU H 43 17.37 7.47 2.83
CA GLU H 43 17.58 8.77 3.47
C GLU H 43 16.30 9.29 4.09
N ARG H 44 15.17 9.16 3.39
CA ARG H 44 13.91 9.62 3.94
C ARG H 44 13.54 8.86 5.21
N ILE H 45 13.64 7.53 5.16
CA ILE H 45 13.26 6.72 6.32
C ILE H 45 14.20 6.98 7.48
N ALA H 46 15.50 7.07 7.22
CA ALA H 46 16.47 7.32 8.29
C ALA H 46 16.28 8.71 8.88
N GLY H 47 15.96 9.71 8.05
CA GLY H 47 15.70 11.04 8.58
C GLY H 47 14.46 11.07 9.44
N GLU H 48 13.39 10.40 8.99
CA GLU H 48 12.17 10.33 9.80
C GLU H 48 12.44 9.62 11.12
N ALA H 49 13.20 8.52 11.08
CA ALA H 49 13.53 7.79 12.30
C ALA H 49 14.41 8.60 13.24
N SER H 50 15.38 9.33 12.70
CA SER H 50 16.22 10.19 13.52
C SER H 50 15.41 11.29 14.17
N ARG H 51 14.51 11.91 13.39
CA ARG H 51 13.62 12.90 13.95
C ARG H 51 12.78 12.30 15.07
N LEU H 52 12.21 11.12 14.84
CA LEU H 52 11.36 10.51 15.86
C LEU H 52 12.16 10.16 17.11
N ALA H 53 13.38 9.66 16.95
CA ALA H 53 14.21 9.32 18.10
C ALA H 53 14.54 10.55 18.92
N HIS H 54 15.05 11.61 18.28
CA HIS H 54 15.30 12.87 18.97
C HIS H 54 14.02 13.52 19.48
N TYR H 55 12.89 13.14 18.91
CA TYR H 55 11.63 13.88 18.93
C TYR H 55 10.86 13.65 20.22
N ASN H 56 11.03 12.48 20.83
CA ASN H 56 10.51 12.18 22.16
C ASN H 56 11.60 12.15 23.23
N LYS H 57 12.75 12.77 22.97
CA LYS H 57 13.87 12.80 23.90
C LYS H 57 14.42 11.39 24.16
N ARG H 58 14.79 10.71 23.06
CA ARG H 58 15.45 9.42 23.13
C ARG H 58 16.71 9.47 22.28
N SER H 59 17.77 8.84 22.76
CA SER H 59 19.08 8.90 22.11
C SER H 59 19.38 7.71 21.22
N THR H 60 18.42 6.81 21.02
CA THR H 60 18.66 5.59 20.25
C THR H 60 17.57 5.42 19.19
N ILE H 61 17.88 4.66 18.15
CA ILE H 61 16.92 4.31 17.11
C ILE H 61 16.72 2.80 17.14
N THR H 62 15.50 2.36 17.39
CA THR H 62 15.17 0.95 17.47
C THR H 62 14.26 0.56 16.30
N SER H 63 13.81 -0.69 16.32
CA SER H 63 12.91 -1.17 15.26
C SER H 63 11.59 -0.41 15.26
N ARG H 64 11.13 0.02 16.44
CA ARG H 64 9.87 0.76 16.52
C ARG H 64 9.95 2.07 15.75
N GLU H 65 11.06 2.79 15.86
CA GLU H 65 11.23 4.05 15.15
C GLU H 65 11.17 3.83 13.64
N ILE H 66 11.88 2.82 13.15
CA ILE H 66 11.89 2.54 11.72
C ILE H 66 10.51 2.11 11.25
N GLN H 67 9.81 1.29 12.05
CA GLN H 67 8.47 0.86 11.68
C GLN H 67 7.51 2.04 11.60
N THR H 68 7.57 2.95 12.58
CA THR H 68 6.70 4.11 12.56
C THR H 68 7.03 5.03 11.39
N ALA H 69 8.33 5.20 11.09
CA ALA H 69 8.72 6.01 9.94
C ALA H 69 8.20 5.41 8.64
N VAL H 70 8.28 4.08 8.51
CA VAL H 70 7.78 3.41 7.32
C VAL H 70 6.27 3.58 7.20
N ARG H 71 5.56 3.44 8.32
CA ARG H 71 4.11 3.64 8.30
C ARG H 71 3.74 5.06 7.91
N LEU H 72 4.51 6.04 8.39
CA LEU H 72 4.21 7.44 8.09
C LEU H 72 4.52 7.78 6.64
N LEU H 73 5.67 7.35 6.13
CA LEU H 73 6.13 7.79 4.82
C LEU H 73 5.42 7.04 3.69
N LEU H 74 5.52 5.72 3.69
CA LEU H 74 4.92 4.94 2.61
C LEU H 74 3.41 5.09 2.63
N PRO H 75 2.78 5.48 1.52
CA PRO H 75 1.33 5.68 1.50
C PRO H 75 0.57 4.43 1.09
N GLY H 76 -0.54 4.19 1.79
CA GLY H 76 -1.46 3.14 1.41
C GLY H 76 -0.95 1.75 1.74
N GLU H 77 -1.53 0.76 1.05
CA GLU H 77 -1.28 -0.65 1.33
C GLU H 77 0.20 -0.99 1.38
N LEU H 78 1.00 -0.41 0.47
CA LEU H 78 2.44 -0.60 0.50
C LEU H 78 2.98 -0.60 1.93
N ALA H 79 2.70 0.48 2.67
CA ALA H 79 3.25 0.62 4.02
C ALA H 79 2.95 -0.62 4.84
N LYS H 80 1.68 -1.03 4.90
CA LYS H 80 1.31 -2.21 5.67
C LYS H 80 2.17 -3.40 5.26
N HIS H 81 2.22 -3.70 3.95
CA HIS H 81 3.05 -4.80 3.49
C HIS H 81 4.49 -4.62 3.98
N ALA H 82 5.07 -3.45 3.73
CA ALA H 82 6.42 -3.19 4.18
C ALA H 82 6.56 -3.47 5.66
N VAL H 83 5.62 -2.96 6.46
CA VAL H 83 5.70 -3.16 7.90
C VAL H 83 5.76 -4.65 8.20
N SER H 84 4.83 -5.42 7.61
CA SER H 84 4.85 -6.87 7.82
C SER H 84 6.21 -7.42 7.46
N GLU H 85 6.70 -7.10 6.27
CA GLU H 85 8.02 -7.58 5.85
C GLU H 85 9.05 -7.24 6.91
N GLY H 86 9.09 -5.98 7.33
CA GLY H 86 10.06 -5.58 8.34
C GLY H 86 9.97 -6.45 9.57
N THR H 87 8.75 -6.59 10.10
CA THR H 87 8.58 -7.41 11.29
C THR H 87 9.13 -8.80 11.07
N LYS H 88 8.77 -9.42 9.93
CA LYS H 88 9.26 -10.76 9.64
C LYS H 88 10.77 -10.81 9.72
N ALA H 89 11.45 -9.85 9.08
CA ALA H 89 12.91 -9.84 9.11
C ALA H 89 13.40 -9.83 10.55
N VAL H 90 12.89 -8.91 11.36
CA VAL H 90 13.34 -8.83 12.75
C VAL H 90 13.08 -10.15 13.45
N THR H 91 11.91 -10.75 13.19
CA THR H 91 11.58 -12.02 13.84
C THR H 91 12.66 -13.05 13.56
N LYS H 92 13.17 -13.09 12.33
CA LYS H 92 14.20 -14.07 12.00
C LYS H 92 15.45 -13.84 12.83
N TYR H 93 15.87 -12.57 13.00
CA TYR H 93 17.00 -12.29 13.87
C TYR H 93 16.70 -12.70 15.32
N THR H 94 15.45 -12.59 15.74
CA THR H 94 15.08 -13.09 17.06
C THR H 94 15.28 -14.60 17.13
N SER H 95 14.96 -15.31 16.04
CA SER H 95 15.12 -16.76 16.04
C SER H 95 16.59 -17.15 16.03
N ALA H 96 17.40 -16.45 15.24
CA ALA H 96 18.82 -16.78 15.11
C ALA H 96 19.69 -15.59 15.50
N CYS K 1 -36.78 -10.29 1.46
CA CYS K 1 -36.40 -10.29 2.88
C CYS K 1 -36.50 -8.88 3.45
N PRO K 2 -36.77 -8.78 4.76
CA PRO K 2 -36.87 -7.46 5.38
C PRO K 2 -35.58 -6.66 5.26
N GLU K 3 -35.73 -5.35 5.11
CA GLU K 3 -34.58 -4.48 4.91
C GLU K 3 -33.80 -4.22 6.20
N GLN K 4 -34.32 -4.63 7.35
CA GLN K 4 -33.66 -4.43 8.64
C GLN K 4 -33.25 -5.79 9.18
N ASP K 5 -32.07 -6.24 8.77
CA ASP K 5 -31.49 -7.49 9.26
C ASP K 5 -30.01 -7.29 9.48
N LYS K 6 -29.48 -7.87 10.55
CA LYS K 6 -28.07 -7.74 10.88
C LYS K 6 -27.37 -9.08 11.10
N TYR K 7 -27.98 -10.19 10.71
CA TYR K 7 -27.32 -11.49 10.68
C TYR K 7 -27.50 -12.13 9.31
N ARG K 8 -26.47 -12.85 8.87
CA ARG K 8 -26.53 -13.55 7.60
C ARG K 8 -27.54 -14.69 7.65
N THR K 9 -28.26 -14.86 6.54
CA THR K 9 -29.16 -16.00 6.42
C THR K 9 -28.35 -17.28 6.22
N ILE K 10 -28.97 -18.41 6.58
CA ILE K 10 -28.30 -19.71 6.44
C ILE K 10 -27.97 -19.98 4.99
N THR K 11 -28.91 -19.73 4.09
CA THR K 11 -28.72 -19.95 2.66
C THR K 11 -28.08 -18.75 1.97
N GLY K 12 -27.77 -17.68 2.69
CA GLY K 12 -27.18 -16.51 2.07
C GLY K 12 -28.14 -15.75 1.19
N MET K 13 -29.44 -15.85 1.43
CA MET K 13 -30.43 -15.20 0.61
C MET K 13 -30.35 -13.68 0.75
N CYS K 14 -30.69 -12.98 -0.34
CA CYS K 14 -30.74 -11.52 -0.42
C CYS K 14 -29.52 -10.85 0.20
N ASN K 15 -28.34 -11.44 0.01
CA ASN K 15 -27.12 -10.78 0.44
C ASN K 15 -26.89 -9.49 -0.34
N ASN K 16 -27.19 -9.51 -1.64
CA ASN K 16 -27.12 -8.32 -2.48
C ASN K 16 -28.54 -7.83 -2.74
N ARG K 17 -28.78 -6.54 -2.46
CA ARG K 17 -30.13 -5.99 -2.56
C ARG K 17 -30.64 -6.02 -4.00
N ARG K 18 -29.78 -5.71 -4.97
CA ARG K 18 -30.22 -5.66 -6.36
C ARG K 18 -30.67 -7.03 -6.86
N SER K 19 -29.92 -8.08 -6.51
CA SER K 19 -30.25 -9.44 -6.92
C SER K 19 -30.16 -10.36 -5.71
N PRO K 20 -31.29 -10.81 -5.16
CA PRO K 20 -31.23 -11.71 -4.00
C PRO K 20 -30.58 -13.05 -4.29
N THR K 21 -30.53 -13.47 -5.56
CA THR K 21 -29.97 -14.77 -5.91
C THR K 21 -28.45 -14.78 -5.96
N LEU K 22 -27.80 -13.62 -5.82
CA LEU K 22 -26.35 -13.57 -5.89
C LEU K 22 -25.73 -14.16 -4.63
N GLY K 23 -24.90 -15.19 -4.82
CA GLY K 23 -24.23 -15.83 -3.71
C GLY K 23 -25.04 -16.86 -2.95
N ALA K 24 -26.29 -17.08 -3.33
CA ALA K 24 -27.13 -18.05 -2.65
C ALA K 24 -26.73 -19.47 -3.03
N SER K 25 -27.00 -20.40 -2.12
CA SER K 25 -26.71 -21.80 -2.37
C SER K 25 -27.68 -22.37 -3.41
N ASN K 26 -27.33 -23.55 -3.92
CA ASN K 26 -28.12 -24.23 -4.94
C ASN K 26 -28.33 -23.35 -6.18
N ARG K 27 -27.28 -22.65 -6.58
CA ARG K 27 -27.31 -21.77 -7.73
C ARG K 27 -26.14 -22.08 -8.65
N ALA K 28 -26.32 -21.74 -9.93
CA ALA K 28 -25.31 -22.03 -10.93
C ALA K 28 -24.08 -21.15 -10.73
N PHE K 29 -22.91 -21.69 -11.08
CA PHE K 29 -21.68 -20.93 -11.01
C PHE K 29 -21.67 -19.83 -12.08
N VAL K 30 -21.02 -18.72 -11.75
CA VAL K 30 -20.82 -17.65 -12.71
C VAL K 30 -19.63 -18.00 -13.58
N ARG K 31 -19.71 -17.65 -14.87
CA ARG K 31 -18.68 -17.98 -15.84
C ARG K 31 -17.98 -16.71 -16.27
N TRP K 32 -16.66 -16.63 -16.01
CA TRP K 32 -15.88 -15.49 -16.46
C TRP K 32 -15.64 -15.53 -17.96
N LEU K 33 -15.47 -16.73 -18.51
CA LEU K 33 -15.24 -16.94 -19.93
C LEU K 33 -16.32 -17.87 -20.49
N PRO K 34 -16.67 -17.74 -21.77
CA PRO K 34 -17.66 -18.65 -22.35
C PRO K 34 -17.17 -20.08 -22.34
N ALA K 35 -18.13 -21.01 -22.29
CA ALA K 35 -17.81 -22.43 -22.18
C ALA K 35 -17.09 -22.91 -23.44
N GLU K 36 -16.29 -23.96 -23.27
CA GLU K 36 -15.48 -24.54 -24.33
C GLU K 36 -15.76 -26.03 -24.45
N TYR K 37 -17.05 -26.38 -24.51
CA TYR K 37 -17.46 -27.77 -24.56
C TYR K 37 -17.08 -28.41 -25.90
N GLU K 38 -17.39 -29.70 -26.03
CA GLU K 38 -17.02 -30.44 -27.23
C GLU K 38 -17.92 -30.09 -28.41
N ASP K 39 -19.24 -30.29 -28.26
CA ASP K 39 -20.19 -29.96 -29.30
C ASP K 39 -20.77 -28.56 -29.16
N GLY K 40 -20.41 -27.84 -28.10
CA GLY K 40 -20.88 -26.49 -27.89
C GLY K 40 -22.14 -26.38 -27.05
N PHE K 41 -22.81 -27.49 -26.74
CA PHE K 41 -24.02 -27.46 -25.92
C PHE K 41 -23.81 -28.11 -24.57
N SER K 42 -23.49 -29.41 -24.54
CA SER K 42 -23.11 -30.08 -23.29
C SER K 42 -22.33 -31.33 -23.66
N LEU K 43 -20.99 -31.24 -23.59
CA LEU K 43 -20.11 -32.38 -23.84
C LEU K 43 -18.69 -32.04 -23.40
N PRO K 44 -18.02 -32.92 -22.67
CA PRO K 44 -16.61 -32.69 -22.34
C PRO K 44 -15.67 -33.19 -23.43
N TYR K 45 -14.54 -32.51 -23.54
CA TYR K 45 -13.53 -32.91 -24.52
C TYR K 45 -12.94 -34.27 -24.15
N GLY K 46 -12.73 -35.10 -25.16
CA GLY K 46 -12.33 -36.47 -24.96
C GLY K 46 -13.48 -37.45 -24.86
N TRP K 47 -14.73 -36.97 -24.84
CA TRP K 47 -15.88 -37.86 -24.81
C TRP K 47 -15.96 -38.70 -26.08
N THR K 48 -15.83 -38.06 -27.23
CA THR K 48 -15.87 -38.76 -28.51
C THR K 48 -14.45 -38.87 -29.08
N PRO K 49 -13.89 -40.07 -29.17
CA PRO K 49 -12.53 -40.20 -29.70
C PRO K 49 -12.44 -39.73 -31.14
N GLY K 50 -11.28 -39.17 -31.49
CA GLY K 50 -11.02 -38.68 -32.83
C GLY K 50 -11.24 -37.20 -33.03
N VAL K 51 -11.88 -36.52 -32.08
CA VAL K 51 -12.11 -35.09 -32.19
C VAL K 51 -10.96 -34.35 -31.56
N LYS K 52 -10.42 -33.37 -32.28
CA LYS K 52 -9.23 -32.64 -31.86
C LYS K 52 -9.60 -31.28 -31.27
N ARG K 53 -8.83 -30.87 -30.26
CA ARG K 53 -8.97 -29.54 -29.67
C ARG K 53 -8.13 -28.56 -30.47
N ASN K 54 -8.79 -27.69 -31.23
CA ASN K 54 -8.13 -26.68 -32.05
C ASN K 54 -7.11 -27.31 -33.01
N GLY K 55 -7.49 -28.46 -33.57
CA GLY K 55 -6.64 -29.14 -34.53
C GLY K 55 -5.66 -30.14 -33.94
N PHE K 56 -5.56 -30.22 -32.61
CA PHE K 56 -4.67 -31.17 -31.98
C PHE K 56 -5.46 -32.16 -31.13
N PRO K 57 -5.11 -33.45 -31.18
CA PRO K 57 -5.86 -34.44 -30.40
C PRO K 57 -5.75 -34.17 -28.90
N VAL K 58 -6.84 -34.44 -28.19
CA VAL K 58 -6.86 -34.26 -26.75
C VAL K 58 -6.03 -35.35 -26.09
N ALA K 59 -5.43 -35.02 -24.95
CA ALA K 59 -4.59 -35.95 -24.21
C ALA K 59 -5.35 -36.47 -23.00
N LEU K 60 -5.21 -37.77 -22.73
CA LEU K 60 -5.85 -38.37 -21.57
C LEU K 60 -5.29 -37.76 -20.29
N ALA K 61 -6.18 -37.47 -19.34
CA ALA K 61 -5.75 -36.86 -18.09
C ALA K 61 -4.80 -37.77 -17.32
N ARG K 62 -5.08 -39.08 -17.31
CA ARG K 62 -4.15 -40.02 -16.69
C ARG K 62 -2.83 -40.06 -17.46
N ALA K 63 -2.89 -40.00 -18.78
CA ALA K 63 -1.67 -40.02 -19.59
C ALA K 63 -0.81 -38.80 -19.31
N VAL K 64 -1.43 -37.63 -19.21
CA VAL K 64 -0.66 -36.41 -18.94
C VAL K 64 -0.24 -36.32 -17.47
N SER K 65 -0.94 -36.99 -16.56
CA SER K 65 -0.54 -37.02 -15.17
C SER K 65 0.52 -38.08 -14.88
N ASN K 66 0.72 -39.03 -15.80
CA ASN K 66 1.73 -40.06 -15.60
C ASN K 66 3.15 -39.54 -15.80
N GLU K 67 3.36 -38.60 -16.73
CA GLU K 67 4.71 -38.21 -17.10
C GLU K 67 5.02 -36.73 -16.89
N ILE K 68 4.10 -35.94 -16.34
CA ILE K 68 4.33 -34.52 -16.10
C ILE K 68 4.47 -34.23 -14.61
N VAL K 69 3.54 -34.73 -13.79
CA VAL K 69 3.56 -34.44 -12.36
C VAL K 69 4.27 -35.53 -11.57
N ARG K 70 4.11 -36.79 -11.95
CA ARG K 70 4.66 -37.90 -11.18
C ARG K 70 6.17 -37.78 -11.03
N PHE K 71 6.65 -37.90 -9.80
CA PHE K 71 8.07 -37.89 -9.48
C PHE K 71 8.31 -38.81 -8.31
N PRO K 72 9.51 -39.37 -8.18
CA PRO K 72 9.78 -40.28 -7.06
C PRO K 72 9.61 -39.57 -5.72
N THR K 73 9.07 -40.30 -4.75
CA THR K 73 8.76 -39.73 -3.44
C THR K 73 9.98 -39.59 -2.54
N ASP K 74 11.12 -40.15 -2.93
CA ASP K 74 12.32 -40.08 -2.11
C ASP K 74 13.06 -38.75 -2.25
N GLN K 75 12.72 -37.94 -3.24
CA GLN K 75 13.38 -36.66 -3.47
C GLN K 75 12.52 -35.48 -3.03
N LEU K 76 11.74 -35.65 -1.97
CA LEU K 76 10.89 -34.58 -1.48
C LEU K 76 11.72 -33.45 -0.89
N THR K 77 11.33 -32.22 -1.19
CA THR K 77 12.01 -31.03 -0.66
C THR K 77 11.04 -30.25 0.21
N PRO K 78 11.14 -30.37 1.53
CA PRO K 78 10.22 -29.62 2.41
C PRO K 78 10.39 -28.12 2.26
N ASP K 79 9.28 -27.40 2.35
CA ASP K 79 9.29 -25.95 2.28
C ASP K 79 9.74 -25.39 3.62
N GLN K 80 10.79 -24.57 3.61
CA GLN K 80 11.34 -24.04 4.85
C GLN K 80 10.50 -22.93 5.45
N GLU K 81 9.50 -22.41 4.72
CA GLU K 81 8.64 -21.35 5.24
C GLU K 81 7.16 -21.70 5.14
N ARG K 82 6.81 -22.95 4.88
CA ARG K 82 5.42 -23.35 4.73
C ARG K 82 5.14 -24.52 5.68
N SER K 83 4.15 -24.35 6.55
CA SER K 83 3.74 -25.42 7.43
C SER K 83 2.62 -26.24 6.80
N LEU K 84 2.40 -27.44 7.35
CA LEU K 84 1.26 -28.24 6.91
C LEU K 84 -0.05 -27.57 7.28
N MET K 85 -0.05 -26.74 8.32
CA MET K 85 -1.21 -25.93 8.66
C MET K 85 -1.62 -25.04 7.50
N PHE K 86 -0.66 -24.60 6.70
CA PHE K 86 -0.96 -23.77 5.54
C PHE K 86 -1.82 -24.53 4.53
N MET K 87 -1.39 -25.73 4.15
CA MET K 87 -2.17 -26.54 3.21
C MET K 87 -3.51 -26.93 3.82
N GLN K 88 -3.54 -27.25 5.11
CA GLN K 88 -4.79 -27.63 5.76
C GLN K 88 -5.79 -26.48 5.74
N TRP K 89 -5.33 -25.26 6.04
CA TRP K 89 -6.24 -24.12 6.00
C TRP K 89 -6.68 -23.82 4.57
N GLY K 90 -5.79 -24.01 3.60
CA GLY K 90 -6.20 -23.86 2.20
C GLY K 90 -7.31 -24.83 1.83
N GLN K 91 -7.16 -26.09 2.22
CA GLN K 91 -8.19 -27.08 1.94
C GLN K 91 -9.50 -26.75 2.66
N LEU K 92 -9.39 -26.31 3.92
CA LEU K 92 -10.61 -25.94 4.66
C LEU K 92 -11.32 -24.77 3.99
N LEU K 93 -10.57 -23.76 3.55
CA LEU K 93 -11.17 -22.63 2.86
C LEU K 93 -11.81 -23.07 1.54
N ASP K 94 -11.16 -23.96 0.79
CA ASP K 94 -11.78 -24.51 -0.40
C ASP K 94 -13.05 -25.28 -0.08
N HIS K 95 -13.12 -25.91 1.09
CA HIS K 95 -14.29 -26.64 1.53
C HIS K 95 -15.44 -25.73 1.94
N ASP K 96 -15.26 -24.41 1.81
CA ASP K 96 -16.28 -23.44 2.19
C ASP K 96 -16.91 -22.74 1.00
N LEU K 97 -16.11 -22.38 0.00
CA LEU K 97 -16.62 -21.59 -1.11
C LEU K 97 -17.30 -22.40 -2.20
N ASP K 98 -16.99 -23.69 -2.33
CA ASP K 98 -17.57 -24.48 -3.41
C ASP K 98 -17.70 -25.94 -3.01
N PHE K 99 -18.73 -26.58 -3.55
CA PHE K 99 -18.90 -28.03 -3.45
C PHE K 99 -19.81 -28.46 -4.60
N THR K 100 -19.22 -29.04 -5.63
CA THR K 100 -20.00 -29.46 -6.80
C THR K 100 -20.68 -30.79 -6.50
N PRO K 101 -22.00 -30.84 -6.48
CA PRO K 101 -22.69 -32.12 -6.21
C PRO K 101 -22.56 -33.08 -7.38
N GLU K 102 -22.67 -34.37 -7.06
CA GLU K 102 -22.67 -35.42 -8.05
C GLU K 102 -23.85 -36.35 -7.81
N PRO K 103 -24.44 -36.89 -8.88
CA PRO K 103 -25.56 -37.82 -8.70
C PRO K 103 -25.13 -39.06 -7.92
N ALA K 104 -26.03 -39.56 -7.08
CA ALA K 104 -25.75 -40.72 -6.26
C ALA K 104 -25.74 -41.98 -7.10
N ALA K 105 -24.83 -42.90 -6.75
CA ALA K 105 -24.77 -44.18 -7.45
C ALA K 105 -26.05 -44.99 -7.25
N ARG K 106 -26.58 -44.98 -6.02
CA ARG K 106 -27.81 -45.71 -5.73
C ARG K 106 -28.97 -45.19 -6.55
N ALA K 107 -29.12 -43.86 -6.66
CA ALA K 107 -30.19 -43.28 -7.44
C ALA K 107 -30.02 -43.50 -8.93
N SER K 108 -28.79 -43.76 -9.39
CA SER K 108 -28.49 -44.03 -10.79
C SER K 108 -28.22 -45.50 -11.05
N PHE K 109 -28.89 -46.40 -10.32
CA PHE K 109 -28.66 -47.83 -10.53
C PHE K 109 -29.33 -48.34 -11.79
N VAL K 110 -30.25 -47.58 -12.38
CA VAL K 110 -31.00 -48.03 -13.55
C VAL K 110 -30.30 -47.57 -14.83
N THR K 111 -30.20 -46.25 -15.01
CA THR K 111 -29.63 -45.68 -16.22
C THR K 111 -28.23 -45.10 -16.04
N GLY K 112 -27.79 -44.92 -14.80
CA GLY K 112 -26.45 -44.42 -14.52
C GLY K 112 -25.39 -45.48 -14.47
N VAL K 113 -25.73 -46.73 -14.82
CA VAL K 113 -24.84 -47.90 -14.86
C VAL K 113 -23.74 -47.85 -13.80
N ASN K 114 -24.11 -47.48 -12.57
CA ASN K 114 -23.27 -47.55 -11.36
C ASN K 114 -21.79 -47.27 -11.64
N CYS K 115 -21.50 -46.06 -12.12
CA CYS K 115 -20.16 -45.69 -12.57
C CYS K 115 -19.06 -46.02 -11.56
N GLU K 116 -19.41 -46.16 -10.28
CA GLU K 116 -18.40 -46.49 -9.28
C GLU K 116 -17.80 -47.87 -9.51
N THR K 117 -18.52 -48.77 -10.16
CA THR K 117 -18.03 -50.12 -10.44
C THR K 117 -17.69 -50.31 -11.92
N SER K 118 -18.64 -50.04 -12.80
CA SER K 118 -18.44 -50.16 -14.23
C SER K 118 -18.05 -48.80 -14.83
N CYS K 119 -17.57 -48.84 -16.08
CA CYS K 119 -17.09 -47.62 -16.72
C CYS K 119 -17.55 -47.51 -18.17
N VAL K 120 -18.74 -48.04 -18.49
CA VAL K 120 -19.30 -47.82 -19.81
C VAL K 120 -19.64 -46.35 -19.97
N GLN K 121 -19.18 -45.74 -21.06
CA GLN K 121 -19.26 -44.29 -21.23
C GLN K 121 -20.70 -43.90 -21.55
N GLN K 122 -21.53 -43.88 -20.52
CA GLN K 122 -22.90 -43.41 -20.58
C GLN K 122 -23.12 -42.43 -19.44
N PRO K 123 -24.02 -41.47 -19.62
CA PRO K 123 -24.25 -40.46 -18.57
C PRO K 123 -24.86 -41.09 -17.33
N PRO K 124 -24.48 -40.61 -16.14
CA PRO K 124 -23.53 -39.54 -15.87
C PRO K 124 -22.13 -40.05 -15.52
N CYS K 125 -21.60 -41.02 -16.28
CA CYS K 125 -20.27 -41.55 -16.03
C CYS K 125 -19.29 -40.96 -17.03
N PHE K 126 -18.14 -40.50 -16.52
CA PHE K 126 -17.06 -39.96 -17.35
C PHE K 126 -15.76 -40.61 -16.91
N PRO K 127 -15.58 -41.90 -17.20
CA PRO K 127 -14.39 -42.60 -16.70
C PRO K 127 -13.12 -42.10 -17.34
N LEU K 128 -12.02 -42.25 -16.60
CA LEU K 128 -10.70 -41.85 -17.08
C LEU K 128 -10.10 -43.00 -17.87
N LYS K 129 -9.88 -42.79 -19.16
CA LYS K 129 -9.23 -43.80 -19.98
C LYS K 129 -7.78 -43.99 -19.54
N ILE K 130 -7.28 -45.21 -19.68
CA ILE K 130 -5.96 -45.56 -19.16
C ILE K 130 -4.97 -45.70 -20.32
N PRO K 131 -3.74 -45.26 -20.15
CA PRO K 131 -2.72 -45.46 -21.18
C PRO K 131 -1.89 -46.70 -20.89
N PRO K 132 -1.14 -47.18 -21.87
CA PRO K 132 -0.20 -48.28 -21.60
C PRO K 132 0.92 -47.84 -20.66
N ASN K 133 1.73 -48.81 -20.25
CA ASN K 133 2.92 -48.61 -19.42
C ASN K 133 2.59 -48.00 -18.06
N ASP K 134 1.32 -47.93 -17.69
CA ASP K 134 0.92 -47.33 -16.42
C ASP K 134 1.57 -48.13 -15.28
N PRO K 135 2.30 -47.48 -14.38
CA PRO K 135 2.97 -48.21 -13.29
C PRO K 135 2.03 -49.01 -12.40
N ARG K 136 0.81 -48.52 -12.17
CA ARG K 136 -0.08 -49.19 -11.23
C ARG K 136 -0.91 -50.30 -11.90
N ILE K 137 -1.71 -49.94 -12.89
CA ILE K 137 -2.62 -50.88 -13.54
C ILE K 137 -2.09 -51.15 -14.94
N LYS K 138 -1.62 -52.38 -15.17
CA LYS K 138 -1.13 -52.79 -16.48
C LYS K 138 -2.25 -53.20 -17.43
N ASN K 139 -3.46 -53.42 -16.92
CA ASN K 139 -4.58 -53.85 -17.74
C ASN K 139 -5.29 -52.63 -18.32
N GLN K 140 -5.44 -52.61 -19.64
CA GLN K 140 -6.06 -51.46 -20.30
C GLN K 140 -7.57 -51.42 -20.05
N ALA K 141 -8.19 -52.57 -19.76
CA ALA K 141 -9.63 -52.61 -19.57
C ALA K 141 -10.08 -51.95 -18.27
N ASP K 142 -9.15 -51.66 -17.35
CA ASP K 142 -9.53 -51.03 -16.10
C ASP K 142 -9.85 -49.55 -16.33
N CYS K 143 -10.36 -48.91 -15.28
CA CYS K 143 -10.89 -47.56 -15.41
C CYS K 143 -11.01 -46.86 -14.05
N ILE K 144 -10.48 -45.66 -13.95
CA ILE K 144 -10.61 -44.90 -12.70
C ILE K 144 -12.02 -44.33 -12.61
N PRO K 145 -12.76 -44.60 -11.53
CA PRO K 145 -14.13 -44.09 -11.43
C PRO K 145 -14.17 -42.57 -11.40
N PHE K 146 -15.22 -42.02 -12.00
CA PHE K 146 -15.42 -40.58 -12.01
C PHE K 146 -16.90 -40.31 -12.30
N PHE K 147 -17.45 -39.29 -11.64
CA PHE K 147 -18.85 -38.95 -11.76
C PHE K 147 -19.00 -37.58 -12.41
N ARG K 148 -19.91 -37.46 -13.36
CA ARG K 148 -20.18 -36.19 -14.00
C ARG K 148 -20.79 -35.22 -13.01
N SER K 149 -20.39 -33.95 -13.10
CA SER K 149 -20.94 -32.92 -12.24
C SER K 149 -22.41 -32.68 -12.56
N CYS K 150 -23.19 -32.39 -11.52
CA CYS K 150 -24.62 -32.20 -11.69
C CYS K 150 -24.89 -30.95 -12.52
N PRO K 151 -25.81 -31.02 -13.47
CA PRO K 151 -26.13 -29.83 -14.29
C PRO K 151 -26.88 -28.79 -13.47
N ALA K 152 -26.94 -27.58 -14.01
CA ALA K 152 -27.60 -26.46 -13.36
C ALA K 152 -29.06 -26.32 -13.80
N CYS K 153 -29.31 -26.23 -15.10
CA CYS K 153 -30.65 -26.07 -15.66
C CYS K 153 -30.91 -27.22 -16.62
N PRO K 154 -31.50 -28.33 -16.15
CA PRO K 154 -31.82 -29.44 -17.05
C PRO K 154 -32.83 -29.03 -18.10
N GLY K 155 -32.70 -29.62 -19.28
CA GLY K 155 -33.61 -29.33 -20.38
C GLY K 155 -32.97 -29.69 -21.71
N SER K 156 -33.43 -29.00 -22.76
CA SER K 156 -32.92 -29.23 -24.09
C SER K 156 -31.49 -28.70 -24.24
N ASN K 157 -30.85 -29.07 -25.34
CA ASN K 157 -29.48 -28.63 -25.62
C ASN K 157 -29.49 -27.26 -26.30
N ILE K 158 -30.07 -26.28 -25.58
CA ILE K 158 -30.14 -24.93 -26.07
C ILE K 158 -29.15 -24.00 -25.35
N THR K 159 -28.86 -24.25 -24.09
CA THR K 159 -27.92 -23.44 -23.32
C THR K 159 -26.75 -24.30 -22.88
N ILE K 160 -25.58 -23.66 -22.75
CA ILE K 160 -24.38 -24.37 -22.31
C ILE K 160 -24.58 -24.84 -20.87
N ARG K 161 -24.29 -26.11 -20.63
CA ARG K 161 -24.51 -26.70 -19.31
C ARG K 161 -23.55 -26.08 -18.31
N ASN K 162 -24.10 -25.66 -17.17
CA ASN K 162 -23.34 -25.10 -16.07
C ASN K 162 -23.30 -26.09 -14.91
N GLN K 163 -22.71 -25.65 -13.80
CA GLN K 163 -22.60 -26.47 -12.61
C GLN K 163 -23.28 -25.77 -11.43
N ILE K 164 -23.86 -26.56 -10.54
CA ILE K 164 -24.61 -26.06 -9.40
C ILE K 164 -23.68 -25.94 -8.20
N ASN K 165 -23.79 -24.84 -7.49
CA ASN K 165 -23.00 -24.59 -6.28
C ASN K 165 -23.87 -24.93 -5.07
N ALA K 166 -23.40 -25.88 -4.25
CA ALA K 166 -24.15 -26.37 -3.11
C ALA K 166 -23.69 -25.74 -1.80
N LEU K 167 -22.88 -24.69 -1.86
CA LEU K 167 -22.38 -24.00 -0.68
C LEU K 167 -22.50 -22.50 -0.88
N THR K 168 -22.53 -21.78 0.24
CA THR K 168 -22.63 -20.33 0.18
C THR K 168 -21.36 -19.74 -0.44
N SER K 169 -21.54 -18.87 -1.43
CA SER K 169 -20.39 -18.25 -2.09
C SER K 169 -19.62 -17.37 -1.12
N PHE K 170 -20.32 -16.64 -0.26
CA PHE K 170 -19.68 -15.72 0.66
C PHE K 170 -18.86 -16.48 1.70
N VAL K 171 -17.83 -15.82 2.21
CA VAL K 171 -17.01 -16.39 3.27
C VAL K 171 -17.68 -16.08 4.61
N ASP K 172 -18.59 -16.95 5.04
CA ASP K 172 -19.35 -16.75 6.26
C ASP K 172 -19.19 -17.93 7.21
N ALA K 173 -18.02 -18.57 7.18
CA ALA K 173 -17.73 -19.73 8.03
C ALA K 173 -18.77 -20.82 7.87
N SER K 174 -19.17 -21.07 6.63
CA SER K 174 -20.21 -22.06 6.33
C SER K 174 -19.70 -23.50 6.35
N MET K 175 -18.41 -23.74 6.56
CA MET K 175 -17.90 -25.11 6.52
C MET K 175 -18.34 -25.92 7.74
N VAL K 176 -18.79 -25.26 8.80
CA VAL K 176 -19.16 -25.95 10.02
C VAL K 176 -20.53 -25.48 10.51
N TYR K 177 -21.12 -24.51 9.80
CA TYR K 177 -22.46 -24.04 10.12
C TYR K 177 -23.53 -24.50 9.16
N GLY K 178 -23.18 -25.14 8.05
CA GLY K 178 -24.14 -25.58 7.07
C GLY K 178 -24.49 -24.50 6.07
N SER K 179 -25.27 -24.90 5.06
CA SER K 179 -25.68 -23.99 4.00
C SER K 179 -27.17 -24.06 3.68
N GLU K 180 -27.91 -25.00 4.24
CA GLU K 180 -29.35 -25.11 4.01
C GLU K 180 -30.07 -25.15 5.35
N GLU K 181 -31.30 -24.64 5.35
CA GLU K 181 -32.08 -24.60 6.58
C GLU K 181 -32.31 -25.99 7.18
N PRO K 182 -32.71 -27.02 6.43
CA PRO K 182 -32.77 -28.36 7.04
C PRO K 182 -31.44 -28.84 7.59
N LEU K 183 -30.34 -28.48 6.94
CA LEU K 183 -29.02 -28.87 7.45
C LEU K 183 -28.69 -28.12 8.73
N ALA K 184 -29.02 -26.83 8.78
CA ALA K 184 -28.70 -26.02 9.96
C ALA K 184 -29.60 -26.33 11.15
N ARG K 185 -30.83 -26.79 10.91
CA ARG K 185 -31.75 -27.07 12.01
C ARG K 185 -31.24 -28.21 12.88
N ASN K 186 -30.85 -29.32 12.26
CA ASN K 186 -30.35 -30.47 13.00
C ASN K 186 -28.89 -30.34 13.39
N LEU K 187 -28.19 -29.31 12.92
CA LEU K 187 -26.80 -29.11 13.27
C LEU K 187 -26.62 -28.40 14.61
N ARG K 188 -27.70 -27.86 15.18
CA ARG K 188 -27.66 -27.18 16.47
C ARG K 188 -28.67 -27.81 17.40
N ASN K 189 -28.24 -28.15 18.61
CA ASN K 189 -29.13 -28.79 19.56
C ASN K 189 -30.18 -27.82 20.08
N MET K 190 -31.39 -28.33 20.30
CA MET K 190 -32.50 -27.54 20.82
C MET K 190 -32.94 -28.03 22.19
N SER K 191 -32.10 -28.81 22.88
CA SER K 191 -32.45 -29.31 24.20
C SER K 191 -32.56 -28.21 25.24
N ASN K 192 -31.94 -27.05 25.00
CA ASN K 192 -32.00 -25.93 25.92
C ASN K 192 -31.82 -24.64 25.13
N GLN K 193 -31.63 -23.53 25.84
CA GLN K 193 -31.46 -22.22 25.22
C GLN K 193 -30.03 -21.72 25.34
N LEU K 194 -29.06 -22.62 25.50
CA LEU K 194 -27.67 -22.20 25.61
C LEU K 194 -27.14 -21.61 24.31
N GLY K 195 -27.70 -22.02 23.18
CA GLY K 195 -27.24 -21.55 21.89
C GLY K 195 -26.04 -22.29 21.34
N LEU K 196 -25.63 -23.37 21.97
CA LEU K 196 -24.46 -24.13 21.51
C LEU K 196 -24.80 -24.91 20.24
N LEU K 197 -23.76 -25.42 19.59
CA LEU K 197 -23.93 -26.30 18.44
C LEU K 197 -23.96 -27.75 18.89
N ALA K 198 -24.25 -28.63 17.95
CA ALA K 198 -24.37 -30.05 18.27
C ALA K 198 -23.03 -30.63 18.71
N VAL K 199 -23.07 -31.49 19.71
CA VAL K 199 -21.89 -32.15 20.26
C VAL K 199 -22.16 -33.65 20.30
N ASN K 200 -21.17 -34.44 19.89
CA ASN K 200 -21.33 -35.88 19.85
C ASN K 200 -21.65 -36.42 21.25
N GLN K 201 -22.58 -37.36 21.30
CA GLN K 201 -23.05 -37.93 22.56
C GLN K 201 -22.49 -39.31 22.84
N ARG K 202 -21.50 -39.77 22.07
CA ARG K 202 -20.96 -41.11 22.23
C ARG K 202 -19.52 -41.10 22.74
N PHE K 203 -18.61 -40.43 22.04
CA PHE K 203 -17.20 -40.41 22.41
C PHE K 203 -16.73 -38.96 22.59
N GLN K 204 -16.02 -38.72 23.68
CA GLN K 204 -15.44 -37.41 23.98
C GLN K 204 -13.94 -37.55 24.14
N ASP K 205 -13.23 -36.45 23.88
CA ASP K 205 -11.77 -36.41 23.95
C ASP K 205 -11.37 -35.52 25.12
N ASN K 206 -11.00 -36.16 26.23
CA ASN K 206 -10.52 -35.46 27.43
C ASN K 206 -11.54 -34.41 27.90
N GLY K 207 -12.81 -34.76 27.84
CA GLY K 207 -13.87 -33.88 28.27
C GLY K 207 -14.21 -32.75 27.32
N ARG K 208 -13.78 -32.83 26.07
CA ARG K 208 -14.05 -31.79 25.08
C ARG K 208 -14.99 -32.32 24.01
N ALA K 209 -15.43 -31.42 23.14
CA ALA K 209 -16.49 -31.69 22.18
C ALA K 209 -15.94 -32.25 20.88
N LEU K 210 -16.84 -32.82 20.09
CA LEU K 210 -16.52 -33.38 18.78
C LEU K 210 -17.73 -33.19 17.88
N LEU K 211 -17.54 -33.42 16.58
CA LEU K 211 -18.65 -33.32 15.64
C LEU K 211 -19.68 -34.42 15.92
N PRO K 212 -20.96 -34.09 15.75
CA PRO K 212 -22.00 -35.12 15.94
C PRO K 212 -21.90 -36.22 14.90
N PHE K 213 -22.29 -37.42 15.31
CA PHE K 213 -22.27 -38.56 14.40
C PHE K 213 -23.39 -38.46 13.38
N ASP K 214 -23.17 -39.09 12.22
CA ASP K 214 -24.12 -39.07 11.13
C ASP K 214 -24.40 -40.49 10.65
N ASN K 215 -25.59 -40.67 10.08
CA ASN K 215 -26.02 -41.96 9.53
C ASN K 215 -26.32 -41.79 8.05
N LEU K 216 -25.76 -42.68 7.23
CA LEU K 216 -25.96 -42.65 5.79
C LEU K 216 -26.25 -44.06 5.29
N HIS K 217 -26.86 -44.14 4.11
CA HIS K 217 -27.19 -45.44 3.52
C HIS K 217 -25.93 -46.25 3.25
N ASP K 218 -24.91 -45.61 2.68
CA ASP K 218 -23.62 -46.24 2.41
C ASP K 218 -22.54 -45.33 2.98
N ASP K 219 -22.22 -45.52 4.25
CA ASP K 219 -21.24 -44.67 4.91
C ASP K 219 -19.82 -45.11 4.55
N PRO K 220 -19.01 -44.24 3.96
CA PRO K 220 -17.62 -44.63 3.65
C PRO K 220 -16.71 -44.71 4.87
N CYS K 221 -17.09 -44.07 5.98
CA CYS K 221 -16.27 -44.14 7.19
C CYS K 221 -16.22 -45.56 7.74
N LEU K 222 -17.33 -46.28 7.68
CA LEU K 222 -17.35 -47.66 8.18
C LEU K 222 -16.46 -48.59 7.38
N LEU K 223 -16.08 -48.20 6.17
CA LEU K 223 -15.28 -49.05 5.30
C LEU K 223 -13.78 -48.95 5.55
N THR K 224 -13.35 -48.10 6.49
CA THR K 224 -11.93 -48.02 6.82
C THR K 224 -11.42 -49.35 7.36
N ASN K 225 -11.95 -49.77 8.51
CA ASN K 225 -11.75 -51.14 8.98
C ASN K 225 -12.87 -51.48 9.94
N ARG K 226 -13.36 -52.72 9.85
CA ARG K 226 -14.59 -53.11 10.53
C ARG K 226 -14.44 -53.26 12.04
N SER K 227 -13.20 -53.28 12.55
CA SER K 227 -13.00 -53.34 13.99
C SER K 227 -13.26 -52.02 14.69
N ALA K 228 -13.48 -50.94 13.94
CA ALA K 228 -13.69 -49.62 14.52
C ALA K 228 -15.17 -49.34 14.76
N ARG K 229 -15.98 -49.37 13.69
CA ARG K 229 -17.40 -49.02 13.75
C ARG K 229 -17.59 -47.58 14.23
N ILE K 230 -16.74 -46.69 13.74
CA ILE K 230 -16.87 -45.25 13.96
C ILE K 230 -17.48 -44.64 12.70
N PRO K 231 -18.60 -43.93 12.81
CA PRO K 231 -19.24 -43.34 11.63
C PRO K 231 -18.62 -42.00 11.24
N CYS K 232 -19.05 -41.50 10.08
CA CYS K 232 -18.55 -40.23 9.58
C CYS K 232 -19.13 -39.07 10.38
N PHE K 233 -18.31 -38.04 10.57
CA PHE K 233 -18.74 -36.86 11.30
C PHE K 233 -19.70 -36.02 10.46
N LEU K 234 -20.54 -35.25 11.15
CA LEU K 234 -21.49 -34.36 10.53
C LEU K 234 -21.09 -32.92 10.81
N ALA K 235 -20.99 -32.12 9.74
CA ALA K 235 -20.62 -30.72 9.86
C ALA K 235 -21.29 -29.96 8.72
N GLY K 236 -20.83 -28.74 8.46
CA GLY K 236 -21.40 -27.94 7.39
C GLY K 236 -21.15 -28.46 5.99
N ASP K 237 -20.25 -29.43 5.84
CA ASP K 237 -19.94 -30.00 4.54
C ASP K 237 -19.96 -31.51 4.63
N THR K 238 -20.35 -32.15 3.52
CA THR K 238 -20.42 -33.61 3.48
C THR K 238 -19.04 -34.23 3.65
N ARG K 239 -18.02 -33.64 3.03
CA ARG K 239 -16.66 -34.15 3.06
C ARG K 239 -15.86 -33.66 4.27
N SER K 240 -16.53 -33.33 5.37
CA SER K 240 -15.84 -32.93 6.58
C SER K 240 -14.96 -34.05 7.15
N SER K 241 -15.28 -35.30 6.86
CA SER K 241 -14.52 -36.44 7.38
C SER K 241 -13.61 -37.07 6.32
N GLU K 242 -13.27 -36.31 5.27
CA GLU K 242 -12.39 -36.84 4.23
C GLU K 242 -11.01 -37.15 4.79
N MET K 243 -10.46 -36.25 5.60
CA MET K 243 -9.16 -36.44 6.22
C MET K 243 -9.23 -36.10 7.70
N PRO K 244 -8.45 -36.79 8.54
CA PRO K 244 -8.47 -36.47 9.97
C PRO K 244 -8.03 -35.05 10.29
N GLU K 245 -7.10 -34.49 9.51
CA GLU K 245 -6.68 -33.11 9.77
C GLU K 245 -7.82 -32.13 9.53
N LEU K 246 -8.56 -32.32 8.44
CA LEU K 246 -9.69 -31.44 8.16
C LEU K 246 -10.77 -31.55 9.22
N THR K 247 -11.07 -32.77 9.66
CA THR K 247 -12.09 -32.92 10.70
C THR K 247 -11.59 -32.42 12.05
N SER K 248 -10.28 -32.45 12.31
CA SER K 248 -9.77 -31.82 13.53
C SER K 248 -9.90 -30.30 13.45
N MET K 249 -9.68 -29.73 12.26
CA MET K 249 -9.93 -28.30 12.08
C MET K 249 -11.40 -27.97 12.32
N HIS K 250 -12.31 -28.81 11.81
CA HIS K 250 -13.72 -28.59 12.04
C HIS K 250 -14.07 -28.74 13.53
N THR K 251 -13.43 -29.69 14.21
CA THR K 251 -13.61 -29.84 15.65
C THR K 251 -13.17 -28.57 16.38
N LEU K 252 -12.03 -28.00 15.98
CA LEU K 252 -11.56 -26.77 16.59
C LEU K 252 -12.55 -25.64 16.36
N LEU K 253 -13.11 -25.54 15.15
CA LEU K 253 -14.09 -24.48 14.88
C LEU K 253 -15.36 -24.68 15.71
N LEU K 254 -15.82 -25.92 15.83
CA LEU K 254 -17.01 -26.19 16.63
C LEU K 254 -16.77 -25.87 18.11
N ARG K 255 -15.59 -26.24 18.62
CA ARG K 255 -15.25 -25.91 20.00
C ARG K 255 -15.16 -24.41 20.19
N GLU K 256 -14.65 -23.69 19.19
CA GLU K 256 -14.61 -22.23 19.25
C GLU K 256 -16.02 -21.66 19.34
N HIS K 257 -16.93 -22.18 18.51
CA HIS K 257 -18.32 -21.70 18.57
C HIS K 257 -18.94 -21.98 19.93
N ASN K 258 -18.72 -23.18 20.47
CA ASN K 258 -19.29 -23.53 21.78
C ASN K 258 -18.74 -22.63 22.88
N ARG K 259 -17.42 -22.41 22.88
CA ARG K 259 -16.80 -21.57 23.90
C ARG K 259 -17.29 -20.13 23.78
N LEU K 260 -17.42 -19.62 22.56
CA LEU K 260 -17.91 -18.26 22.37
C LEU K 260 -19.34 -18.13 22.85
N ALA K 261 -20.19 -19.12 22.55
CA ALA K 261 -21.57 -19.06 23.02
C ALA K 261 -21.65 -19.11 24.54
N THR K 262 -20.83 -19.96 25.17
CA THR K 262 -20.82 -20.04 26.63
C THR K 262 -20.34 -18.72 27.24
N GLU K 263 -19.28 -18.13 26.68
CA GLU K 263 -18.77 -16.87 27.20
C GLU K 263 -19.78 -15.74 27.03
N LEU K 264 -20.48 -15.72 25.89
CA LEU K 264 -21.51 -14.70 25.67
C LEU K 264 -22.67 -14.88 26.62
N LYS K 265 -23.07 -16.13 26.89
CA LYS K 265 -24.12 -16.37 27.87
C LYS K 265 -23.69 -15.91 29.26
N SER K 266 -22.44 -16.15 29.63
CA SER K 266 -21.93 -15.67 30.91
C SER K 266 -21.93 -14.15 30.96
N LEU K 267 -21.58 -13.50 29.83
CA LEU K 267 -21.55 -12.04 29.79
C LEU K 267 -22.96 -11.45 29.80
N ASN K 268 -23.86 -12.02 28.99
CA ASN K 268 -25.22 -11.51 28.84
C ASN K 268 -26.20 -12.64 29.07
N PRO K 269 -26.53 -12.95 30.33
CA PRO K 269 -27.47 -14.03 30.61
C PRO K 269 -28.88 -13.79 30.08
N ARG K 270 -29.25 -12.53 29.82
CA ARG K 270 -30.60 -12.22 29.38
C ARG K 270 -30.84 -12.56 27.91
N TRP K 271 -29.80 -12.81 27.13
CA TRP K 271 -29.98 -13.11 25.71
C TRP K 271 -30.55 -14.50 25.52
N ASP K 272 -31.41 -14.64 24.52
CA ASP K 272 -32.02 -15.93 24.21
C ASP K 272 -31.05 -16.80 23.40
N GLY K 273 -31.44 -18.05 23.19
CA GLY K 273 -30.57 -19.00 22.51
C GLY K 273 -30.33 -18.64 21.05
N GLU K 274 -31.39 -18.27 20.33
CA GLU K 274 -31.24 -17.97 18.91
C GLU K 274 -30.35 -16.75 18.69
N ARG K 275 -30.54 -15.70 19.50
CA ARG K 275 -29.69 -14.51 19.39
C ARG K 275 -28.24 -14.85 19.69
N LEU K 276 -28.00 -15.68 20.71
CA LEU K 276 -26.64 -16.08 21.06
C LEU K 276 -26.00 -16.85 19.92
N TYR K 277 -26.76 -17.78 19.32
CA TYR K 277 -26.23 -18.57 18.20
C TYR K 277 -25.91 -17.67 17.01
N GLN K 278 -26.79 -16.71 16.71
CA GLN K 278 -26.53 -15.81 15.59
C GLN K 278 -25.30 -14.94 15.85
N GLU K 279 -25.16 -14.43 17.08
CA GLU K 279 -23.98 -13.64 17.41
C GLU K 279 -22.70 -14.45 17.29
N ALA K 280 -22.73 -15.69 17.78
CA ALA K 280 -21.56 -16.56 17.68
C ALA K 280 -21.22 -16.85 16.22
N ARG K 281 -22.24 -17.09 15.40
CA ARG K 281 -22.02 -17.34 13.98
C ARG K 281 -21.38 -16.12 13.31
N LYS K 282 -21.88 -14.93 13.63
CA LYS K 282 -21.33 -13.71 13.03
C LYS K 282 -19.87 -13.52 13.45
N ILE K 283 -19.57 -13.72 14.74
CA ILE K 283 -18.21 -13.52 15.20
C ILE K 283 -17.27 -14.57 14.60
N VAL K 284 -17.74 -15.80 14.46
CA VAL K 284 -16.91 -16.85 13.86
C VAL K 284 -16.66 -16.56 12.39
N GLY K 285 -17.68 -16.05 11.67
CA GLY K 285 -17.48 -15.67 10.30
C GLY K 285 -16.48 -14.54 10.15
N ALA K 286 -16.56 -13.54 11.03
CA ALA K 286 -15.57 -12.46 11.02
C ALA K 286 -14.18 -13.00 11.32
N MET K 287 -14.09 -13.94 12.26
CA MET K 287 -12.82 -14.60 12.57
C MET K 287 -12.23 -15.27 11.33
N VAL K 288 -13.04 -16.07 10.63
CA VAL K 288 -12.55 -16.80 9.47
C VAL K 288 -12.11 -15.82 8.38
N GLN K 289 -12.92 -14.77 8.14
CA GLN K 289 -12.55 -13.78 7.14
C GLN K 289 -11.24 -13.08 7.49
N ILE K 290 -11.08 -12.70 8.76
CA ILE K 290 -9.88 -12.01 9.19
C ILE K 290 -8.65 -12.91 9.00
N ILE K 291 -8.77 -14.17 9.44
CA ILE K 291 -7.63 -15.08 9.31
C ILE K 291 -7.28 -15.29 7.85
N THR K 292 -8.28 -15.52 7.00
CA THR K 292 -8.02 -15.78 5.60
C THR K 292 -7.39 -14.58 4.92
N TYR K 293 -7.87 -13.37 5.19
CA TYR K 293 -7.41 -12.19 4.48
C TYR K 293 -6.21 -11.51 5.14
N ARG K 294 -5.76 -11.98 6.29
CA ARG K 294 -4.58 -11.41 6.92
C ARG K 294 -3.41 -12.38 7.06
N ASP K 295 -3.67 -13.66 7.30
CA ASP K 295 -2.58 -14.62 7.50
C ASP K 295 -2.40 -15.60 6.35
N TYR K 296 -3.44 -15.83 5.53
CA TYR K 296 -3.38 -16.82 4.47
C TYR K 296 -3.09 -16.21 3.11
N LEU K 297 -3.87 -15.20 2.72
CA LEU K 297 -3.65 -14.56 1.42
C LEU K 297 -2.26 -13.97 1.25
N PRO K 298 -1.68 -13.26 2.23
CA PRO K 298 -0.30 -12.78 2.04
C PRO K 298 0.70 -13.91 1.86
N LEU K 299 0.35 -15.13 2.27
CA LEU K 299 1.24 -16.28 2.16
C LEU K 299 0.91 -17.14 0.94
N VAL K 300 0.05 -16.65 0.05
CA VAL K 300 -0.31 -17.39 -1.16
C VAL K 300 0.06 -16.59 -2.39
N LEU K 301 -0.53 -15.41 -2.54
CA LEU K 301 -0.32 -14.59 -3.72
C LEU K 301 1.06 -13.93 -3.75
N GLY K 302 1.53 -13.44 -2.61
CA GLY K 302 2.76 -12.69 -2.57
C GLY K 302 2.49 -11.22 -2.38
N PRO K 303 3.49 -10.47 -1.90
CA PRO K 303 3.29 -9.04 -1.65
C PRO K 303 2.87 -8.26 -2.89
N THR K 304 3.42 -8.58 -4.06
CA THR K 304 3.04 -7.86 -5.27
C THR K 304 1.63 -8.24 -5.72
N ALA K 305 1.34 -9.55 -5.77
CA ALA K 305 0.04 -9.99 -6.27
C ALA K 305 -1.09 -9.53 -5.37
N MET K 306 -0.91 -9.62 -4.05
CA MET K 306 -1.97 -9.15 -3.15
C MET K 306 -2.14 -7.63 -3.25
N ARG K 307 -1.05 -6.89 -3.32
CA ARG K 307 -1.18 -5.44 -3.42
C ARG K 307 -1.79 -5.01 -4.74
N LYS K 308 -1.63 -5.80 -5.81
CA LYS K 308 -2.23 -5.47 -7.09
C LYS K 308 -3.68 -5.94 -7.22
N TYR K 309 -4.06 -7.02 -6.54
CA TYR K 309 -5.39 -7.58 -6.69
C TYR K 309 -6.27 -7.39 -5.46
N LEU K 310 -5.69 -7.07 -4.30
CA LEU K 310 -6.44 -6.89 -3.06
C LEU K 310 -6.06 -5.55 -2.44
N PRO K 311 -6.57 -4.44 -2.98
CA PRO K 311 -6.23 -3.13 -2.42
C PRO K 311 -6.88 -2.89 -1.07
N THR K 312 -6.63 -1.74 -0.47
CA THR K 312 -7.23 -1.42 0.82
C THR K 312 -8.74 -1.30 0.68
N TYR K 313 -9.46 -1.75 1.70
CA TYR K 313 -10.92 -1.74 1.67
C TYR K 313 -11.43 -0.32 1.78
N ARG K 314 -12.24 0.09 0.79
CA ARG K 314 -12.83 1.43 0.79
C ARG K 314 -14.23 1.42 1.40
N SER K 315 -15.14 0.66 0.80
CA SER K 315 -16.52 0.57 1.27
C SER K 315 -17.18 -0.58 0.52
N TYR K 316 -18.34 -0.99 1.02
CA TYR K 316 -19.09 -2.07 0.38
C TYR K 316 -19.59 -1.63 -0.99
N ASN K 317 -19.48 -2.51 -1.97
CA ASN K 317 -19.91 -2.25 -3.33
C ASN K 317 -20.87 -3.36 -3.74
N ASP K 318 -22.07 -2.99 -4.17
CA ASP K 318 -23.08 -3.95 -4.56
C ASP K 318 -23.07 -4.26 -6.05
N SER K 319 -22.18 -3.65 -6.82
CA SER K 319 -22.11 -3.86 -8.26
C SER K 319 -21.16 -4.97 -8.66
N VAL K 320 -20.44 -5.57 -7.72
CA VAL K 320 -19.51 -6.64 -8.01
C VAL K 320 -20.20 -7.98 -7.75
N ASP K 321 -20.04 -8.90 -8.71
CA ASP K 321 -20.66 -10.21 -8.61
C ASP K 321 -19.90 -11.04 -7.58
N PRO K 322 -20.54 -11.49 -6.51
CA PRO K 322 -19.84 -12.30 -5.49
C PRO K 322 -19.93 -13.80 -5.70
N ARG K 323 -20.44 -14.28 -6.83
CA ARG K 323 -20.56 -15.70 -7.05
C ARG K 323 -19.19 -16.33 -7.31
N ILE K 324 -19.09 -17.62 -7.01
CA ILE K 324 -17.85 -18.36 -7.22
C ILE K 324 -17.65 -18.55 -8.71
N ALA K 325 -16.51 -18.09 -9.22
CA ALA K 325 -16.20 -18.28 -10.63
C ALA K 325 -15.96 -19.76 -10.92
N ASN K 326 -16.38 -20.20 -12.11
CA ASN K 326 -16.19 -21.59 -12.49
C ASN K 326 -14.72 -21.97 -12.57
N VAL K 327 -13.82 -21.01 -12.81
CA VAL K 327 -12.41 -21.32 -12.83
C VAL K 327 -11.80 -21.37 -11.44
N PHE K 328 -12.44 -20.73 -10.46
CA PHE K 328 -11.92 -20.80 -9.10
C PHE K 328 -11.96 -22.22 -8.54
N THR K 329 -12.99 -22.99 -8.91
CA THR K 329 -13.13 -24.35 -8.40
C THR K 329 -11.92 -25.20 -8.79
N ASN K 330 -11.46 -25.08 -10.04
CA ASN K 330 -10.31 -25.83 -10.49
C ASN K 330 -8.99 -25.11 -10.29
N ALA K 331 -9.02 -23.85 -9.87
CA ALA K 331 -7.78 -23.12 -9.63
C ALA K 331 -7.33 -23.17 -8.18
N PHE K 332 -8.26 -23.05 -7.22
CA PHE K 332 -7.91 -23.08 -5.82
C PHE K 332 -7.50 -24.46 -5.34
N ARG K 333 -7.68 -25.49 -6.17
CA ARG K 333 -7.23 -26.85 -5.82
C ARG K 333 -5.73 -27.04 -6.02
N TYR K 334 -4.98 -25.94 -6.13
CA TYR K 334 -3.52 -26.03 -6.18
C TYR K 334 -2.94 -26.59 -4.89
N GLY K 335 -3.71 -26.60 -3.81
CA GLY K 335 -3.23 -27.14 -2.55
C GLY K 335 -2.88 -28.61 -2.59
N HIS K 336 -3.31 -29.32 -3.63
CA HIS K 336 -2.91 -30.72 -3.79
C HIS K 336 -1.41 -30.84 -3.97
N THR K 337 -0.76 -29.82 -4.53
CA THR K 337 0.69 -29.83 -4.68
C THR K 337 1.40 -29.58 -3.35
N LEU K 338 0.75 -28.89 -2.41
CA LEU K 338 1.36 -28.58 -1.13
C LEU K 338 1.13 -29.65 -0.08
N ILE K 339 0.46 -30.75 -0.45
CA ILE K 339 0.17 -31.83 0.49
C ILE K 339 1.45 -32.61 0.79
N GLN K 340 1.43 -33.42 1.85
CA GLN K 340 2.57 -34.23 2.24
C GLN K 340 2.19 -35.70 2.23
N PRO K 341 3.12 -36.59 1.86
CA PRO K 341 2.78 -38.02 1.77
C PRO K 341 2.40 -38.66 3.10
N PHE K 342 2.83 -38.09 4.23
CA PHE K 342 2.60 -38.69 5.53
C PHE K 342 1.91 -37.68 6.45
N MET K 343 1.06 -38.20 7.35
CA MET K 343 0.50 -37.38 8.40
C MET K 343 1.28 -37.62 9.70
N PHE K 344 1.57 -36.53 10.41
CA PHE K 344 2.44 -36.53 11.56
C PHE K 344 1.63 -36.28 12.82
N ARG K 345 2.04 -36.90 13.92
CA ARG K 345 1.41 -36.70 15.22
C ARG K 345 2.50 -36.52 16.27
N LEU K 346 2.32 -35.53 17.15
CA LEU K 346 3.35 -35.15 18.10
C LEU K 346 2.75 -35.03 19.49
N ASP K 347 3.62 -35.13 20.51
CA ASP K 347 3.23 -35.04 21.90
C ASP K 347 3.36 -33.60 22.39
N ASN K 348 3.24 -33.40 23.71
CA ASN K 348 3.44 -32.07 24.28
C ASN K 348 4.91 -31.65 24.21
N ARG K 349 5.83 -32.61 24.15
CA ARG K 349 7.23 -32.31 23.90
C ARG K 349 7.54 -32.15 22.43
N TYR K 350 6.52 -32.26 21.57
CA TYR K 350 6.69 -32.22 20.12
C TYR K 350 7.66 -33.30 19.65
N GLN K 351 7.33 -34.54 20.00
CA GLN K 351 8.07 -35.74 19.64
C GLN K 351 7.08 -36.76 19.11
N PRO K 352 7.54 -37.74 18.33
CA PRO K 352 6.60 -38.69 17.71
C PRO K 352 5.77 -39.43 18.74
N MET K 353 4.50 -39.67 18.38
CA MET K 353 3.55 -40.39 19.21
C MET K 353 3.45 -41.85 18.77
N GLU K 354 3.70 -42.76 19.70
CA GLU K 354 3.47 -44.17 19.41
C GLU K 354 1.98 -44.46 19.32
N PRO K 355 1.58 -45.48 18.55
CA PRO K 355 2.41 -46.42 17.77
C PRO K 355 2.75 -45.91 16.38
N ASN K 356 1.88 -45.12 15.75
CA ASN K 356 2.06 -44.65 14.38
C ASN K 356 2.13 -43.12 14.37
N PRO K 357 3.32 -42.54 14.47
CA PRO K 357 3.43 -41.07 14.45
C PRO K 357 3.52 -40.50 13.05
N ARG K 358 3.98 -41.31 12.10
CA ARG K 358 4.17 -40.92 10.70
C ARG K 358 3.41 -41.92 9.84
N VAL K 359 2.14 -41.65 9.59
CA VAL K 359 1.25 -42.62 8.94
C VAL K 359 1.15 -42.26 7.46
N PRO K 360 1.26 -43.24 6.56
CA PRO K 360 1.06 -42.95 5.13
C PRO K 360 -0.35 -42.44 4.87
N LEU K 361 -0.47 -41.52 3.91
CA LEU K 361 -1.76 -40.94 3.59
C LEU K 361 -2.72 -41.95 2.97
N SER K 362 -2.20 -43.06 2.44
CA SER K 362 -3.08 -44.07 1.83
C SER K 362 -4.01 -44.68 2.87
N ARG K 363 -3.51 -44.96 4.07
CA ARG K 363 -4.29 -45.58 5.14
C ARG K 363 -4.89 -44.55 6.08
N VAL K 364 -5.13 -43.33 5.61
CA VAL K 364 -5.68 -42.28 6.47
C VAL K 364 -6.91 -41.60 5.88
N PHE K 365 -7.21 -41.75 4.59
CA PHE K 365 -8.38 -41.12 4.02
C PHE K 365 -9.66 -41.78 4.53
N PHE K 366 -10.65 -40.95 4.84
CA PHE K 366 -11.94 -41.42 5.36
C PHE K 366 -11.75 -42.28 6.61
N ALA K 367 -10.84 -41.85 7.48
CA ALA K 367 -10.56 -42.55 8.74
C ALA K 367 -11.03 -41.65 9.87
N SER K 368 -12.31 -41.77 10.22
CA SER K 368 -12.86 -41.00 11.33
C SER K 368 -12.51 -41.60 12.68
N TRP K 369 -12.09 -42.86 12.73
CA TRP K 369 -11.76 -43.50 14.00
C TRP K 369 -10.43 -43.01 14.56
N ARG K 370 -9.53 -42.50 13.71
CA ARG K 370 -8.24 -42.03 14.20
C ARG K 370 -8.41 -40.85 15.14
N VAL K 371 -9.31 -39.93 14.81
CA VAL K 371 -9.54 -38.79 15.69
C VAL K 371 -10.18 -39.26 17.00
N VAL K 372 -11.16 -40.16 16.90
CA VAL K 372 -11.95 -40.53 18.08
C VAL K 372 -11.12 -41.35 19.06
N LEU K 373 -10.38 -42.35 18.57
CA LEU K 373 -9.80 -43.37 19.43
C LEU K 373 -8.27 -43.36 19.46
N GLU K 374 -7.62 -42.31 18.98
CA GLU K 374 -6.16 -42.26 18.95
C GLU K 374 -5.66 -40.91 19.47
N GLY K 375 -6.17 -40.49 20.62
CA GLY K 375 -5.67 -39.32 21.31
C GLY K 375 -6.39 -38.03 21.00
N GLY K 376 -7.32 -38.02 20.04
CA GLY K 376 -8.05 -36.82 19.74
C GLY K 376 -7.37 -35.96 18.69
N ILE K 377 -7.62 -34.64 18.80
CA ILE K 377 -7.08 -33.71 17.81
C ILE K 377 -5.80 -33.03 18.26
N ASP K 378 -5.37 -33.25 19.51
CA ASP K 378 -4.13 -32.62 19.98
C ASP K 378 -2.91 -33.05 19.18
N PRO K 379 -2.62 -34.35 18.98
CA PRO K 379 -1.43 -34.72 18.20
C PRO K 379 -1.56 -34.33 16.74
N ILE K 380 -2.78 -34.36 16.20
CA ILE K 380 -3.00 -33.95 14.82
C ILE K 380 -2.67 -32.48 14.65
N LEU K 381 -3.13 -31.64 15.57
CA LEU K 381 -2.83 -30.22 15.50
C LEU K 381 -1.34 -29.96 15.71
N ARG K 382 -0.70 -30.70 16.62
CA ARG K 382 0.73 -30.53 16.82
C ARG K 382 1.51 -30.88 15.56
N GLY K 383 1.14 -31.98 14.90
CA GLY K 383 1.79 -32.35 13.66
C GLY K 383 1.56 -31.33 12.56
N LEU K 384 0.34 -30.81 12.46
CA LEU K 384 0.06 -29.76 11.50
C LEU K 384 0.86 -28.49 11.76
N MET K 385 1.09 -28.15 13.03
CA MET K 385 1.88 -26.99 13.40
C MET K 385 3.37 -27.16 13.13
N ALA K 386 3.94 -28.35 13.41
CA ALA K 386 5.37 -28.53 13.40
C ALA K 386 5.85 -29.46 12.28
N THR K 387 5.17 -29.47 11.14
CA THR K 387 5.64 -30.23 9.98
C THR K 387 5.72 -29.32 8.77
N PRO K 388 6.90 -29.15 8.17
CA PRO K 388 6.99 -28.30 6.97
C PRO K 388 6.20 -28.89 5.82
N ALA K 389 5.62 -28.00 5.01
CA ALA K 389 4.88 -28.43 3.83
C ALA K 389 5.85 -28.75 2.70
N LYS K 390 5.33 -29.41 1.66
CA LYS K 390 6.15 -29.78 0.51
C LYS K 390 6.25 -28.61 -0.45
N LEU K 391 7.47 -28.28 -0.84
CA LEU K 391 7.69 -27.18 -1.78
C LEU K 391 7.14 -27.53 -3.14
N ASN K 392 6.52 -26.55 -3.80
CA ASN K 392 5.95 -26.75 -5.13
C ASN K 392 7.05 -26.52 -6.17
N ARG K 393 7.53 -27.61 -6.76
CA ARG K 393 8.59 -27.55 -7.76
C ARG K 393 8.06 -28.00 -9.11
N GLN K 394 8.72 -27.52 -10.18
CA GLN K 394 8.27 -27.83 -11.52
C GLN K 394 8.32 -29.32 -11.82
N ASN K 395 9.40 -29.98 -11.41
CA ASN K 395 9.57 -31.41 -11.63
C ASN K 395 9.09 -32.25 -10.45
N GLN K 396 8.56 -31.63 -9.41
CA GLN K 396 8.07 -32.30 -8.21
C GLN K 396 6.68 -31.78 -7.86
N ILE K 397 5.78 -31.80 -8.84
CA ILE K 397 4.49 -31.13 -8.71
C ILE K 397 3.69 -31.71 -7.55
N ALA K 398 3.53 -33.03 -7.52
CA ALA K 398 2.71 -33.64 -6.48
C ALA K 398 3.26 -35.02 -6.14
N VAL K 399 3.13 -35.38 -4.86
CA VAL K 399 3.61 -36.67 -4.39
C VAL K 399 2.75 -37.80 -4.99
N ASP K 400 3.30 -39.01 -4.95
CA ASP K 400 2.62 -40.17 -5.49
C ASP K 400 1.59 -40.75 -4.54
N GLU K 401 1.58 -40.33 -3.27
CA GLU K 401 0.62 -40.88 -2.31
C GLU K 401 -0.81 -40.49 -2.69
N ILE K 402 -1.04 -39.21 -2.96
CA ILE K 402 -2.35 -38.78 -3.46
C ILE K 402 -2.49 -39.00 -4.95
N ARG K 403 -1.42 -39.42 -5.62
CA ARG K 403 -1.46 -39.63 -7.06
C ARG K 403 -1.73 -41.08 -7.44
N GLU K 404 -1.33 -42.02 -6.60
CA GLU K 404 -1.43 -43.44 -6.92
C GLU K 404 -2.22 -44.26 -5.92
N ARG K 405 -2.25 -43.85 -4.65
CA ARG K 405 -2.88 -44.65 -3.59
C ARG K 405 -3.78 -43.77 -2.73
N LEU K 406 -4.62 -42.97 -3.37
CA LEU K 406 -5.58 -42.13 -2.69
C LEU K 406 -6.95 -42.80 -2.71
N PHE K 407 -7.64 -42.79 -1.57
CA PHE K 407 -8.96 -43.41 -1.42
C PHE K 407 -8.92 -44.90 -1.73
N GLU K 408 -7.79 -45.55 -1.44
CA GLU K 408 -7.65 -46.97 -1.75
C GLU K 408 -8.56 -47.84 -0.89
N GLN K 409 -8.72 -47.50 0.38
CA GLN K 409 -9.50 -48.35 1.28
C GLN K 409 -10.99 -48.31 0.98
N VAL K 410 -11.48 -47.20 0.43
CA VAL K 410 -12.92 -47.02 0.25
C VAL K 410 -13.36 -47.63 -1.08
N MET K 411 -12.81 -47.13 -2.19
CA MET K 411 -13.22 -47.58 -3.51
C MET K 411 -12.45 -48.82 -3.92
N ARG K 412 -12.89 -49.42 -5.04
CA ARG K 412 -12.29 -50.67 -5.49
C ARG K 412 -10.82 -50.50 -5.87
N ILE K 413 -10.49 -49.40 -6.54
CA ILE K 413 -9.11 -49.11 -6.93
C ILE K 413 -8.77 -47.69 -6.49
N GLY K 414 -7.48 -47.44 -6.35
CA GLY K 414 -7.03 -46.11 -5.98
C GLY K 414 -7.27 -45.10 -7.08
N LEU K 415 -7.54 -43.86 -6.68
CA LEU K 415 -7.75 -42.78 -7.60
C LEU K 415 -6.43 -42.05 -7.85
N ASP K 416 -6.48 -41.01 -8.68
CA ASP K 416 -5.32 -40.19 -8.99
C ASP K 416 -5.82 -38.75 -8.95
N LEU K 417 -5.43 -38.01 -7.91
CA LEU K 417 -5.95 -36.66 -7.71
C LEU K 417 -5.61 -35.70 -8.85
N PRO K 418 -4.38 -35.65 -9.39
CA PRO K 418 -4.13 -34.71 -10.50
C PRO K 418 -4.96 -35.00 -11.75
N ALA K 419 -5.00 -36.26 -12.19
CA ALA K 419 -5.83 -36.60 -13.34
C ALA K 419 -7.30 -36.37 -13.06
N LEU K 420 -7.72 -36.59 -11.80
CA LEU K 420 -9.09 -36.27 -11.41
C LEU K 420 -9.37 -34.78 -11.56
N ASN K 421 -8.43 -33.94 -11.14
CA ASN K 421 -8.62 -32.50 -11.27
C ASN K 421 -8.70 -32.09 -12.73
N MET K 422 -7.83 -32.66 -13.57
CA MET K 422 -7.86 -32.30 -14.99
C MET K 422 -9.14 -32.80 -15.66
N GLN K 423 -9.62 -33.99 -15.29
CA GLN K 423 -10.88 -34.48 -15.83
C GLN K 423 -12.04 -33.61 -15.40
N ARG K 424 -12.03 -33.14 -14.14
CA ARG K 424 -13.06 -32.23 -13.68
C ARG K 424 -13.01 -30.92 -14.47
N SER K 425 -11.81 -30.41 -14.75
CA SER K 425 -11.68 -29.22 -15.56
C SER K 425 -12.24 -29.43 -16.96
N ARG K 426 -11.94 -30.58 -17.58
CA ARG K 426 -12.48 -30.87 -18.89
C ARG K 426 -13.99 -31.04 -18.86
N ASP K 427 -14.52 -31.60 -17.77
CA ASP K 427 -15.97 -31.73 -17.63
C ASP K 427 -16.65 -30.38 -17.53
N HIS K 428 -16.09 -29.47 -16.73
CA HIS K 428 -16.63 -28.11 -16.65
C HIS K 428 -16.43 -27.34 -17.94
N GLY K 429 -15.56 -27.81 -18.83
CA GLY K 429 -15.38 -27.18 -20.13
C GLY K 429 -14.79 -25.79 -20.10
N LEU K 430 -13.89 -25.52 -19.16
CA LEU K 430 -13.24 -24.23 -19.12
C LEU K 430 -12.21 -24.12 -20.25
N PRO K 431 -11.92 -22.91 -20.72
CA PRO K 431 -10.96 -22.75 -21.81
C PRO K 431 -9.56 -23.19 -21.40
N GLY K 432 -8.67 -23.21 -22.39
CA GLY K 432 -7.32 -23.67 -22.17
C GLY K 432 -6.49 -22.69 -21.36
N TYR K 433 -5.27 -23.13 -21.06
CA TYR K 433 -4.35 -22.29 -20.28
C TYR K 433 -4.03 -20.99 -21.01
N ASN K 434 -3.84 -21.06 -22.33
CA ASN K 434 -3.54 -19.87 -23.11
C ASN K 434 -4.68 -18.86 -23.05
N ALA K 435 -5.92 -19.34 -23.13
CA ALA K 435 -7.06 -18.43 -23.07
C ALA K 435 -7.15 -17.73 -21.73
N TRP K 436 -6.87 -18.45 -20.63
CA TRP K 436 -6.90 -17.81 -19.33
C TRP K 436 -5.73 -16.85 -19.14
N ARG K 437 -4.58 -17.16 -19.73
CA ARG K 437 -3.49 -16.19 -19.75
C ARG K 437 -3.89 -14.92 -20.48
N ARG K 438 -4.60 -15.06 -21.60
CA ARG K 438 -5.13 -13.90 -22.31
C ARG K 438 -6.11 -13.13 -21.44
N PHE K 439 -6.98 -13.85 -20.72
CA PHE K 439 -7.96 -13.19 -19.87
C PHE K 439 -7.30 -12.39 -18.75
N CYS K 440 -6.28 -12.97 -18.12
CA CYS K 440 -5.56 -12.26 -17.07
C CYS K 440 -4.67 -11.14 -17.61
N GLY K 441 -4.49 -11.06 -18.93
CA GLY K 441 -3.66 -10.04 -19.52
C GLY K 441 -2.21 -10.42 -19.73
N LEU K 442 -1.81 -11.61 -19.27
CA LEU K 442 -0.44 -12.06 -19.42
C LEU K 442 -0.17 -12.52 -20.85
N PRO K 443 1.10 -12.55 -21.27
CA PRO K 443 1.41 -12.97 -22.65
C PRO K 443 1.00 -14.42 -22.89
N GLN K 444 0.66 -14.72 -24.14
CA GLN K 444 0.14 -16.02 -24.52
C GLN K 444 1.16 -16.75 -25.38
N PRO K 445 1.88 -17.73 -24.84
CA PRO K 445 2.84 -18.47 -25.65
C PRO K 445 2.14 -19.32 -26.71
N GLU K 446 2.85 -19.52 -27.83
CA GLU K 446 2.30 -20.30 -28.94
C GLU K 446 3.21 -21.42 -29.43
N THR K 447 4.52 -21.33 -29.22
CA THR K 447 5.46 -22.35 -29.67
C THR K 447 6.17 -22.96 -28.47
N VAL K 448 7.05 -23.93 -28.76
CA VAL K 448 7.81 -24.58 -27.70
C VAL K 448 8.74 -23.59 -27.02
N GLY K 449 9.44 -22.77 -27.80
CA GLY K 449 10.36 -21.80 -27.22
C GLY K 449 9.67 -20.77 -26.36
N GLN K 450 8.52 -20.26 -26.82
CA GLN K 450 7.80 -19.27 -26.03
C GLN K 450 7.29 -19.88 -24.73
N LEU K 451 6.80 -21.12 -24.78
CA LEU K 451 6.36 -21.79 -23.57
C LEU K 451 7.52 -22.00 -22.61
N GLY K 452 8.68 -22.39 -23.12
CA GLY K 452 9.84 -22.54 -22.26
C GLY K 452 10.28 -21.23 -21.65
N THR K 453 10.19 -20.14 -22.40
CA THR K 453 10.55 -18.83 -21.88
C THR K 453 9.58 -18.38 -20.78
N VAL K 454 8.28 -18.54 -21.01
CA VAL K 454 7.30 -18.08 -20.03
C VAL K 454 7.31 -18.97 -18.78
N LEU K 455 7.56 -20.27 -18.93
CA LEU K 455 7.63 -21.18 -17.80
C LEU K 455 9.04 -21.34 -17.23
N ARG K 456 10.03 -20.71 -17.86
CA ARG K 456 11.41 -20.70 -17.36
C ARG K 456 11.99 -22.10 -17.22
N ASN K 457 11.51 -23.04 -18.05
CA ASN K 457 12.03 -24.41 -18.02
C ASN K 457 11.75 -25.04 -19.38
N LEU K 458 12.81 -25.24 -20.18
CA LEU K 458 12.63 -25.84 -21.50
C LEU K 458 12.25 -27.31 -21.42
N LYS K 459 12.80 -28.03 -20.43
CA LYS K 459 12.51 -29.45 -20.32
C LYS K 459 11.04 -29.70 -20.04
N LEU K 460 10.46 -28.94 -19.11
CA LEU K 460 9.05 -29.11 -18.81
C LEU K 460 8.18 -28.65 -19.97
N ALA K 461 8.62 -27.63 -20.72
CA ALA K 461 7.89 -27.22 -21.91
C ALA K 461 7.87 -28.33 -22.95
N ARG K 462 9.00 -29.00 -23.16
CA ARG K 462 9.05 -30.14 -24.07
C ARG K 462 8.14 -31.26 -23.58
N LYS K 463 8.16 -31.53 -22.26
CA LYS K 463 7.31 -32.58 -21.71
C LYS K 463 5.83 -32.25 -21.93
N LEU K 464 5.43 -31.00 -21.73
CA LEU K 464 4.04 -30.61 -21.92
C LEU K 464 3.66 -30.67 -23.39
N MET K 465 4.56 -30.26 -24.29
CA MET K 465 4.25 -30.27 -25.72
C MET K 465 4.22 -31.68 -26.28
N GLU K 466 4.91 -32.62 -25.62
CA GLU K 466 4.85 -34.02 -26.05
C GLU K 466 3.44 -34.57 -25.91
N GLN K 467 2.65 -34.03 -25.00
CA GLN K 467 1.28 -34.49 -24.74
C GLN K 467 0.22 -33.60 -25.36
N TYR K 468 0.26 -32.30 -25.06
CA TYR K 468 -0.81 -31.39 -25.47
C TYR K 468 -0.65 -30.85 -26.89
N GLY K 469 0.59 -30.74 -27.38
CA GLY K 469 0.81 -30.25 -28.73
C GLY K 469 0.78 -28.76 -28.93
N THR K 470 -0.19 -28.08 -28.33
CA THR K 470 -0.31 -26.63 -28.42
C THR K 470 -0.58 -26.05 -27.04
N PRO K 471 -0.12 -24.81 -26.78
CA PRO K 471 -0.39 -24.20 -25.47
C PRO K 471 -1.88 -24.03 -25.19
N ASN K 472 -2.71 -23.82 -26.22
CA ASN K 472 -4.14 -23.65 -26.02
C ASN K 472 -4.83 -24.92 -25.54
N ASN K 473 -4.18 -26.08 -25.67
CA ASN K 473 -4.76 -27.34 -25.22
C ASN K 473 -4.41 -27.68 -23.77
N ILE K 474 -3.62 -26.86 -23.11
CA ILE K 474 -3.22 -27.13 -21.73
C ILE K 474 -4.39 -26.84 -20.80
N ASP K 475 -4.70 -27.80 -19.92
CA ASP K 475 -5.75 -27.61 -18.95
C ASP K 475 -5.33 -26.57 -17.91
N ILE K 476 -6.33 -26.00 -17.24
CA ILE K 476 -6.09 -24.86 -16.35
C ILE K 476 -5.21 -25.25 -15.18
N TRP K 477 -5.44 -26.44 -14.59
CA TRP K 477 -4.71 -26.81 -13.38
C TRP K 477 -3.24 -27.04 -13.66
N MET K 478 -2.92 -27.80 -14.72
CA MET K 478 -1.54 -28.09 -15.04
C MET K 478 -0.78 -26.82 -15.40
N GLY K 479 -1.40 -25.95 -16.21
CA GLY K 479 -0.76 -24.70 -16.56
C GLY K 479 -0.54 -23.79 -15.36
N GLY K 480 -1.52 -23.72 -14.46
CA GLY K 480 -1.36 -22.89 -13.29
C GLY K 480 -0.30 -23.41 -12.33
N VAL K 481 -0.27 -24.72 -12.10
CA VAL K 481 0.69 -25.28 -11.16
C VAL K 481 2.10 -25.23 -11.73
N SER K 482 2.26 -25.60 -13.00
CA SER K 482 3.59 -25.68 -13.61
C SER K 482 4.26 -24.32 -13.76
N GLU K 483 3.52 -23.22 -13.63
CA GLU K 483 4.10 -21.90 -13.76
C GLU K 483 5.07 -21.63 -12.61
N PRO K 484 6.11 -20.83 -12.85
CA PRO K 484 7.06 -20.53 -11.77
C PRO K 484 6.42 -19.73 -10.65
N LEU K 485 6.92 -19.95 -9.44
CA LEU K 485 6.37 -19.29 -8.27
C LEU K 485 6.73 -17.80 -8.27
N LYS K 486 5.92 -17.03 -7.55
CA LYS K 486 6.16 -15.60 -7.40
C LYS K 486 7.19 -15.38 -6.30
N ARG K 487 7.38 -14.12 -5.90
CA ARG K 487 8.30 -13.79 -4.82
C ARG K 487 7.57 -13.91 -3.49
N LYS K 488 8.10 -14.76 -2.60
CA LYS K 488 7.48 -15.02 -1.29
C LYS K 488 6.03 -15.48 -1.45
N GLY K 489 5.78 -16.30 -2.46
CA GLY K 489 4.46 -16.85 -2.68
C GLY K 489 4.52 -18.35 -2.96
N ARG K 490 3.41 -18.94 -3.38
CA ARG K 490 3.40 -20.37 -3.65
C ARG K 490 2.62 -20.73 -4.91
N VAL K 491 2.18 -19.75 -5.71
CA VAL K 491 1.40 -20.00 -6.91
C VAL K 491 2.02 -19.22 -8.07
N GLY K 492 1.66 -19.64 -9.28
CA GLY K 492 2.11 -18.96 -10.48
C GLY K 492 1.35 -17.69 -10.72
N PRO K 493 1.84 -16.89 -11.68
CA PRO K 493 1.17 -15.61 -11.97
C PRO K 493 -0.27 -15.75 -12.39
N LEU K 494 -0.61 -16.77 -13.18
CA LEU K 494 -1.99 -16.94 -13.62
C LEU K 494 -2.88 -17.36 -12.45
N LEU K 495 -2.42 -18.32 -11.65
CA LEU K 495 -3.18 -18.71 -10.46
C LEU K 495 -3.30 -17.55 -9.49
N ALA K 496 -2.24 -16.74 -9.35
CA ALA K 496 -2.31 -15.56 -8.50
C ALA K 496 -3.36 -14.59 -9.01
N CYS K 497 -3.39 -14.35 -10.32
CA CYS K 497 -4.38 -13.44 -10.88
C CYS K 497 -5.80 -13.94 -10.61
N ILE K 498 -6.04 -15.23 -10.88
CA ILE K 498 -7.38 -15.78 -10.70
C ILE K 498 -7.81 -15.70 -9.24
N ILE K 499 -6.94 -16.15 -8.33
CA ILE K 499 -7.28 -16.20 -6.91
C ILE K 499 -7.49 -14.79 -6.37
N GLY K 500 -6.61 -13.85 -6.73
CA GLY K 500 -6.76 -12.49 -6.26
C GLY K 500 -8.04 -11.84 -6.76
N THR K 501 -8.36 -12.03 -8.05
CA THR K 501 -9.60 -11.45 -8.58
C THR K 501 -10.82 -12.04 -7.88
N GLN K 502 -10.84 -13.37 -7.70
CA GLN K 502 -12.00 -13.99 -7.06
C GLN K 502 -12.14 -13.54 -5.61
N PHE K 503 -11.04 -13.44 -4.87
CA PHE K 503 -11.13 -13.02 -3.48
C PHE K 503 -11.49 -11.54 -3.37
N ARG K 504 -11.03 -10.70 -4.29
CA ARG K 504 -11.45 -9.31 -4.30
C ARG K 504 -12.95 -9.21 -4.56
N LYS K 505 -13.47 -10.02 -5.49
CA LYS K 505 -14.91 -10.03 -5.73
C LYS K 505 -15.67 -10.51 -4.51
N LEU K 506 -15.15 -11.53 -3.82
CA LEU K 506 -15.81 -12.05 -2.63
C LEU K 506 -15.80 -11.03 -1.49
N ARG K 507 -14.72 -10.26 -1.35
CA ARG K 507 -14.63 -9.30 -0.26
C ARG K 507 -15.47 -8.05 -0.54
N ASP K 508 -15.34 -7.49 -1.74
CA ASP K 508 -16.08 -6.27 -2.06
C ASP K 508 -17.59 -6.52 -2.08
N GLY K 509 -18.01 -7.66 -2.63
CA GLY K 509 -19.42 -7.97 -2.71
C GLY K 509 -20.06 -8.45 -1.44
N ASP K 510 -19.27 -8.64 -0.37
CA ASP K 510 -19.79 -9.14 0.89
C ASP K 510 -20.41 -7.98 1.66
N ARG K 511 -21.75 -8.01 1.80
CA ARG K 511 -22.45 -6.98 2.57
C ARG K 511 -22.27 -7.15 4.07
N PHE K 512 -21.74 -8.30 4.52
CA PHE K 512 -21.51 -8.54 5.94
C PHE K 512 -20.02 -8.67 6.24
N TRP K 513 -19.18 -7.94 5.51
CA TRP K 513 -17.75 -7.94 5.77
C TRP K 513 -17.48 -7.37 7.15
N TRP K 514 -16.47 -7.92 7.83
CA TRP K 514 -16.18 -7.49 9.19
C TRP K 514 -15.74 -6.03 9.25
N GLU K 515 -15.12 -5.52 8.18
CA GLU K 515 -14.73 -4.12 8.13
C GLU K 515 -15.83 -3.20 7.63
N ASN K 516 -16.92 -3.75 7.09
CA ASN K 516 -18.00 -2.93 6.58
C ASN K 516 -18.73 -2.24 7.73
N GLU K 517 -19.07 -0.97 7.52
CA GLU K 517 -19.77 -0.19 8.54
C GLU K 517 -21.17 -0.75 8.77
N GLY K 518 -21.55 -0.84 10.04
CA GLY K 518 -22.88 -1.31 10.38
C GLY K 518 -22.94 -2.77 10.76
N VAL K 519 -22.18 -3.61 10.04
CA VAL K 519 -22.18 -5.05 10.33
C VAL K 519 -21.60 -5.31 11.72
N PHE K 520 -20.48 -4.67 12.04
CA PHE K 520 -19.85 -4.80 13.34
C PHE K 520 -19.73 -3.42 13.97
N SER K 521 -19.80 -3.38 15.30
CA SER K 521 -19.71 -2.11 16.00
C SER K 521 -18.36 -1.46 15.74
N MET K 522 -18.35 -0.14 15.63
CA MET K 522 -17.15 0.62 15.30
C MET K 522 -16.06 0.47 16.35
N GLN K 523 -16.40 0.03 17.57
CA GLN K 523 -15.39 -0.22 18.60
C GLN K 523 -15.00 -1.69 18.69
N GLN K 524 -15.82 -2.61 18.18
CA GLN K 524 -15.52 -4.03 18.30
C GLN K 524 -14.41 -4.49 17.36
N ARG K 525 -14.23 -3.80 16.23
CA ARG K 525 -13.22 -4.23 15.26
C ARG K 525 -11.82 -4.15 15.84
N GLN K 526 -11.55 -3.19 16.72
CA GLN K 526 -10.24 -3.11 17.35
C GLN K 526 -9.95 -4.34 18.20
N ALA K 527 -10.97 -4.85 18.91
CA ALA K 527 -10.79 -6.07 19.68
C ALA K 527 -10.74 -7.31 18.79
N LEU K 528 -11.45 -7.29 17.66
CA LEU K 528 -11.45 -8.44 16.77
C LEU K 528 -10.14 -8.56 15.99
N ALA K 529 -9.45 -7.43 15.76
CA ALA K 529 -8.20 -7.46 15.03
C ALA K 529 -7.07 -8.14 15.80
N GLN K 530 -7.26 -8.41 17.10
CA GLN K 530 -6.23 -9.04 17.92
C GLN K 530 -6.31 -10.56 17.92
N ILE K 531 -7.31 -11.14 17.25
CA ILE K 531 -7.44 -12.60 17.22
C ILE K 531 -6.35 -13.19 16.33
N SER K 532 -5.96 -14.42 16.66
CA SER K 532 -4.91 -15.11 15.93
C SER K 532 -5.09 -16.61 16.14
N LEU K 533 -4.70 -17.38 15.13
CA LEU K 533 -4.97 -18.82 15.15
C LEU K 533 -4.26 -19.55 16.29
N PRO K 534 -2.95 -19.36 16.53
CA PRO K 534 -2.33 -20.07 17.67
C PRO K 534 -2.96 -19.74 19.02
N ARG K 535 -3.38 -18.48 19.23
CA ARG K 535 -4.03 -18.13 20.48
C ARG K 535 -5.33 -18.92 20.66
N ILE K 536 -6.10 -19.06 19.58
CA ILE K 536 -7.39 -19.73 19.70
C ILE K 536 -7.20 -21.24 19.82
N ILE K 537 -6.15 -21.77 19.20
CA ILE K 537 -5.78 -23.16 19.45
C ILE K 537 -5.43 -23.35 20.91
N CYS K 538 -4.68 -22.41 21.50
CA CYS K 538 -4.37 -22.45 22.92
C CYS K 538 -5.65 -22.46 23.75
N ASP K 539 -6.61 -21.62 23.37
CA ASP K 539 -7.84 -21.49 24.15
C ASP K 539 -8.69 -22.77 24.08
N ASN K 540 -8.86 -23.32 22.89
CA ASN K 540 -9.82 -24.40 22.67
C ASN K 540 -9.17 -25.77 22.48
N THR K 541 -7.89 -25.92 22.85
CA THR K 541 -7.21 -27.19 22.72
C THR K 541 -6.19 -27.32 23.85
N GLY K 542 -6.05 -28.54 24.38
CA GLY K 542 -5.27 -28.78 25.59
C GLY K 542 -3.78 -28.52 25.46
N ILE K 543 -3.27 -28.32 24.24
CA ILE K 543 -1.84 -28.07 24.08
C ILE K 543 -1.46 -26.73 24.71
N THR K 544 -0.19 -26.61 25.08
CA THR K 544 0.30 -25.44 25.79
C THR K 544 1.37 -24.65 25.04
N THR K 545 1.95 -25.20 23.99
CA THR K 545 2.96 -24.51 23.19
C THR K 545 2.48 -24.42 21.75
N VAL K 546 2.50 -23.20 21.20
CA VAL K 546 2.01 -22.94 19.85
C VAL K 546 3.04 -22.10 19.11
N SER K 547 2.68 -21.72 17.88
CA SER K 547 3.54 -20.89 17.05
C SER K 547 3.27 -19.41 17.29
N LYS K 548 4.16 -18.57 16.77
CA LYS K 548 4.01 -17.14 16.87
C LYS K 548 3.03 -16.65 15.80
N ASN K 549 3.00 -15.34 15.57
CA ASN K 549 2.10 -14.79 14.57
C ASN K 549 2.46 -15.32 13.19
N ASN K 550 1.45 -15.36 12.31
CA ASN K 550 1.57 -15.96 10.98
C ASN K 550 1.98 -17.44 11.11
N ILE K 551 1.06 -18.21 11.68
CA ILE K 551 1.31 -19.61 12.02
C ILE K 551 1.68 -20.42 10.77
N PHE K 552 1.17 -20.02 9.60
CA PHE K 552 1.45 -20.75 8.38
C PHE K 552 2.92 -20.68 7.96
N MET K 553 3.70 -19.79 8.56
CA MET K 553 5.11 -19.65 8.22
C MET K 553 6.05 -20.39 9.17
N SER K 554 5.76 -20.37 10.46
CA SER K 554 6.63 -21.03 11.44
C SER K 554 6.44 -22.54 11.35
N ASN K 555 7.55 -23.27 11.15
CA ASN K 555 7.48 -24.71 10.98
C ASN K 555 8.65 -25.42 11.67
N SER K 556 9.15 -24.87 12.78
CA SER K 556 10.27 -25.47 13.48
C SER K 556 10.03 -25.38 14.98
N TYR K 557 10.62 -26.33 15.71
CA TYR K 557 10.53 -26.38 17.16
C TYR K 557 11.91 -26.65 17.74
N PRO K 558 12.28 -25.96 18.83
CA PRO K 558 11.56 -24.87 19.49
C PRO K 558 12.10 -23.51 19.10
N ARG K 559 12.52 -23.35 17.84
CA ARG K 559 13.14 -22.10 17.40
C ARG K 559 12.18 -20.93 17.49
N ASP K 560 10.93 -21.13 17.05
CA ASP K 560 9.95 -20.05 16.98
C ASP K 560 8.61 -20.51 17.54
N PHE K 561 8.64 -21.16 18.70
CA PHE K 561 7.43 -21.60 19.38
C PHE K 561 7.37 -20.97 20.77
N VAL K 562 6.18 -20.50 21.16
CA VAL K 562 5.98 -19.78 22.40
C VAL K 562 4.83 -20.40 23.17
N ASN K 563 4.78 -20.08 24.47
CA ASN K 563 3.77 -20.63 25.37
C ASN K 563 2.43 -19.96 25.13
N CYS K 564 1.39 -20.53 25.75
CA CYS K 564 0.03 -20.04 25.58
C CYS K 564 -0.17 -18.67 26.23
N SER K 565 0.48 -18.43 27.37
CA SER K 565 0.20 -17.21 28.14
C SER K 565 0.64 -15.95 27.41
N THR K 566 1.67 -16.06 26.56
CA THR K 566 2.18 -14.87 25.88
C THR K 566 1.13 -14.27 24.95
N LEU K 567 0.41 -15.11 24.22
CA LEU K 567 -0.57 -14.62 23.26
C LEU K 567 -1.71 -13.90 23.99
N PRO K 568 -2.16 -12.75 23.48
CA PRO K 568 -3.26 -12.03 24.12
C PRO K 568 -4.61 -12.68 23.81
N ALA K 569 -5.43 -12.86 24.84
CA ALA K 569 -6.74 -13.46 24.66
C ALA K 569 -7.69 -12.47 23.98
N LEU K 570 -8.72 -13.02 23.34
CA LEU K 570 -9.74 -12.20 22.72
C LEU K 570 -10.57 -11.51 23.78
N ASN K 571 -10.75 -10.20 23.63
CA ASN K 571 -11.51 -9.40 24.59
C ASN K 571 -12.94 -9.24 24.09
N LEU K 572 -13.90 -9.72 24.86
CA LEU K 572 -15.31 -9.66 24.50
C LEU K 572 -16.09 -8.66 25.35
N ALA K 573 -15.40 -7.75 26.04
CA ALA K 573 -16.08 -6.78 26.89
C ALA K 573 -16.95 -5.82 26.11
N SER K 574 -16.71 -5.67 24.81
CA SER K 574 -17.51 -4.76 23.99
C SER K 574 -18.84 -5.35 23.57
N TRP K 575 -19.08 -6.64 23.84
CA TRP K 575 -20.33 -7.29 23.51
C TRP K 575 -21.33 -7.29 24.68
N ARG K 576 -20.99 -6.64 25.79
CA ARG K 576 -21.89 -6.60 26.93
C ARG K 576 -23.21 -5.92 26.59
N GLU K 577 -23.14 -4.80 25.87
CA GLU K 577 -24.33 -4.05 25.44
C GLU K 577 -25.22 -3.67 26.61
#